data_1NE8
# 
_entry.id   1NE8 
# 
_audit_conform.dict_name       mmcif_pdbx.dic 
_audit_conform.dict_version    5.386 
_audit_conform.dict_location   http://mmcif.pdb.org/dictionaries/ascii/mmcif_pdbx.dic 
# 
loop_
_database_2.database_id 
_database_2.database_code 
_database_2.pdbx_database_accession 
_database_2.pdbx_DOI 
PDB   1NE8         pdb_00001ne8 10.2210/pdb1ne8/pdb 
RCSB  RCSB017801   ?            ?                   
WWPDB D_1000017801 ?            ?                   
# 
loop_
_pdbx_audit_revision_history.ordinal 
_pdbx_audit_revision_history.data_content_type 
_pdbx_audit_revision_history.major_revision 
_pdbx_audit_revision_history.minor_revision 
_pdbx_audit_revision_history.revision_date 
1 'Structure model' 1 0 2003-01-14 
2 'Structure model' 1 1 2008-04-28 
3 'Structure model' 1 2 2011-07-13 
4 'Structure model' 1 3 2017-10-11 
5 'Structure model' 1 4 2021-02-03 
6 'Structure model' 1 5 2024-02-14 
# 
_pdbx_audit_revision_details.ordinal             1 
_pdbx_audit_revision_details.revision_ordinal    1 
_pdbx_audit_revision_details.data_content_type   'Structure model' 
_pdbx_audit_revision_details.provider            repository 
_pdbx_audit_revision_details.type                'Initial release' 
_pdbx_audit_revision_details.description         ? 
_pdbx_audit_revision_details.details             ? 
# 
loop_
_pdbx_audit_revision_group.ordinal 
_pdbx_audit_revision_group.revision_ordinal 
_pdbx_audit_revision_group.data_content_type 
_pdbx_audit_revision_group.group 
1 2 'Structure model' 'Version format compliance' 
2 3 'Structure model' 'Version format compliance' 
3 4 'Structure model' 'Refinement description'    
4 5 'Structure model' 'Database references'       
5 5 'Structure model' 'Derived calculations'      
6 5 'Structure model' 'Structure summary'         
7 6 'Structure model' 'Data collection'           
8 6 'Structure model' 'Database references'       
# 
loop_
_pdbx_audit_revision_category.ordinal 
_pdbx_audit_revision_category.revision_ordinal 
_pdbx_audit_revision_category.data_content_type 
_pdbx_audit_revision_category.category 
1 4 'Structure model' software           
2 5 'Structure model' audit_author       
3 5 'Structure model' struct_ref_seq_dif 
4 5 'Structure model' struct_site        
5 6 'Structure model' chem_comp_atom     
6 6 'Structure model' chem_comp_bond     
7 6 'Structure model' database_2         
# 
loop_
_pdbx_audit_revision_item.ordinal 
_pdbx_audit_revision_item.revision_ordinal 
_pdbx_audit_revision_item.data_content_type 
_pdbx_audit_revision_item.item 
1 5 'Structure model' '_audit_author.identifier_ORCID'      
2 5 'Structure model' '_struct_ref_seq_dif.details'         
3 5 'Structure model' '_struct_site.pdbx_auth_asym_id'      
4 5 'Structure model' '_struct_site.pdbx_auth_comp_id'      
5 5 'Structure model' '_struct_site.pdbx_auth_seq_id'       
6 6 'Structure model' '_database_2.pdbx_DOI'                
7 6 'Structure model' '_database_2.pdbx_database_accession' 
# 
_pdbx_database_status.status_code                     REL 
_pdbx_database_status.entry_id                        1NE8 
_pdbx_database_status.recvd_initial_deposition_date   2002-12-10 
_pdbx_database_status.deposit_site                    RCSB 
_pdbx_database_status.process_site                    RCSB 
_pdbx_database_status.SG_entry                        Y 
_pdbx_database_status.status_code_sf                  REL 
_pdbx_database_status.pdb_format_compatible           Y 
_pdbx_database_status.status_code_mr                  ? 
_pdbx_database_status.status_code_cs                  ? 
_pdbx_database_status.methods_development_category    ? 
_pdbx_database_status.status_code_nmr_data            ? 
# 
_pdbx_database_related.db_name        TargetDB 
_pdbx_database_related.db_id          NYSGXRC-T503 
_pdbx_database_related.details        . 
_pdbx_database_related.content_type   unspecified 
# 
loop_
_audit_author.name 
_audit_author.pdbx_ordinal 
_audit_author.identifier_ORCID 
'Gogos, A.'                                                      1 ?                   
'Mu, H.'                                                         2 ?                   
'Bahna, F.'                                                      3 ?                   
'Gomez, C.A.'                                                    4 ?                   
'Shapiro, L.'                                                    5 ?                   
'Burley, S.K.'                                                   6 0000-0002-2487-9713 
'New York SGX Research Center for Structural Genomics (NYSGXRC)' 7 ?                   
# 
_citation.id                        primary 
_citation.title                     'Crystal structure of YdcE protein from Bacillus subtilis' 
_citation.journal_abbrev            'PROTEINS: STRUCT.,FUNCT.,GENET.' 
_citation.journal_volume            53 
_citation.page_first                320 
_citation.page_last                 322 
_citation.year                      2003 
_citation.journal_id_ASTM           PSFGEY 
_citation.country                   US 
_citation.journal_id_ISSN           0887-3585 
_citation.journal_id_CSD            0867 
_citation.book_publisher            ? 
_citation.pdbx_database_id_PubMed   14517982 
_citation.pdbx_database_id_DOI      10.1002/prot.10457 
# 
loop_
_citation_author.citation_id 
_citation_author.name 
_citation_author.ordinal 
_citation_author.identifier_ORCID 
primary 'Gogos, A.'   1 ? 
primary 'Mu, H.'      2 ? 
primary 'Bahna, F.'   3 ? 
primary 'Gomez, C.A.' 4 ? 
primary 'Shapiro, L.' 5 ? 
# 
loop_
_entity.id 
_entity.type 
_entity.src_method 
_entity.pdbx_description 
_entity.formula_weight 
_entity.pdbx_number_of_molecules 
_entity.pdbx_ec 
_entity.pdbx_mutation 
_entity.pdbx_fragment 
_entity.details 
1 polymer     man 'conserved hypothetical protein YDCE'                           13062.981 1   ? ? ? ? 
2 non-polymer syn '2-(2-{2-[2-(2-METHOXY-ETHOXY)-ETHOXY]-ETHOXY}-ETHOXY)-ETHANOL' 252.305   2   ? ? ? ? 
3 non-polymer syn 'ACETIC ACID'                                                   60.052    2   ? ? ? ? 
4 water       nat water                                                           18.015    100 ? ? ? ? 
# 
_entity_poly.entity_id                      1 
_entity_poly.type                           'polypeptide(L)' 
_entity_poly.nstd_linkage                   no 
_entity_poly.nstd_monomer                   no 
_entity_poly.pdbx_seq_one_letter_code       
;SLIVKRGDVYFADLSPVVGSEQGGVRPVLVIQNDIGNRFSPTAIVAAITAQIQKAKLPTHVEIDAKRYGFERDSVILLEQ
IRTIDKQRLTDKITHLDDEMMDKVDEALQISLALIDF
;
_entity_poly.pdbx_seq_one_letter_code_can   
;SLIVKRGDVYFADLSPVVGSEQGGVRPVLVIQNDIGNRFSPTAIVAAITAQIQKAKLPTHVEIDAKRYGFERDSVILLEQ
IRTIDKQRLTDKITHLDDEMMDKVDEALQISLALIDF
;
_entity_poly.pdbx_strand_id                 A 
_entity_poly.pdbx_target_identifier         NYSGXRC-T503 
# 
loop_
_pdbx_entity_nonpoly.entity_id 
_pdbx_entity_nonpoly.name 
_pdbx_entity_nonpoly.comp_id 
2 '2-(2-{2-[2-(2-METHOXY-ETHOXY)-ETHOXY]-ETHOXY}-ETHOXY)-ETHANOL' 1PG 
3 'ACETIC ACID'                                                   ACY 
4 water                                                           HOH 
# 
loop_
_entity_poly_seq.entity_id 
_entity_poly_seq.num 
_entity_poly_seq.mon_id 
_entity_poly_seq.hetero 
1 1   SER n 
1 2   LEU n 
1 3   ILE n 
1 4   VAL n 
1 5   LYS n 
1 6   ARG n 
1 7   GLY n 
1 8   ASP n 
1 9   VAL n 
1 10  TYR n 
1 11  PHE n 
1 12  ALA n 
1 13  ASP n 
1 14  LEU n 
1 15  SER n 
1 16  PRO n 
1 17  VAL n 
1 18  VAL n 
1 19  GLY n 
1 20  SER n 
1 21  GLU n 
1 22  GLN n 
1 23  GLY n 
1 24  GLY n 
1 25  VAL n 
1 26  ARG n 
1 27  PRO n 
1 28  VAL n 
1 29  LEU n 
1 30  VAL n 
1 31  ILE n 
1 32  GLN n 
1 33  ASN n 
1 34  ASP n 
1 35  ILE n 
1 36  GLY n 
1 37  ASN n 
1 38  ARG n 
1 39  PHE n 
1 40  SER n 
1 41  PRO n 
1 42  THR n 
1 43  ALA n 
1 44  ILE n 
1 45  VAL n 
1 46  ALA n 
1 47  ALA n 
1 48  ILE n 
1 49  THR n 
1 50  ALA n 
1 51  GLN n 
1 52  ILE n 
1 53  GLN n 
1 54  LYS n 
1 55  ALA n 
1 56  LYS n 
1 57  LEU n 
1 58  PRO n 
1 59  THR n 
1 60  HIS n 
1 61  VAL n 
1 62  GLU n 
1 63  ILE n 
1 64  ASP n 
1 65  ALA n 
1 66  LYS n 
1 67  ARG n 
1 68  TYR n 
1 69  GLY n 
1 70  PHE n 
1 71  GLU n 
1 72  ARG n 
1 73  ASP n 
1 74  SER n 
1 75  VAL n 
1 76  ILE n 
1 77  LEU n 
1 78  LEU n 
1 79  GLU n 
1 80  GLN n 
1 81  ILE n 
1 82  ARG n 
1 83  THR n 
1 84  ILE n 
1 85  ASP n 
1 86  LYS n 
1 87  GLN n 
1 88  ARG n 
1 89  LEU n 
1 90  THR n 
1 91  ASP n 
1 92  LYS n 
1 93  ILE n 
1 94  THR n 
1 95  HIS n 
1 96  LEU n 
1 97  ASP n 
1 98  ASP n 
1 99  GLU n 
1 100 MET n 
1 101 MET n 
1 102 ASP n 
1 103 LYS n 
1 104 VAL n 
1 105 ASP n 
1 106 GLU n 
1 107 ALA n 
1 108 LEU n 
1 109 GLN n 
1 110 ILE n 
1 111 SER n 
1 112 LEU n 
1 113 ALA n 
1 114 LEU n 
1 115 ILE n 
1 116 ASP n 
1 117 PHE n 
# 
_entity_src_gen.entity_id                          1 
_entity_src_gen.pdbx_src_id                        1 
_entity_src_gen.pdbx_alt_source_flag               sample 
_entity_src_gen.pdbx_seq_type                      ? 
_entity_src_gen.pdbx_beg_seq_num                   ? 
_entity_src_gen.pdbx_end_seq_num                   ? 
_entity_src_gen.gene_src_common_name               ? 
_entity_src_gen.gene_src_genus                     Bacillus 
_entity_src_gen.pdbx_gene_src_gene                 ydcE 
_entity_src_gen.gene_src_species                   ? 
_entity_src_gen.gene_src_strain                    ? 
_entity_src_gen.gene_src_tissue                    ? 
_entity_src_gen.gene_src_tissue_fraction           ? 
_entity_src_gen.gene_src_details                   ? 
_entity_src_gen.pdbx_gene_src_fragment             ? 
_entity_src_gen.pdbx_gene_src_scientific_name      'Bacillus subtilis' 
_entity_src_gen.pdbx_gene_src_ncbi_taxonomy_id     1423 
_entity_src_gen.pdbx_gene_src_variant              ? 
_entity_src_gen.pdbx_gene_src_cell_line            ? 
_entity_src_gen.pdbx_gene_src_atcc                 ? 
_entity_src_gen.pdbx_gene_src_organ                ? 
_entity_src_gen.pdbx_gene_src_organelle            ? 
_entity_src_gen.pdbx_gene_src_cell                 ? 
_entity_src_gen.pdbx_gene_src_cellular_location    ? 
_entity_src_gen.host_org_common_name               ? 
_entity_src_gen.pdbx_host_org_scientific_name      'Escherichia coli BL21' 
_entity_src_gen.pdbx_host_org_ncbi_taxonomy_id     511693 
_entity_src_gen.host_org_genus                     Escherichia 
_entity_src_gen.pdbx_host_org_gene                 ? 
_entity_src_gen.pdbx_host_org_organ                ? 
_entity_src_gen.host_org_species                   'Escherichia coli' 
_entity_src_gen.pdbx_host_org_tissue               ? 
_entity_src_gen.pdbx_host_org_tissue_fraction      ? 
_entity_src_gen.pdbx_host_org_strain               BL21 
_entity_src_gen.pdbx_host_org_variant              ? 
_entity_src_gen.pdbx_host_org_cell_line            ? 
_entity_src_gen.pdbx_host_org_atcc                 ? 
_entity_src_gen.pdbx_host_org_culture_collection   ? 
_entity_src_gen.pdbx_host_org_cell                 ? 
_entity_src_gen.pdbx_host_org_organelle            ? 
_entity_src_gen.pdbx_host_org_cellular_location    ? 
_entity_src_gen.pdbx_host_org_vector_type          plasmid 
_entity_src_gen.pdbx_host_org_vector               ? 
_entity_src_gen.host_org_details                   ? 
_entity_src_gen.expression_system_id               ? 
_entity_src_gen.plasmid_name                       pSMT3 
_entity_src_gen.plasmid_details                    ? 
_entity_src_gen.pdbx_description                   ? 
# 
loop_
_chem_comp.id 
_chem_comp.type 
_chem_comp.mon_nstd_flag 
_chem_comp.name 
_chem_comp.pdbx_synonyms 
_chem_comp.formula 
_chem_comp.formula_weight 
1PG non-polymer         . '2-(2-{2-[2-(2-METHOXY-ETHOXY)-ETHOXY]-ETHOXY}-ETHOXY)-ETHANOL' ? 'C11 H24 O6'     252.305 
ACY non-polymer         . 'ACETIC ACID'                                                   ? 'C2 H4 O2'       60.052  
ALA 'L-peptide linking' y ALANINE                                                         ? 'C3 H7 N O2'     89.093  
ARG 'L-peptide linking' y ARGININE                                                        ? 'C6 H15 N4 O2 1' 175.209 
ASN 'L-peptide linking' y ASPARAGINE                                                      ? 'C4 H8 N2 O3'    132.118 
ASP 'L-peptide linking' y 'ASPARTIC ACID'                                                 ? 'C4 H7 N O4'     133.103 
GLN 'L-peptide linking' y GLUTAMINE                                                       ? 'C5 H10 N2 O3'   146.144 
GLU 'L-peptide linking' y 'GLUTAMIC ACID'                                                 ? 'C5 H9 N O4'     147.129 
GLY 'peptide linking'   y GLYCINE                                                         ? 'C2 H5 N O2'     75.067  
HIS 'L-peptide linking' y HISTIDINE                                                       ? 'C6 H10 N3 O2 1' 156.162 
HOH non-polymer         . WATER                                                           ? 'H2 O'           18.015  
ILE 'L-peptide linking' y ISOLEUCINE                                                      ? 'C6 H13 N O2'    131.173 
LEU 'L-peptide linking' y LEUCINE                                                         ? 'C6 H13 N O2'    131.173 
LYS 'L-peptide linking' y LYSINE                                                          ? 'C6 H15 N2 O2 1' 147.195 
MET 'L-peptide linking' y METHIONINE                                                      ? 'C5 H11 N O2 S'  149.211 
PHE 'L-peptide linking' y PHENYLALANINE                                                   ? 'C9 H11 N O2'    165.189 
PRO 'L-peptide linking' y PROLINE                                                         ? 'C5 H9 N O2'     115.130 
SER 'L-peptide linking' y SERINE                                                          ? 'C3 H7 N O3'     105.093 
THR 'L-peptide linking' y THREONINE                                                       ? 'C4 H9 N O3'     119.119 
TYR 'L-peptide linking' y TYROSINE                                                        ? 'C9 H11 N O3'    181.189 
VAL 'L-peptide linking' y VALINE                                                          ? 'C5 H11 N O2'    117.146 
# 
loop_
_pdbx_poly_seq_scheme.asym_id 
_pdbx_poly_seq_scheme.entity_id 
_pdbx_poly_seq_scheme.seq_id 
_pdbx_poly_seq_scheme.mon_id 
_pdbx_poly_seq_scheme.ndb_seq_num 
_pdbx_poly_seq_scheme.pdb_seq_num 
_pdbx_poly_seq_scheme.auth_seq_num 
_pdbx_poly_seq_scheme.pdb_mon_id 
_pdbx_poly_seq_scheme.auth_mon_id 
_pdbx_poly_seq_scheme.pdb_strand_id 
_pdbx_poly_seq_scheme.pdb_ins_code 
_pdbx_poly_seq_scheme.hetero 
A 1 1   SER 1   0   ?   ?   ?   A . n 
A 1 2   LEU 2   1   1   LEU LEU A . n 
A 1 3   ILE 3   2   2   ILE ILE A . n 
A 1 4   VAL 4   3   3   VAL VAL A . n 
A 1 5   LYS 5   4   4   LYS LYS A . n 
A 1 6   ARG 6   5   5   ARG ARG A . n 
A 1 7   GLY 7   6   6   GLY GLY A . n 
A 1 8   ASP 8   7   7   ASP ASP A . n 
A 1 9   VAL 9   8   8   VAL VAL A . n 
A 1 10  TYR 10  9   9   TYR TYR A . n 
A 1 11  PHE 11  10  10  PHE PHE A . n 
A 1 12  ALA 12  11  11  ALA ALA A . n 
A 1 13  ASP 13  12  12  ASP ASP A . n 
A 1 14  LEU 14  13  13  LEU LEU A . n 
A 1 15  SER 15  14  14  SER SER A . n 
A 1 16  PRO 16  15  15  PRO PRO A . n 
A 1 17  VAL 17  16  16  VAL VAL A . n 
A 1 18  VAL 18  17  17  VAL VAL A . n 
A 1 19  GLY 19  18  18  GLY GLY A . n 
A 1 20  SER 20  19  19  SER SER A . n 
A 1 21  GLU 21  20  20  GLU GLU A . n 
A 1 22  GLN 22  21  21  GLN GLN A . n 
A 1 23  GLY 23  22  22  GLY GLY A . n 
A 1 24  GLY 24  23  23  GLY GLY A . n 
A 1 25  VAL 25  24  24  VAL VAL A . n 
A 1 26  ARG 26  25  25  ARG ARG A . n 
A 1 27  PRO 27  26  26  PRO PRO A . n 
A 1 28  VAL 28  27  27  VAL VAL A . n 
A 1 29  LEU 29  28  28  LEU LEU A . n 
A 1 30  VAL 30  29  29  VAL VAL A . n 
A 1 31  ILE 31  30  30  ILE ILE A . n 
A 1 32  GLN 32  31  31  GLN GLN A . n 
A 1 33  ASN 33  32  32  ASN ASN A . n 
A 1 34  ASP 34  33  33  ASP ASP A . n 
A 1 35  ILE 35  34  34  ILE ILE A . n 
A 1 36  GLY 36  35  35  GLY GLY A . n 
A 1 37  ASN 37  36  36  ASN ASN A . n 
A 1 38  ARG 38  37  37  ARG ARG A . n 
A 1 39  PHE 39  38  38  PHE PHE A . n 
A 1 40  SER 40  39  39  SER SER A . n 
A 1 41  PRO 41  40  40  PRO PRO A . n 
A 1 42  THR 42  41  41  THR THR A . n 
A 1 43  ALA 43  42  42  ALA ALA A . n 
A 1 44  ILE 44  43  43  ILE ILE A . n 
A 1 45  VAL 45  44  44  VAL VAL A . n 
A 1 46  ALA 46  45  45  ALA ALA A . n 
A 1 47  ALA 47  46  46  ALA ALA A . n 
A 1 48  ILE 48  47  47  ILE ILE A . n 
A 1 49  THR 49  48  48  THR THR A . n 
A 1 50  ALA 50  49  49  ALA ALA A . n 
A 1 51  GLN 51  50  50  GLN GLN A . n 
A 1 52  ILE 52  51  51  ILE ILE A . n 
A 1 53  GLN 53  52  52  GLN GLN A . n 
A 1 54  LYS 54  53  53  LYS LYS A . n 
A 1 55  ALA 55  54  54  ALA ALA A . n 
A 1 56  LYS 56  55  55  LYS LYS A . n 
A 1 57  LEU 57  56  56  LEU LEU A . n 
A 1 58  PRO 58  57  57  PRO PRO A . n 
A 1 59  THR 59  58  58  THR THR A . n 
A 1 60  HIS 60  59  59  HIS HIS A . n 
A 1 61  VAL 61  60  60  VAL VAL A . n 
A 1 62  GLU 62  61  61  GLU GLU A . n 
A 1 63  ILE 63  62  62  ILE ILE A . n 
A 1 64  ASP 64  63  63  ASP ASP A . n 
A 1 65  ALA 65  64  64  ALA ALA A . n 
A 1 66  LYS 66  65  65  LYS LYS A . n 
A 1 67  ARG 67  66  66  ARG ARG A . n 
A 1 68  TYR 68  67  67  TYR TYR A . n 
A 1 69  GLY 69  68  68  GLY GLY A . n 
A 1 70  PHE 70  69  69  PHE PHE A . n 
A 1 71  GLU 71  70  70  GLU GLU A . n 
A 1 72  ARG 72  71  71  ARG ARG A . n 
A 1 73  ASP 73  72  72  ASP ASP A . n 
A 1 74  SER 74  73  73  SER SER A . n 
A 1 75  VAL 75  74  74  VAL VAL A . n 
A 1 76  ILE 76  75  75  ILE ILE A . n 
A 1 77  LEU 77  76  76  LEU LEU A . n 
A 1 78  LEU 78  77  77  LEU LEU A . n 
A 1 79  GLU 79  78  78  GLU GLU A . n 
A 1 80  GLN 80  79  79  GLN GLN A . n 
A 1 81  ILE 81  80  80  ILE ILE A . n 
A 1 82  ARG 82  81  81  ARG ARG A . n 
A 1 83  THR 83  82  82  THR THR A . n 
A 1 84  ILE 84  83  83  ILE ILE A . n 
A 1 85  ASP 85  84  84  ASP ASP A . n 
A 1 86  LYS 86  85  85  LYS LYS A . n 
A 1 87  GLN 87  86  86  GLN GLN A . n 
A 1 88  ARG 88  87  87  ARG ARG A . n 
A 1 89  LEU 89  88  88  LEU LEU A . n 
A 1 90  THR 90  89  89  THR THR A . n 
A 1 91  ASP 91  90  90  ASP ASP A . n 
A 1 92  LYS 92  91  91  LYS LYS A . n 
A 1 93  ILE 93  92  92  ILE ILE A . n 
A 1 94  THR 94  93  93  THR THR A . n 
A 1 95  HIS 95  94  94  HIS HIS A . n 
A 1 96  LEU 96  95  95  LEU LEU A . n 
A 1 97  ASP 97  96  96  ASP ASP A . n 
A 1 98  ASP 98  97  97  ASP ASP A . n 
A 1 99  GLU 99  98  98  GLU GLU A . n 
A 1 100 MET 100 99  99  MET MET A . n 
A 1 101 MET 101 100 100 MET MET A . n 
A 1 102 ASP 102 101 101 ASP ASP A . n 
A 1 103 LYS 103 102 102 LYS LYS A . n 
A 1 104 VAL 104 103 103 VAL VAL A . n 
A 1 105 ASP 105 104 104 ASP ASP A . n 
A 1 106 GLU 106 105 105 GLU GLU A . n 
A 1 107 ALA 107 106 106 ALA ALA A . n 
A 1 108 LEU 108 107 107 LEU LEU A . n 
A 1 109 GLN 109 108 108 GLN GLN A . n 
A 1 110 ILE 110 109 109 ILE ILE A . n 
A 1 111 SER 111 110 110 SER SER A . n 
A 1 112 LEU 112 111 111 LEU LEU A . n 
A 1 113 ALA 113 112 112 ALA ALA A . n 
A 1 114 LEU 114 113 113 LEU LEU A . n 
A 1 115 ILE 115 114 114 ILE ILE A . n 
A 1 116 ASP 116 115 115 ASP ASP A . n 
A 1 117 PHE 117 116 116 PHE PHE A . n 
# 
loop_
_pdbx_nonpoly_scheme.asym_id 
_pdbx_nonpoly_scheme.entity_id 
_pdbx_nonpoly_scheme.mon_id 
_pdbx_nonpoly_scheme.ndb_seq_num 
_pdbx_nonpoly_scheme.pdb_seq_num 
_pdbx_nonpoly_scheme.auth_seq_num 
_pdbx_nonpoly_scheme.pdb_mon_id 
_pdbx_nonpoly_scheme.auth_mon_id 
_pdbx_nonpoly_scheme.pdb_strand_id 
_pdbx_nonpoly_scheme.pdb_ins_code 
B 2 1PG 1   501 501 1PG 1PG A . 
C 2 1PG 1   503 503 1PG 1PG A . 
D 3 ACY 1   502 502 ACY ACY A . 
E 3 ACY 1   504 504 ACY ACY A . 
F 4 HOH 1   505 1   HOH HOH A . 
F 4 HOH 2   506 2   HOH HOH A . 
F 4 HOH 3   507 3   HOH HOH A . 
F 4 HOH 4   508 4   HOH HOH A . 
F 4 HOH 5   509 5   HOH HOH A . 
F 4 HOH 6   510 6   HOH HOH A . 
F 4 HOH 7   511 7   HOH HOH A . 
F 4 HOH 8   512 8   HOH HOH A . 
F 4 HOH 9   513 9   HOH HOH A . 
F 4 HOH 10  514 10  HOH HOH A . 
F 4 HOH 11  515 11  HOH HOH A . 
F 4 HOH 12  516 12  HOH HOH A . 
F 4 HOH 13  517 13  HOH HOH A . 
F 4 HOH 14  518 14  HOH HOH A . 
F 4 HOH 15  519 15  HOH HOH A . 
F 4 HOH 16  520 16  HOH HOH A . 
F 4 HOH 17  521 17  HOH HOH A . 
F 4 HOH 18  522 18  HOH HOH A . 
F 4 HOH 19  523 19  HOH HOH A . 
F 4 HOH 20  524 20  HOH HOH A . 
F 4 HOH 21  525 21  HOH HOH A . 
F 4 HOH 22  526 22  HOH HOH A . 
F 4 HOH 23  527 23  HOH HOH A . 
F 4 HOH 24  528 24  HOH HOH A . 
F 4 HOH 25  529 25  HOH HOH A . 
F 4 HOH 26  530 26  HOH HOH A . 
F 4 HOH 27  531 27  HOH HOH A . 
F 4 HOH 28  532 28  HOH HOH A . 
F 4 HOH 29  533 29  HOH HOH A . 
F 4 HOH 30  534 30  HOH HOH A . 
F 4 HOH 31  535 31  HOH HOH A . 
F 4 HOH 32  536 32  HOH HOH A . 
F 4 HOH 33  537 33  HOH HOH A . 
F 4 HOH 34  538 34  HOH HOH A . 
F 4 HOH 35  539 35  HOH HOH A . 
F 4 HOH 36  540 36  HOH HOH A . 
F 4 HOH 37  541 37  HOH HOH A . 
F 4 HOH 38  542 38  HOH HOH A . 
F 4 HOH 39  543 39  HOH HOH A . 
F 4 HOH 40  544 40  HOH HOH A . 
F 4 HOH 41  545 41  HOH HOH A . 
F 4 HOH 42  546 42  HOH HOH A . 
F 4 HOH 43  547 43  HOH HOH A . 
F 4 HOH 44  548 44  HOH HOH A . 
F 4 HOH 45  549 45  HOH HOH A . 
F 4 HOH 46  550 46  HOH HOH A . 
F 4 HOH 47  551 47  HOH HOH A . 
F 4 HOH 48  552 48  HOH HOH A . 
F 4 HOH 49  553 49  HOH HOH A . 
F 4 HOH 50  554 50  HOH HOH A . 
F 4 HOH 51  555 51  HOH HOH A . 
F 4 HOH 52  556 52  HOH HOH A . 
F 4 HOH 53  557 53  HOH HOH A . 
F 4 HOH 54  558 54  HOH HOH A . 
F 4 HOH 55  559 55  HOH HOH A . 
F 4 HOH 56  560 56  HOH HOH A . 
F 4 HOH 57  561 57  HOH HOH A . 
F 4 HOH 58  562 58  HOH HOH A . 
F 4 HOH 59  563 59  HOH HOH A . 
F 4 HOH 60  564 60  HOH HOH A . 
F 4 HOH 61  565 61  HOH HOH A . 
F 4 HOH 62  566 62  HOH HOH A . 
F 4 HOH 63  567 63  HOH HOH A . 
F 4 HOH 64  568 64  HOH HOH A . 
F 4 HOH 65  569 65  HOH HOH A . 
F 4 HOH 66  570 66  HOH HOH A . 
F 4 HOH 67  571 67  HOH HOH A . 
F 4 HOH 68  572 68  HOH HOH A . 
F 4 HOH 69  573 69  HOH HOH A . 
F 4 HOH 70  574 70  HOH HOH A . 
F 4 HOH 71  575 71  HOH HOH A . 
F 4 HOH 72  576 72  HOH HOH A . 
F 4 HOH 73  577 73  HOH HOH A . 
F 4 HOH 74  578 74  HOH HOH A . 
F 4 HOH 75  579 75  HOH HOH A . 
F 4 HOH 76  580 76  HOH HOH A . 
F 4 HOH 77  581 77  HOH HOH A . 
F 4 HOH 78  582 78  HOH HOH A . 
F 4 HOH 79  583 79  HOH HOH A . 
F 4 HOH 80  584 80  HOH HOH A . 
F 4 HOH 81  585 81  HOH HOH A . 
F 4 HOH 82  586 82  HOH HOH A . 
F 4 HOH 83  587 83  HOH HOH A . 
F 4 HOH 84  588 84  HOH HOH A . 
F 4 HOH 85  589 85  HOH HOH A . 
F 4 HOH 86  590 86  HOH HOH A . 
F 4 HOH 87  591 87  HOH HOH A . 
F 4 HOH 88  592 88  HOH HOH A . 
F 4 HOH 89  593 89  HOH HOH A . 
F 4 HOH 90  594 90  HOH HOH A . 
F 4 HOH 91  595 91  HOH HOH A . 
F 4 HOH 92  596 92  HOH HOH A . 
F 4 HOH 93  597 93  HOH HOH A . 
F 4 HOH 94  598 94  HOH HOH A . 
F 4 HOH 95  599 95  HOH HOH A . 
F 4 HOH 96  600 96  HOH HOH A . 
F 4 HOH 97  601 97  HOH HOH A . 
F 4 HOH 98  602 98  HOH HOH A . 
F 4 HOH 99  603 99  HOH HOH A . 
F 4 HOH 100 604 100 HOH HOH A . 
# 
loop_
_pdbx_unobs_or_zero_occ_atoms.id 
_pdbx_unobs_or_zero_occ_atoms.PDB_model_num 
_pdbx_unobs_or_zero_occ_atoms.polymer_flag 
_pdbx_unobs_or_zero_occ_atoms.occupancy_flag 
_pdbx_unobs_or_zero_occ_atoms.auth_asym_id 
_pdbx_unobs_or_zero_occ_atoms.auth_comp_id 
_pdbx_unobs_or_zero_occ_atoms.auth_seq_id 
_pdbx_unobs_or_zero_occ_atoms.PDB_ins_code 
_pdbx_unobs_or_zero_occ_atoms.auth_atom_id 
_pdbx_unobs_or_zero_occ_atoms.label_alt_id 
_pdbx_unobs_or_zero_occ_atoms.label_asym_id 
_pdbx_unobs_or_zero_occ_atoms.label_comp_id 
_pdbx_unobs_or_zero_occ_atoms.label_seq_id 
_pdbx_unobs_or_zero_occ_atoms.label_atom_id 
1  1 Y 1 A LYS 53  ? CD  ? A LYS 54 CD  
2  1 Y 1 A LYS 53  ? CE  ? A LYS 54 CE  
3  1 Y 1 A LYS 53  ? NZ  ? A LYS 54 NZ  
4  1 Y 1 A LYS 65  ? CG  ? A LYS 66 CG  
5  1 Y 1 A LYS 65  ? CD  ? A LYS 66 CD  
6  1 Y 1 A LYS 65  ? CE  ? A LYS 66 CE  
7  1 Y 1 A LYS 65  ? NZ  ? A LYS 66 NZ  
8  1 Y 1 A ARG 66  ? CZ  ? A ARG 67 CZ  
9  1 Y 1 A ARG 66  ? NH1 ? A ARG 67 NH1 
10 1 Y 1 A ARG 66  ? NH2 ? A ARG 67 NH2 
11 1 N 1 A 1PG 503 ? C1  ? C 1PG 1  C1  
12 1 N 1 A 1PG 503 ? C8  ? C 1PG 1  C8  
13 1 N 1 A 1PG 503 ? C9  ? C 1PG 1  C9  
14 1 N 1 A 1PG 503 ? O5  ? C 1PG 1  O5  
15 1 N 1 A 1PG 503 ? C10 ? C 1PG 1  C10 
16 1 N 1 A 1PG 503 ? C11 ? C 1PG 1  C11 
17 1 N 1 A 1PG 503 ? O6  ? C 1PG 1  O6  
# 
loop_
_software.name 
_software.classification 
_software.version 
_software.citation_id 
_software.pdbx_ordinal 
MAR345    'data collection' . ? 1 
SCALEPACK 'data scaling'    . ? 2 
SOLVE     phasing           . ? 3 
RESOLVE   'model building'  . ? 4 
REFMAC    refinement        . ? 5 
RESOLVE   phasing           . ? 6 
# 
_cell.entry_id           1NE8 
_cell.length_a           56.630 
_cell.length_b           56.630 
_cell.length_c           138.257 
_cell.angle_alpha        90.00 
_cell.angle_beta         90.00 
_cell.angle_gamma        120.00 
_cell.Z_PDB              12 
_cell.pdbx_unique_axis   ? 
# 
_symmetry.entry_id                         1NE8 
_symmetry.space_group_name_H-M             'P 65 2 2' 
_symmetry.pdbx_full_space_group_name_H-M   ? 
_symmetry.cell_setting                     ? 
_symmetry.Int_Tables_number                179 
_symmetry.space_group_name_Hall            ? 
# 
_exptl.entry_id          1NE8 
_exptl.method            'X-RAY DIFFRACTION' 
_exptl.crystals_number   1 
# 
_exptl_crystal.id                    1 
_exptl_crystal.density_meas          ? 
_exptl_crystal.density_Matthews      2.45 
_exptl_crystal.density_percent_sol   49.77 
_exptl_crystal.description           ? 
_exptl_crystal.F_000                 ? 
_exptl_crystal.preparation           ? 
# 
_exptl_crystal_grow.crystal_id      1 
_exptl_crystal_grow.method          'VAPOR DIFFUSION, HANGING DROP' 
_exptl_crystal_grow.temp            298 
_exptl_crystal_grow.temp_details    ? 
_exptl_crystal_grow.pH              4.6 
_exptl_crystal_grow.pdbx_details    
'12% PEG 4,000  0.1M Sodium Acetate pH 4.6,  0.2M Ammonium Acetate, VAPOR DIFFUSION, HANGING DROP, temperature 298K' 
_exptl_crystal_grow.pdbx_pH_range   . 
# 
_diffrn.id                     1 
_diffrn.ambient_temp           100 
_diffrn.ambient_temp_details   ? 
_diffrn.crystal_id             1 
# 
_diffrn_detector.diffrn_id              1 
_diffrn_detector.detector               CCD 
_diffrn_detector.type                   'ADSC QUANTUM 4' 
_diffrn_detector.pdbx_collection_date   2002-09-01 
_diffrn_detector.details                ? 
# 
_diffrn_radiation.diffrn_id                        1 
_diffrn_radiation.wavelength_id                    1 
_diffrn_radiation.pdbx_monochromatic_or_laue_m_l   M 
_diffrn_radiation.monochromator                    ? 
_diffrn_radiation.pdbx_diffrn_protocol             MAD 
_diffrn_radiation.pdbx_scattering_type             x-ray 
# 
loop_
_diffrn_radiation_wavelength.id 
_diffrn_radiation_wavelength.wavelength 
_diffrn_radiation_wavelength.wt 
1 0.9790  1.0 
2 0.97938 1.0 
3 0.97163 1.0 
# 
_diffrn_source.diffrn_id                   1 
_diffrn_source.source                      SYNCHROTRON 
_diffrn_source.type                        'NSLS BEAMLINE X9A' 
_diffrn_source.pdbx_synchrotron_site       NSLS 
_diffrn_source.pdbx_synchrotron_beamline   X9A 
_diffrn_source.pdbx_wavelength             ? 
_diffrn_source.pdbx_wavelength_list        '0.9790, 0.97938, 0.97163' 
# 
_reflns.entry_id                     1NE8 
_reflns.observed_criterion_sigma_F   0.0 
_reflns.observed_criterion_sigma_I   -3.0 
_reflns.d_resolution_high            2.1 
_reflns.d_resolution_low             30 
_reflns.number_all                   ? 
_reflns.number_obs                   8231 
_reflns.percent_possible_obs         99.5 
_reflns.pdbx_Rmerge_I_obs            0.058 
_reflns.pdbx_Rsym_value              0.058 
_reflns.pdbx_netI_over_sigmaI        19.6 
_reflns.B_iso_Wilson_estimate        ? 
_reflns.pdbx_redundancy              9.8 
_reflns.R_free_details               ? 
_reflns.limit_h_max                  ? 
_reflns.limit_h_min                  ? 
_reflns.limit_k_max                  ? 
_reflns.limit_k_min                  ? 
_reflns.limit_l_max                  ? 
_reflns.limit_l_min                  ? 
_reflns.observed_criterion_F_max     ? 
_reflns.observed_criterion_F_min     ? 
_reflns.pdbx_chi_squared             ? 
_reflns.pdbx_scaling_rejects         ? 
_reflns.pdbx_diffrn_id               1 
_reflns.pdbx_ordinal                 1 
# 
_reflns_shell.d_res_high             2.1 
_reflns_shell.d_res_low              2.18 
_reflns_shell.percent_possible_all   98.5 
_reflns_shell.Rmerge_I_obs           0.17 
_reflns_shell.pdbx_Rsym_value        0.17 
_reflns_shell.meanI_over_sigI_obs    8.86 
_reflns_shell.pdbx_redundancy        ? 
_reflns_shell.percent_possible_obs   ? 
_reflns_shell.number_unique_all      794 
_reflns_shell.number_measured_all    ? 
_reflns_shell.number_measured_obs    ? 
_reflns_shell.number_unique_obs      ? 
_reflns_shell.pdbx_chi_squared       ? 
_reflns_shell.pdbx_diffrn_id         ? 
_reflns_shell.pdbx_ordinal           1 
# 
_refine.entry_id                                 1NE8 
_refine.ls_d_res_high                            2.1 
_refine.ls_d_res_low                             20.86 
_refine.pdbx_ls_sigma_F                          0 
_refine.pdbx_ls_sigma_I                          ? 
_refine.ls_number_reflns_all                     8204 
_refine.ls_number_reflns_obs                     8194 
_refine.ls_number_reflns_R_free                  380 
_refine.ls_percent_reflns_obs                    99.48 
_refine.ls_R_factor_all                          0.1619 
_refine.ls_R_factor_obs                          0.1619 
_refine.ls_R_factor_R_work                       0.1585 
_refine.ls_R_factor_R_free                       0.2097 
_refine.ls_redundancy_reflns_obs                 ? 
_refine.pdbx_data_cutoff_high_absF               ? 
_refine.pdbx_data_cutoff_low_absF                ? 
_refine.ls_number_parameters                     ? 
_refine.ls_number_restraints                     ? 
_refine.ls_percent_reflns_R_free                 ? 
_refine.ls_R_factor_R_free_error                 ? 
_refine.ls_R_factor_R_free_error_details         ? 
_refine.pdbx_method_to_determine_struct          MAD 
_refine.pdbx_starting_model                      ? 
_refine.pdbx_ls_cross_valid_method               THROUGHOUT 
_refine.pdbx_R_Free_selection_details            random 
_refine.pdbx_stereochem_target_val_spec_case     ? 
_refine.pdbx_stereochemistry_target_values       'Engh & Huber' 
_refine.solvent_model_details                    ? 
_refine.solvent_model_param_bsol                 ? 
_refine.solvent_model_param_ksol                 ? 
_refine.occupancy_max                            ? 
_refine.occupancy_min                            ? 
_refine.pdbx_isotropic_thermal_model             ? 
_refine.B_iso_mean                               22.098 
_refine.aniso_B[1][1]                            0.02 
_refine.aniso_B[1][2]                            0.01 
_refine.aniso_B[1][3]                            0.0 
_refine.aniso_B[2][2]                            0.02 
_refine.aniso_B[2][3]                            0.0 
_refine.aniso_B[3][3]                            -0.03 
_refine.details                                  ? 
_refine.B_iso_min                                ? 
_refine.B_iso_max                                ? 
_refine.correlation_coeff_Fo_to_Fc               ? 
_refine.correlation_coeff_Fo_to_Fc_free          ? 
_refine.pdbx_solvent_vdw_probe_radii             ? 
_refine.pdbx_solvent_ion_probe_radii             ? 
_refine.pdbx_solvent_shrinkage_radii             ? 
_refine.overall_SU_R_Cruickshank_DPI             ? 
_refine.overall_SU_R_free                        ? 
_refine.overall_SU_B                             ? 
_refine.overall_SU_ML                            ? 
_refine.pdbx_overall_ESU_R                       ? 
_refine.pdbx_overall_ESU_R_Free                  ? 
_refine.pdbx_data_cutoff_high_rms_absF           ? 
_refine.ls_wR_factor_R_free                      ? 
_refine.ls_wR_factor_R_work                      ? 
_refine.overall_FOM_free_R_set                   ? 
_refine.overall_FOM_work_R_set                   ? 
_refine.pdbx_refine_id                           'X-RAY DIFFRACTION' 
_refine.pdbx_diffrn_id                           1 
_refine.pdbx_TLS_residual_ADP_flag               ? 
_refine.pdbx_overall_phase_error                 ? 
_refine.pdbx_overall_SU_R_free_Cruickshank_DPI   ? 
_refine.pdbx_overall_SU_R_Blow_DPI               ? 
_refine.pdbx_overall_SU_R_free_Blow_DPI          ? 
# 
_refine_hist.pdbx_refine_id                   'X-RAY DIFFRACTION' 
_refine_hist.cycle_id                         LAST 
_refine_hist.pdbx_number_atoms_protein        901 
_refine_hist.pdbx_number_atoms_nucleic_acid   0 
_refine_hist.pdbx_number_atoms_ligand         27 
_refine_hist.number_atoms_solvent             108 
_refine_hist.number_atoms_total               1036 
_refine_hist.d_res_high                       2.1 
_refine_hist.d_res_low                        20.86 
# 
loop_
_refine_ls_restr.type 
_refine_ls_restr.dev_ideal 
_refine_ls_restr.dev_ideal_target 
_refine_ls_restr.weight 
_refine_ls_restr.number 
_refine_ls_restr.pdbx_refine_id 
_refine_ls_restr.pdbx_restraint_function 
r_bond_refined_d    0.019 ? ? ? 'X-RAY DIFFRACTION' ? 
r_angle_refined_deg 1.6   ? ? ? 'X-RAY DIFFRACTION' ? 
r_chiral_restr      0.12  ? ? ? 'X-RAY DIFFRACTION' ? 
# 
_refine_ls_shell.pdbx_total_number_of_bins_used   ? 
_refine_ls_shell.d_res_high                       2.1 
_refine_ls_shell.d_res_low                        2.155 
_refine_ls_shell.number_reflns_R_work             ? 
_refine_ls_shell.R_factor_R_work                  0.13 
_refine_ls_shell.percent_reflns_obs               ? 
_refine_ls_shell.R_factor_R_free                  0.209 
_refine_ls_shell.R_factor_R_free_error            ? 
_refine_ls_shell.percent_reflns_R_free            ? 
_refine_ls_shell.number_reflns_R_free             22 
_refine_ls_shell.number_reflns_obs                547 
_refine_ls_shell.redundancy_reflns_obs            ? 
_refine_ls_shell.number_reflns_all                ? 
_refine_ls_shell.pdbx_refine_id                   'X-RAY DIFFRACTION' 
_refine_ls_shell.R_factor_all                     ? 
# 
_struct.entry_id                  1NE8 
_struct.title                     'YDCE protein from Bacillus subtilis' 
_struct.pdbx_model_details        ? 
_struct.pdbx_CASP_flag            ? 
_struct.pdbx_model_type_details   ? 
# 
_struct_keywords.entry_id        1NE8 
_struct_keywords.pdbx_keywords   'STRUCTURAL GENOMICS, UNKNOWN FUNCTION' 
_struct_keywords.text            
;conserved hypothetical protein YDCE, STRUCTURAL GENOMICS, New York SGX Research Center for Structural Genomics, PSI, Protein Structure Initiative, NYSGXRC, UNKNOWN FUNCTION
;
# 
loop_
_struct_asym.id 
_struct_asym.pdbx_blank_PDB_chainid_flag 
_struct_asym.pdbx_modified 
_struct_asym.entity_id 
_struct_asym.details 
A N N 1 ? 
B N N 2 ? 
C N N 2 ? 
D N N 3 ? 
E N N 3 ? 
F N N 4 ? 
# 
_struct_ref.id                         1 
_struct_ref.db_name                    UNP 
_struct_ref.db_code                    ENDOA_BACSU 
_struct_ref.entity_id                  1 
_struct_ref.pdbx_seq_one_letter_code   
;IVKRGDVYFADLSPVVGSEQGGVRPVLVIQNDIGNRFSPTAIVAAITAQIQKAKLPTHVEIDAKRYGFERDSVILLEQIR
TIDKQRLTDKITHLDDEMMDKVDEALQISLALIDF
;
_struct_ref.pdbx_align_begin           2 
_struct_ref.pdbx_db_accession          P96622 
_struct_ref.pdbx_db_isoform            ? 
# 
_struct_ref_seq.align_id                      1 
_struct_ref_seq.ref_id                        1 
_struct_ref_seq.pdbx_PDB_id_code              1NE8 
_struct_ref_seq.pdbx_strand_id                A 
_struct_ref_seq.seq_align_beg                 3 
_struct_ref_seq.pdbx_seq_align_beg_ins_code   ? 
_struct_ref_seq.seq_align_end                 117 
_struct_ref_seq.pdbx_seq_align_end_ins_code   ? 
_struct_ref_seq.pdbx_db_accession             P96622 
_struct_ref_seq.db_align_beg                  2 
_struct_ref_seq.pdbx_db_align_beg_ins_code    ? 
_struct_ref_seq.db_align_end                  116 
_struct_ref_seq.pdbx_db_align_end_ins_code    ? 
_struct_ref_seq.pdbx_auth_seq_align_beg       2 
_struct_ref_seq.pdbx_auth_seq_align_end       116 
# 
loop_
_struct_ref_seq_dif.align_id 
_struct_ref_seq_dif.pdbx_pdb_id_code 
_struct_ref_seq_dif.mon_id 
_struct_ref_seq_dif.pdbx_pdb_strand_id 
_struct_ref_seq_dif.seq_num 
_struct_ref_seq_dif.pdbx_pdb_ins_code 
_struct_ref_seq_dif.pdbx_seq_db_name 
_struct_ref_seq_dif.pdbx_seq_db_accession_code 
_struct_ref_seq_dif.db_mon_id 
_struct_ref_seq_dif.pdbx_seq_db_seq_num 
_struct_ref_seq_dif.details 
_struct_ref_seq_dif.pdbx_auth_seq_num 
_struct_ref_seq_dif.pdbx_ordinal 
1 1NE8 SER A 1 ? UNP P96622 ? ? 'cloning artifact' 0 1 
1 1NE8 LEU A 2 ? UNP P96622 ? ? 'cloning artifact' 1 2 
# 
_pdbx_struct_assembly.id                   1 
_pdbx_struct_assembly.details              author_defined_assembly 
_pdbx_struct_assembly.method_details       ? 
_pdbx_struct_assembly.oligomeric_details   dimeric 
_pdbx_struct_assembly.oligomeric_count     2 
# 
_pdbx_struct_assembly_gen.assembly_id       1 
_pdbx_struct_assembly_gen.oper_expression   1,2 
_pdbx_struct_assembly_gen.asym_id_list      A,B,C,D,E,F 
# 
loop_
_pdbx_struct_oper_list.id 
_pdbx_struct_oper_list.type 
_pdbx_struct_oper_list.name 
_pdbx_struct_oper_list.symmetry_operation 
_pdbx_struct_oper_list.matrix[1][1] 
_pdbx_struct_oper_list.matrix[1][2] 
_pdbx_struct_oper_list.matrix[1][3] 
_pdbx_struct_oper_list.vector[1] 
_pdbx_struct_oper_list.matrix[2][1] 
_pdbx_struct_oper_list.matrix[2][2] 
_pdbx_struct_oper_list.matrix[2][3] 
_pdbx_struct_oper_list.vector[2] 
_pdbx_struct_oper_list.matrix[3][1] 
_pdbx_struct_oper_list.matrix[3][2] 
_pdbx_struct_oper_list.matrix[3][3] 
_pdbx_struct_oper_list.vector[3] 
1 'identity operation'         1_555  x,y,z            1.0000000000  0.0000000000  0.0000000000 0.0000000000  0.0000000000  1.0000000000 0.0000000000  0.0000000000  0.0000000000 0.0000000000  1.0000000000  0.0000000000   
2 'crystal symmetry operation' 10_665 -y+1,-x+1,-z+1/6 -0.6500697516 -0.7568500028 0.0677302840 -7.2471471527 -0.7568500028 0.6369603065 -0.1464910960 -4.9676830990 0.0677302840 -0.1464910960 -0.9868905549 -18.0686524783 
# 
_struct_biol.id                    1 
_struct_biol.details               
;The second molecule of the putative biological dimer is generated by the following transformation:  
BIOMT1  0.5    -0.866  0.0   28.3175  
  
BIOMT2  -0.866  -0.5    0.0   49.045  
  
BIOMT3 0.0     0.0   -1.0   23.0431
;
_struct_biol.pdbx_parent_biol_id   ? 
# 
loop_
_struct_conf.conf_type_id 
_struct_conf.id 
_struct_conf.pdbx_PDB_helix_id 
_struct_conf.beg_label_comp_id 
_struct_conf.beg_label_asym_id 
_struct_conf.beg_label_seq_id 
_struct_conf.pdbx_beg_PDB_ins_code 
_struct_conf.end_label_comp_id 
_struct_conf.end_label_asym_id 
_struct_conf.end_label_seq_id 
_struct_conf.pdbx_end_PDB_ins_code 
_struct_conf.beg_auth_comp_id 
_struct_conf.beg_auth_asym_id 
_struct_conf.beg_auth_seq_id 
_struct_conf.end_auth_comp_id 
_struct_conf.end_auth_asym_id 
_struct_conf.end_auth_seq_id 
_struct_conf.pdbx_PDB_helix_class 
_struct_conf.details 
_struct_conf.pdbx_PDB_helix_length 
HELX_P HELX_P1 1 ASN A 33 ? SER A 40  ? ASN A 32 SER A 39  1 ? 8  
HELX_P HELX_P2 2 ASP A 64 ? GLY A 69  ? ASP A 63 GLY A 68  1 ? 6  
HELX_P HELX_P3 3 ASP A 97 ? LEU A 112 ? ASP A 96 LEU A 111 1 ? 16 
# 
_struct_conf_type.id          HELX_P 
_struct_conf_type.criteria    ? 
_struct_conf_type.reference   ? 
# 
_struct_mon_prot_cis.pdbx_id                1 
_struct_mon_prot_cis.label_comp_id          SER 
_struct_mon_prot_cis.label_seq_id           15 
_struct_mon_prot_cis.label_asym_id          A 
_struct_mon_prot_cis.label_alt_id           . 
_struct_mon_prot_cis.pdbx_PDB_ins_code      ? 
_struct_mon_prot_cis.auth_comp_id           SER 
_struct_mon_prot_cis.auth_seq_id            14 
_struct_mon_prot_cis.auth_asym_id           A 
_struct_mon_prot_cis.pdbx_label_comp_id_2   PRO 
_struct_mon_prot_cis.pdbx_label_seq_id_2    16 
_struct_mon_prot_cis.pdbx_label_asym_id_2   A 
_struct_mon_prot_cis.pdbx_PDB_ins_code_2    ? 
_struct_mon_prot_cis.pdbx_auth_comp_id_2    PRO 
_struct_mon_prot_cis.pdbx_auth_seq_id_2     15 
_struct_mon_prot_cis.pdbx_auth_asym_id_2    A 
_struct_mon_prot_cis.pdbx_PDB_model_num     1 
_struct_mon_prot_cis.pdbx_omega_angle       -7.98 
# 
_struct_sheet.id               A 
_struct_sheet.type             ? 
_struct_sheet.number_strands   6 
_struct_sheet.details          ? 
# 
loop_
_struct_sheet_order.sheet_id 
_struct_sheet_order.range_id_1 
_struct_sheet_order.range_id_2 
_struct_sheet_order.offset 
_struct_sheet_order.sense 
A 1 2 ? anti-parallel 
A 2 3 ? anti-parallel 
A 3 4 ? anti-parallel 
A 4 5 ? anti-parallel 
A 5 6 ? anti-parallel 
# 
loop_
_struct_sheet_range.sheet_id 
_struct_sheet_range.id 
_struct_sheet_range.beg_label_comp_id 
_struct_sheet_range.beg_label_asym_id 
_struct_sheet_range.beg_label_seq_id 
_struct_sheet_range.pdbx_beg_PDB_ins_code 
_struct_sheet_range.end_label_comp_id 
_struct_sheet_range.end_label_asym_id 
_struct_sheet_range.end_label_seq_id 
_struct_sheet_range.pdbx_end_PDB_ins_code 
_struct_sheet_range.beg_auth_comp_id 
_struct_sheet_range.beg_auth_asym_id 
_struct_sheet_range.beg_auth_seq_id 
_struct_sheet_range.end_auth_comp_id 
_struct_sheet_range.end_auth_asym_id 
_struct_sheet_range.end_auth_seq_id 
A 1 HIS A 60 ? ILE A 63 ? HIS A 59 ILE A 62 
A 2 SER A 74 ? ASP A 85 ? SER A 73 ASP A 84 
A 3 THR A 42 ? THR A 49 ? THR A 41 THR A 48 
A 4 VAL A 25 ? VAL A 30 ? VAL A 24 VAL A 29 
A 5 ASP A 8  ? ASP A 13 ? ASP A 7  ASP A 12 
A 6 LEU A 89 ? HIS A 95 ? LEU A 88 HIS A 94 
# 
loop_
_pdbx_struct_sheet_hbond.sheet_id 
_pdbx_struct_sheet_hbond.range_id_1 
_pdbx_struct_sheet_hbond.range_id_2 
_pdbx_struct_sheet_hbond.range_1_label_atom_id 
_pdbx_struct_sheet_hbond.range_1_label_comp_id 
_pdbx_struct_sheet_hbond.range_1_label_asym_id 
_pdbx_struct_sheet_hbond.range_1_label_seq_id 
_pdbx_struct_sheet_hbond.range_1_PDB_ins_code 
_pdbx_struct_sheet_hbond.range_1_auth_atom_id 
_pdbx_struct_sheet_hbond.range_1_auth_comp_id 
_pdbx_struct_sheet_hbond.range_1_auth_asym_id 
_pdbx_struct_sheet_hbond.range_1_auth_seq_id 
_pdbx_struct_sheet_hbond.range_2_label_atom_id 
_pdbx_struct_sheet_hbond.range_2_label_comp_id 
_pdbx_struct_sheet_hbond.range_2_label_asym_id 
_pdbx_struct_sheet_hbond.range_2_label_seq_id 
_pdbx_struct_sheet_hbond.range_2_PDB_ins_code 
_pdbx_struct_sheet_hbond.range_2_auth_atom_id 
_pdbx_struct_sheet_hbond.range_2_auth_comp_id 
_pdbx_struct_sheet_hbond.range_2_auth_asym_id 
_pdbx_struct_sheet_hbond.range_2_auth_seq_id 
A 1 2 N ILE A 63 ? N ILE A 62 O SER A 74 ? O SER A 73 
A 2 3 O ARG A 82 ? O ARG A 81 N VAL A 45 ? N VAL A 44 
A 3 4 O ALA A 46 ? O ALA A 45 N LEU A 29 ? N LEU A 28 
A 4 5 O VAL A 28 ? O VAL A 27 N TYR A 10 ? N TYR A 9  
A 5 6 N VAL A 9  ? N VAL A 8  O ILE A 93 ? O ILE A 92 
# 
loop_
_struct_site.id 
_struct_site.pdbx_evidence_code 
_struct_site.pdbx_auth_asym_id 
_struct_site.pdbx_auth_comp_id 
_struct_site.pdbx_auth_seq_id 
_struct_site.pdbx_auth_ins_code 
_struct_site.pdbx_num_residues 
_struct_site.details 
AC1 Software A 1PG 501 ? 10 'BINDING SITE FOR RESIDUE 1PG A 501' 
AC2 Software A 1PG 503 ? 4  'BINDING SITE FOR RESIDUE 1PG A 503' 
AC3 Software A ACY 502 ? 6  'BINDING SITE FOR RESIDUE ACY A 502' 
AC4 Software A ACY 504 ? 3  'BINDING SITE FOR RESIDUE ACY A 504' 
# 
loop_
_struct_site_gen.id 
_struct_site_gen.site_id 
_struct_site_gen.pdbx_num_res 
_struct_site_gen.label_comp_id 
_struct_site_gen.label_asym_id 
_struct_site_gen.label_seq_id 
_struct_site_gen.pdbx_auth_ins_code 
_struct_site_gen.auth_comp_id 
_struct_site_gen.auth_asym_id 
_struct_site_gen.auth_seq_id 
_struct_site_gen.label_atom_id 
_struct_site_gen.label_alt_id 
_struct_site_gen.symmetry 
_struct_site_gen.details 
1  AC1 10 ALA A 50  ? ALA A 49  . ? 6_654  ? 
2  AC1 10 GLN A 51  ? GLN A 50  . ? 9_655  ? 
3  AC1 10 ARG A 72  ? ARG A 71  . ? 6_654  ? 
4  AC1 10 GLU A 106 ? GLU A 105 . ? 1_555  ? 
5  AC1 10 GLN A 109 ? GLN A 108 . ? 1_555  ? 
6  AC1 10 ILE A 115 ? ILE A 114 . ? 10_665 ? 
7  AC1 10 ASP A 116 ? ASP A 115 . ? 10_665 ? 
8  AC1 10 ASP A 116 ? ASP A 115 . ? 1_555  ? 
9  AC1 10 PHE A 117 ? PHE A 116 . ? 1_555  ? 
10 AC1 10 HOH F .   ? HOH A 559 . ? 1_555  ? 
11 AC2 4  SER A 15  ? SER A 14  . ? 1_555  ? 
12 AC2 4  VAL A 18  ? VAL A 17  . ? 10_665 ? 
13 AC2 4  HOH F .   ? HOH A 585 . ? 9_665  ? 
14 AC2 4  HOH F .   ? HOH A 601 . ? 1_555  ? 
15 AC3 6  PRO A 27  ? PRO A 26  . ? 1_555  ? 
16 AC3 6  PHE A 70  ? PHE A 69  . ? 1_555  ? 
17 AC3 6  GLU A 71  ? GLU A 70  . ? 1_555  ? 
18 AC3 6  ILE A 115 ? ILE A 114 . ? 9_665  ? 
19 AC3 6  HOH F .   ? HOH A 564 . ? 1_555  ? 
20 AC3 6  HOH F .   ? HOH A 580 . ? 1_555  ? 
21 AC4 3  PHE A 39  ? PHE A 38  . ? 5_565  ? 
22 AC4 3  LYS A 92  ? LYS A 91  . ? 1_555  ? 
23 AC4 3  ILE A 93  ? ILE A 92  . ? 1_555  ? 
# 
_pdbx_validate_torsion.id              1 
_pdbx_validate_torsion.PDB_model_num   1 
_pdbx_validate_torsion.auth_comp_id    THR 
_pdbx_validate_torsion.auth_asym_id    A 
_pdbx_validate_torsion.auth_seq_id     89 
_pdbx_validate_torsion.PDB_ins_code    ? 
_pdbx_validate_torsion.label_alt_id    ? 
_pdbx_validate_torsion.phi             -121.60 
_pdbx_validate_torsion.psi             -97.87 
# 
_pdbx_SG_project.id                    1 
_pdbx_SG_project.project_name          'PSI, Protein Structure Initiative' 
_pdbx_SG_project.full_name_of_center   'New York SGX Research Center for Structural Genomics' 
_pdbx_SG_project.initial_of_center     NYSGXRC 
# 
loop_
_pdbx_struct_special_symmetry.id 
_pdbx_struct_special_symmetry.PDB_model_num 
_pdbx_struct_special_symmetry.auth_asym_id 
_pdbx_struct_special_symmetry.auth_comp_id 
_pdbx_struct_special_symmetry.auth_seq_id 
_pdbx_struct_special_symmetry.PDB_ins_code 
_pdbx_struct_special_symmetry.label_asym_id 
_pdbx_struct_special_symmetry.label_comp_id 
_pdbx_struct_special_symmetry.label_seq_id 
1 1 A HOH 582 ? F HOH . 
2 1 A HOH 592 ? F HOH . 
# 
_pdbx_unobs_or_zero_occ_residues.id               1 
_pdbx_unobs_or_zero_occ_residues.PDB_model_num    1 
_pdbx_unobs_or_zero_occ_residues.polymer_flag     Y 
_pdbx_unobs_or_zero_occ_residues.occupancy_flag   1 
_pdbx_unobs_or_zero_occ_residues.auth_asym_id     A 
_pdbx_unobs_or_zero_occ_residues.auth_comp_id     SER 
_pdbx_unobs_or_zero_occ_residues.auth_seq_id      0 
_pdbx_unobs_or_zero_occ_residues.PDB_ins_code     ? 
_pdbx_unobs_or_zero_occ_residues.label_asym_id    A 
_pdbx_unobs_or_zero_occ_residues.label_comp_id    SER 
_pdbx_unobs_or_zero_occ_residues.label_seq_id     1 
# 
loop_
_chem_comp_atom.comp_id 
_chem_comp_atom.atom_id 
_chem_comp_atom.type_symbol 
_chem_comp_atom.pdbx_aromatic_flag 
_chem_comp_atom.pdbx_stereo_config 
_chem_comp_atom.pdbx_ordinal 
1PG C2   C N N 1   
1PG C1   C N N 2   
1PG O1   O N N 3   
1PG O2   O N N 4   
1PG C3   C N N 5   
1PG C4   C N N 6   
1PG C5   C N N 7   
1PG O3   O N N 8   
1PG C6   C N N 9   
1PG C7   C N N 10  
1PG O4   O N N 11  
1PG C8   C N N 12  
1PG C9   C N N 13  
1PG O5   O N N 14  
1PG C10  C N N 15  
1PG C11  C N N 16  
1PG O6   O N N 17  
1PG H21  H N N 18  
1PG H22  H N N 19  
1PG H11  H N N 20  
1PG H12  H N N 21  
1PG H13  H N N 22  
1PG H31  H N N 23  
1PG H32  H N N 24  
1PG H41  H N N 25  
1PG H42  H N N 26  
1PG H51  H N N 27  
1PG H52  H N N 28  
1PG H61  H N N 29  
1PG H62  H N N 30  
1PG H71  H N N 31  
1PG H72  H N N 32  
1PG H81  H N N 33  
1PG H82  H N N 34  
1PG H91  H N N 35  
1PG H92  H N N 36  
1PG H101 H N N 37  
1PG H102 H N N 38  
1PG H111 H N N 39  
1PG H112 H N N 40  
1PG HO6  H N N 41  
ACY C    C N N 42  
ACY O    O N N 43  
ACY OXT  O N N 44  
ACY CH3  C N N 45  
ACY HXT  H N N 46  
ACY H1   H N N 47  
ACY H2   H N N 48  
ACY H3   H N N 49  
ALA N    N N N 50  
ALA CA   C N S 51  
ALA C    C N N 52  
ALA O    O N N 53  
ALA CB   C N N 54  
ALA OXT  O N N 55  
ALA H    H N N 56  
ALA H2   H N N 57  
ALA HA   H N N 58  
ALA HB1  H N N 59  
ALA HB2  H N N 60  
ALA HB3  H N N 61  
ALA HXT  H N N 62  
ARG N    N N N 63  
ARG CA   C N S 64  
ARG C    C N N 65  
ARG O    O N N 66  
ARG CB   C N N 67  
ARG CG   C N N 68  
ARG CD   C N N 69  
ARG NE   N N N 70  
ARG CZ   C N N 71  
ARG NH1  N N N 72  
ARG NH2  N N N 73  
ARG OXT  O N N 74  
ARG H    H N N 75  
ARG H2   H N N 76  
ARG HA   H N N 77  
ARG HB2  H N N 78  
ARG HB3  H N N 79  
ARG HG2  H N N 80  
ARG HG3  H N N 81  
ARG HD2  H N N 82  
ARG HD3  H N N 83  
ARG HE   H N N 84  
ARG HH11 H N N 85  
ARG HH12 H N N 86  
ARG HH21 H N N 87  
ARG HH22 H N N 88  
ARG HXT  H N N 89  
ASN N    N N N 90  
ASN CA   C N S 91  
ASN C    C N N 92  
ASN O    O N N 93  
ASN CB   C N N 94  
ASN CG   C N N 95  
ASN OD1  O N N 96  
ASN ND2  N N N 97  
ASN OXT  O N N 98  
ASN H    H N N 99  
ASN H2   H N N 100 
ASN HA   H N N 101 
ASN HB2  H N N 102 
ASN HB3  H N N 103 
ASN HD21 H N N 104 
ASN HD22 H N N 105 
ASN HXT  H N N 106 
ASP N    N N N 107 
ASP CA   C N S 108 
ASP C    C N N 109 
ASP O    O N N 110 
ASP CB   C N N 111 
ASP CG   C N N 112 
ASP OD1  O N N 113 
ASP OD2  O N N 114 
ASP OXT  O N N 115 
ASP H    H N N 116 
ASP H2   H N N 117 
ASP HA   H N N 118 
ASP HB2  H N N 119 
ASP HB3  H N N 120 
ASP HD2  H N N 121 
ASP HXT  H N N 122 
GLN N    N N N 123 
GLN CA   C N S 124 
GLN C    C N N 125 
GLN O    O N N 126 
GLN CB   C N N 127 
GLN CG   C N N 128 
GLN CD   C N N 129 
GLN OE1  O N N 130 
GLN NE2  N N N 131 
GLN OXT  O N N 132 
GLN H    H N N 133 
GLN H2   H N N 134 
GLN HA   H N N 135 
GLN HB2  H N N 136 
GLN HB3  H N N 137 
GLN HG2  H N N 138 
GLN HG3  H N N 139 
GLN HE21 H N N 140 
GLN HE22 H N N 141 
GLN HXT  H N N 142 
GLU N    N N N 143 
GLU CA   C N S 144 
GLU C    C N N 145 
GLU O    O N N 146 
GLU CB   C N N 147 
GLU CG   C N N 148 
GLU CD   C N N 149 
GLU OE1  O N N 150 
GLU OE2  O N N 151 
GLU OXT  O N N 152 
GLU H    H N N 153 
GLU H2   H N N 154 
GLU HA   H N N 155 
GLU HB2  H N N 156 
GLU HB3  H N N 157 
GLU HG2  H N N 158 
GLU HG3  H N N 159 
GLU HE2  H N N 160 
GLU HXT  H N N 161 
GLY N    N N N 162 
GLY CA   C N N 163 
GLY C    C N N 164 
GLY O    O N N 165 
GLY OXT  O N N 166 
GLY H    H N N 167 
GLY H2   H N N 168 
GLY HA2  H N N 169 
GLY HA3  H N N 170 
GLY HXT  H N N 171 
HIS N    N N N 172 
HIS CA   C N S 173 
HIS C    C N N 174 
HIS O    O N N 175 
HIS CB   C N N 176 
HIS CG   C Y N 177 
HIS ND1  N Y N 178 
HIS CD2  C Y N 179 
HIS CE1  C Y N 180 
HIS NE2  N Y N 181 
HIS OXT  O N N 182 
HIS H    H N N 183 
HIS H2   H N N 184 
HIS HA   H N N 185 
HIS HB2  H N N 186 
HIS HB3  H N N 187 
HIS HD1  H N N 188 
HIS HD2  H N N 189 
HIS HE1  H N N 190 
HIS HE2  H N N 191 
HIS HXT  H N N 192 
HOH O    O N N 193 
HOH H1   H N N 194 
HOH H2   H N N 195 
ILE N    N N N 196 
ILE CA   C N S 197 
ILE C    C N N 198 
ILE O    O N N 199 
ILE CB   C N S 200 
ILE CG1  C N N 201 
ILE CG2  C N N 202 
ILE CD1  C N N 203 
ILE OXT  O N N 204 
ILE H    H N N 205 
ILE H2   H N N 206 
ILE HA   H N N 207 
ILE HB   H N N 208 
ILE HG12 H N N 209 
ILE HG13 H N N 210 
ILE HG21 H N N 211 
ILE HG22 H N N 212 
ILE HG23 H N N 213 
ILE HD11 H N N 214 
ILE HD12 H N N 215 
ILE HD13 H N N 216 
ILE HXT  H N N 217 
LEU N    N N N 218 
LEU CA   C N S 219 
LEU C    C N N 220 
LEU O    O N N 221 
LEU CB   C N N 222 
LEU CG   C N N 223 
LEU CD1  C N N 224 
LEU CD2  C N N 225 
LEU OXT  O N N 226 
LEU H    H N N 227 
LEU H2   H N N 228 
LEU HA   H N N 229 
LEU HB2  H N N 230 
LEU HB3  H N N 231 
LEU HG   H N N 232 
LEU HD11 H N N 233 
LEU HD12 H N N 234 
LEU HD13 H N N 235 
LEU HD21 H N N 236 
LEU HD22 H N N 237 
LEU HD23 H N N 238 
LEU HXT  H N N 239 
LYS N    N N N 240 
LYS CA   C N S 241 
LYS C    C N N 242 
LYS O    O N N 243 
LYS CB   C N N 244 
LYS CG   C N N 245 
LYS CD   C N N 246 
LYS CE   C N N 247 
LYS NZ   N N N 248 
LYS OXT  O N N 249 
LYS H    H N N 250 
LYS H2   H N N 251 
LYS HA   H N N 252 
LYS HB2  H N N 253 
LYS HB3  H N N 254 
LYS HG2  H N N 255 
LYS HG3  H N N 256 
LYS HD2  H N N 257 
LYS HD3  H N N 258 
LYS HE2  H N N 259 
LYS HE3  H N N 260 
LYS HZ1  H N N 261 
LYS HZ2  H N N 262 
LYS HZ3  H N N 263 
LYS HXT  H N N 264 
MET N    N N N 265 
MET CA   C N S 266 
MET C    C N N 267 
MET O    O N N 268 
MET CB   C N N 269 
MET CG   C N N 270 
MET SD   S N N 271 
MET CE   C N N 272 
MET OXT  O N N 273 
MET H    H N N 274 
MET H2   H N N 275 
MET HA   H N N 276 
MET HB2  H N N 277 
MET HB3  H N N 278 
MET HG2  H N N 279 
MET HG3  H N N 280 
MET HE1  H N N 281 
MET HE2  H N N 282 
MET HE3  H N N 283 
MET HXT  H N N 284 
PHE N    N N N 285 
PHE CA   C N S 286 
PHE C    C N N 287 
PHE O    O N N 288 
PHE CB   C N N 289 
PHE CG   C Y N 290 
PHE CD1  C Y N 291 
PHE CD2  C Y N 292 
PHE CE1  C Y N 293 
PHE CE2  C Y N 294 
PHE CZ   C Y N 295 
PHE OXT  O N N 296 
PHE H    H N N 297 
PHE H2   H N N 298 
PHE HA   H N N 299 
PHE HB2  H N N 300 
PHE HB3  H N N 301 
PHE HD1  H N N 302 
PHE HD2  H N N 303 
PHE HE1  H N N 304 
PHE HE2  H N N 305 
PHE HZ   H N N 306 
PHE HXT  H N N 307 
PRO N    N N N 308 
PRO CA   C N S 309 
PRO C    C N N 310 
PRO O    O N N 311 
PRO CB   C N N 312 
PRO CG   C N N 313 
PRO CD   C N N 314 
PRO OXT  O N N 315 
PRO H    H N N 316 
PRO HA   H N N 317 
PRO HB2  H N N 318 
PRO HB3  H N N 319 
PRO HG2  H N N 320 
PRO HG3  H N N 321 
PRO HD2  H N N 322 
PRO HD3  H N N 323 
PRO HXT  H N N 324 
SER N    N N N 325 
SER CA   C N S 326 
SER C    C N N 327 
SER O    O N N 328 
SER CB   C N N 329 
SER OG   O N N 330 
SER OXT  O N N 331 
SER H    H N N 332 
SER H2   H N N 333 
SER HA   H N N 334 
SER HB2  H N N 335 
SER HB3  H N N 336 
SER HG   H N N 337 
SER HXT  H N N 338 
THR N    N N N 339 
THR CA   C N S 340 
THR C    C N N 341 
THR O    O N N 342 
THR CB   C N R 343 
THR OG1  O N N 344 
THR CG2  C N N 345 
THR OXT  O N N 346 
THR H    H N N 347 
THR H2   H N N 348 
THR HA   H N N 349 
THR HB   H N N 350 
THR HG1  H N N 351 
THR HG21 H N N 352 
THR HG22 H N N 353 
THR HG23 H N N 354 
THR HXT  H N N 355 
TYR N    N N N 356 
TYR CA   C N S 357 
TYR C    C N N 358 
TYR O    O N N 359 
TYR CB   C N N 360 
TYR CG   C Y N 361 
TYR CD1  C Y N 362 
TYR CD2  C Y N 363 
TYR CE1  C Y N 364 
TYR CE2  C Y N 365 
TYR CZ   C Y N 366 
TYR OH   O N N 367 
TYR OXT  O N N 368 
TYR H    H N N 369 
TYR H2   H N N 370 
TYR HA   H N N 371 
TYR HB2  H N N 372 
TYR HB3  H N N 373 
TYR HD1  H N N 374 
TYR HD2  H N N 375 
TYR HE1  H N N 376 
TYR HE2  H N N 377 
TYR HH   H N N 378 
TYR HXT  H N N 379 
VAL N    N N N 380 
VAL CA   C N S 381 
VAL C    C N N 382 
VAL O    O N N 383 
VAL CB   C N N 384 
VAL CG1  C N N 385 
VAL CG2  C N N 386 
VAL OXT  O N N 387 
VAL H    H N N 388 
VAL H2   H N N 389 
VAL HA   H N N 390 
VAL HB   H N N 391 
VAL HG11 H N N 392 
VAL HG12 H N N 393 
VAL HG13 H N N 394 
VAL HG21 H N N 395 
VAL HG22 H N N 396 
VAL HG23 H N N 397 
VAL HXT  H N N 398 
# 
loop_
_chem_comp_bond.comp_id 
_chem_comp_bond.atom_id_1 
_chem_comp_bond.atom_id_2 
_chem_comp_bond.value_order 
_chem_comp_bond.pdbx_aromatic_flag 
_chem_comp_bond.pdbx_stereo_config 
_chem_comp_bond.pdbx_ordinal 
1PG C2  O1   sing N N 1   
1PG C2  C3   sing N N 2   
1PG C2  H21  sing N N 3   
1PG C2  H22  sing N N 4   
1PG C1  O1   sing N N 5   
1PG C1  H11  sing N N 6   
1PG C1  H12  sing N N 7   
1PG C1  H13  sing N N 8   
1PG O2  C3   sing N N 9   
1PG O2  C4   sing N N 10  
1PG C3  H31  sing N N 11  
1PG C3  H32  sing N N 12  
1PG C4  C5   sing N N 13  
1PG C4  H41  sing N N 14  
1PG C4  H42  sing N N 15  
1PG C5  O3   sing N N 16  
1PG C5  H51  sing N N 17  
1PG C5  H52  sing N N 18  
1PG O3  C6   sing N N 19  
1PG C6  C7   sing N N 20  
1PG C6  H61  sing N N 21  
1PG C6  H62  sing N N 22  
1PG C7  O4   sing N N 23  
1PG C7  H71  sing N N 24  
1PG C7  H72  sing N N 25  
1PG O4  C8   sing N N 26  
1PG C8  C9   sing N N 27  
1PG C8  H81  sing N N 28  
1PG C8  H82  sing N N 29  
1PG C9  O5   sing N N 30  
1PG C9  H91  sing N N 31  
1PG C9  H92  sing N N 32  
1PG O5  C10  sing N N 33  
1PG C10 C11  sing N N 34  
1PG C10 H101 sing N N 35  
1PG C10 H102 sing N N 36  
1PG C11 O6   sing N N 37  
1PG C11 H111 sing N N 38  
1PG C11 H112 sing N N 39  
1PG O6  HO6  sing N N 40  
ACY C   O    doub N N 41  
ACY C   OXT  sing N N 42  
ACY C   CH3  sing N N 43  
ACY OXT HXT  sing N N 44  
ACY CH3 H1   sing N N 45  
ACY CH3 H2   sing N N 46  
ACY CH3 H3   sing N N 47  
ALA N   CA   sing N N 48  
ALA N   H    sing N N 49  
ALA N   H2   sing N N 50  
ALA CA  C    sing N N 51  
ALA CA  CB   sing N N 52  
ALA CA  HA   sing N N 53  
ALA C   O    doub N N 54  
ALA C   OXT  sing N N 55  
ALA CB  HB1  sing N N 56  
ALA CB  HB2  sing N N 57  
ALA CB  HB3  sing N N 58  
ALA OXT HXT  sing N N 59  
ARG N   CA   sing N N 60  
ARG N   H    sing N N 61  
ARG N   H2   sing N N 62  
ARG CA  C    sing N N 63  
ARG CA  CB   sing N N 64  
ARG CA  HA   sing N N 65  
ARG C   O    doub N N 66  
ARG C   OXT  sing N N 67  
ARG CB  CG   sing N N 68  
ARG CB  HB2  sing N N 69  
ARG CB  HB3  sing N N 70  
ARG CG  CD   sing N N 71  
ARG CG  HG2  sing N N 72  
ARG CG  HG3  sing N N 73  
ARG CD  NE   sing N N 74  
ARG CD  HD2  sing N N 75  
ARG CD  HD3  sing N N 76  
ARG NE  CZ   sing N N 77  
ARG NE  HE   sing N N 78  
ARG CZ  NH1  sing N N 79  
ARG CZ  NH2  doub N N 80  
ARG NH1 HH11 sing N N 81  
ARG NH1 HH12 sing N N 82  
ARG NH2 HH21 sing N N 83  
ARG NH2 HH22 sing N N 84  
ARG OXT HXT  sing N N 85  
ASN N   CA   sing N N 86  
ASN N   H    sing N N 87  
ASN N   H2   sing N N 88  
ASN CA  C    sing N N 89  
ASN CA  CB   sing N N 90  
ASN CA  HA   sing N N 91  
ASN C   O    doub N N 92  
ASN C   OXT  sing N N 93  
ASN CB  CG   sing N N 94  
ASN CB  HB2  sing N N 95  
ASN CB  HB3  sing N N 96  
ASN CG  OD1  doub N N 97  
ASN CG  ND2  sing N N 98  
ASN ND2 HD21 sing N N 99  
ASN ND2 HD22 sing N N 100 
ASN OXT HXT  sing N N 101 
ASP N   CA   sing N N 102 
ASP N   H    sing N N 103 
ASP N   H2   sing N N 104 
ASP CA  C    sing N N 105 
ASP CA  CB   sing N N 106 
ASP CA  HA   sing N N 107 
ASP C   O    doub N N 108 
ASP C   OXT  sing N N 109 
ASP CB  CG   sing N N 110 
ASP CB  HB2  sing N N 111 
ASP CB  HB3  sing N N 112 
ASP CG  OD1  doub N N 113 
ASP CG  OD2  sing N N 114 
ASP OD2 HD2  sing N N 115 
ASP OXT HXT  sing N N 116 
GLN N   CA   sing N N 117 
GLN N   H    sing N N 118 
GLN N   H2   sing N N 119 
GLN CA  C    sing N N 120 
GLN CA  CB   sing N N 121 
GLN CA  HA   sing N N 122 
GLN C   O    doub N N 123 
GLN C   OXT  sing N N 124 
GLN CB  CG   sing N N 125 
GLN CB  HB2  sing N N 126 
GLN CB  HB3  sing N N 127 
GLN CG  CD   sing N N 128 
GLN CG  HG2  sing N N 129 
GLN CG  HG3  sing N N 130 
GLN CD  OE1  doub N N 131 
GLN CD  NE2  sing N N 132 
GLN NE2 HE21 sing N N 133 
GLN NE2 HE22 sing N N 134 
GLN OXT HXT  sing N N 135 
GLU N   CA   sing N N 136 
GLU N   H    sing N N 137 
GLU N   H2   sing N N 138 
GLU CA  C    sing N N 139 
GLU CA  CB   sing N N 140 
GLU CA  HA   sing N N 141 
GLU C   O    doub N N 142 
GLU C   OXT  sing N N 143 
GLU CB  CG   sing N N 144 
GLU CB  HB2  sing N N 145 
GLU CB  HB3  sing N N 146 
GLU CG  CD   sing N N 147 
GLU CG  HG2  sing N N 148 
GLU CG  HG3  sing N N 149 
GLU CD  OE1  doub N N 150 
GLU CD  OE2  sing N N 151 
GLU OE2 HE2  sing N N 152 
GLU OXT HXT  sing N N 153 
GLY N   CA   sing N N 154 
GLY N   H    sing N N 155 
GLY N   H2   sing N N 156 
GLY CA  C    sing N N 157 
GLY CA  HA2  sing N N 158 
GLY CA  HA3  sing N N 159 
GLY C   O    doub N N 160 
GLY C   OXT  sing N N 161 
GLY OXT HXT  sing N N 162 
HIS N   CA   sing N N 163 
HIS N   H    sing N N 164 
HIS N   H2   sing N N 165 
HIS CA  C    sing N N 166 
HIS CA  CB   sing N N 167 
HIS CA  HA   sing N N 168 
HIS C   O    doub N N 169 
HIS C   OXT  sing N N 170 
HIS CB  CG   sing N N 171 
HIS CB  HB2  sing N N 172 
HIS CB  HB3  sing N N 173 
HIS CG  ND1  sing Y N 174 
HIS CG  CD2  doub Y N 175 
HIS ND1 CE1  doub Y N 176 
HIS ND1 HD1  sing N N 177 
HIS CD2 NE2  sing Y N 178 
HIS CD2 HD2  sing N N 179 
HIS CE1 NE2  sing Y N 180 
HIS CE1 HE1  sing N N 181 
HIS NE2 HE2  sing N N 182 
HIS OXT HXT  sing N N 183 
HOH O   H1   sing N N 184 
HOH O   H2   sing N N 185 
ILE N   CA   sing N N 186 
ILE N   H    sing N N 187 
ILE N   H2   sing N N 188 
ILE CA  C    sing N N 189 
ILE CA  CB   sing N N 190 
ILE CA  HA   sing N N 191 
ILE C   O    doub N N 192 
ILE C   OXT  sing N N 193 
ILE CB  CG1  sing N N 194 
ILE CB  CG2  sing N N 195 
ILE CB  HB   sing N N 196 
ILE CG1 CD1  sing N N 197 
ILE CG1 HG12 sing N N 198 
ILE CG1 HG13 sing N N 199 
ILE CG2 HG21 sing N N 200 
ILE CG2 HG22 sing N N 201 
ILE CG2 HG23 sing N N 202 
ILE CD1 HD11 sing N N 203 
ILE CD1 HD12 sing N N 204 
ILE CD1 HD13 sing N N 205 
ILE OXT HXT  sing N N 206 
LEU N   CA   sing N N 207 
LEU N   H    sing N N 208 
LEU N   H2   sing N N 209 
LEU CA  C    sing N N 210 
LEU CA  CB   sing N N 211 
LEU CA  HA   sing N N 212 
LEU C   O    doub N N 213 
LEU C   OXT  sing N N 214 
LEU CB  CG   sing N N 215 
LEU CB  HB2  sing N N 216 
LEU CB  HB3  sing N N 217 
LEU CG  CD1  sing N N 218 
LEU CG  CD2  sing N N 219 
LEU CG  HG   sing N N 220 
LEU CD1 HD11 sing N N 221 
LEU CD1 HD12 sing N N 222 
LEU CD1 HD13 sing N N 223 
LEU CD2 HD21 sing N N 224 
LEU CD2 HD22 sing N N 225 
LEU CD2 HD23 sing N N 226 
LEU OXT HXT  sing N N 227 
LYS N   CA   sing N N 228 
LYS N   H    sing N N 229 
LYS N   H2   sing N N 230 
LYS CA  C    sing N N 231 
LYS CA  CB   sing N N 232 
LYS CA  HA   sing N N 233 
LYS C   O    doub N N 234 
LYS C   OXT  sing N N 235 
LYS CB  CG   sing N N 236 
LYS CB  HB2  sing N N 237 
LYS CB  HB3  sing N N 238 
LYS CG  CD   sing N N 239 
LYS CG  HG2  sing N N 240 
LYS CG  HG3  sing N N 241 
LYS CD  CE   sing N N 242 
LYS CD  HD2  sing N N 243 
LYS CD  HD3  sing N N 244 
LYS CE  NZ   sing N N 245 
LYS CE  HE2  sing N N 246 
LYS CE  HE3  sing N N 247 
LYS NZ  HZ1  sing N N 248 
LYS NZ  HZ2  sing N N 249 
LYS NZ  HZ3  sing N N 250 
LYS OXT HXT  sing N N 251 
MET N   CA   sing N N 252 
MET N   H    sing N N 253 
MET N   H2   sing N N 254 
MET CA  C    sing N N 255 
MET CA  CB   sing N N 256 
MET CA  HA   sing N N 257 
MET C   O    doub N N 258 
MET C   OXT  sing N N 259 
MET CB  CG   sing N N 260 
MET CB  HB2  sing N N 261 
MET CB  HB3  sing N N 262 
MET CG  SD   sing N N 263 
MET CG  HG2  sing N N 264 
MET CG  HG3  sing N N 265 
MET SD  CE   sing N N 266 
MET CE  HE1  sing N N 267 
MET CE  HE2  sing N N 268 
MET CE  HE3  sing N N 269 
MET OXT HXT  sing N N 270 
PHE N   CA   sing N N 271 
PHE N   H    sing N N 272 
PHE N   H2   sing N N 273 
PHE CA  C    sing N N 274 
PHE CA  CB   sing N N 275 
PHE CA  HA   sing N N 276 
PHE C   O    doub N N 277 
PHE C   OXT  sing N N 278 
PHE CB  CG   sing N N 279 
PHE CB  HB2  sing N N 280 
PHE CB  HB3  sing N N 281 
PHE CG  CD1  doub Y N 282 
PHE CG  CD2  sing Y N 283 
PHE CD1 CE1  sing Y N 284 
PHE CD1 HD1  sing N N 285 
PHE CD2 CE2  doub Y N 286 
PHE CD2 HD2  sing N N 287 
PHE CE1 CZ   doub Y N 288 
PHE CE1 HE1  sing N N 289 
PHE CE2 CZ   sing Y N 290 
PHE CE2 HE2  sing N N 291 
PHE CZ  HZ   sing N N 292 
PHE OXT HXT  sing N N 293 
PRO N   CA   sing N N 294 
PRO N   CD   sing N N 295 
PRO N   H    sing N N 296 
PRO CA  C    sing N N 297 
PRO CA  CB   sing N N 298 
PRO CA  HA   sing N N 299 
PRO C   O    doub N N 300 
PRO C   OXT  sing N N 301 
PRO CB  CG   sing N N 302 
PRO CB  HB2  sing N N 303 
PRO CB  HB3  sing N N 304 
PRO CG  CD   sing N N 305 
PRO CG  HG2  sing N N 306 
PRO CG  HG3  sing N N 307 
PRO CD  HD2  sing N N 308 
PRO CD  HD3  sing N N 309 
PRO OXT HXT  sing N N 310 
SER N   CA   sing N N 311 
SER N   H    sing N N 312 
SER N   H2   sing N N 313 
SER CA  C    sing N N 314 
SER CA  CB   sing N N 315 
SER CA  HA   sing N N 316 
SER C   O    doub N N 317 
SER C   OXT  sing N N 318 
SER CB  OG   sing N N 319 
SER CB  HB2  sing N N 320 
SER CB  HB3  sing N N 321 
SER OG  HG   sing N N 322 
SER OXT HXT  sing N N 323 
THR N   CA   sing N N 324 
THR N   H    sing N N 325 
THR N   H2   sing N N 326 
THR CA  C    sing N N 327 
THR CA  CB   sing N N 328 
THR CA  HA   sing N N 329 
THR C   O    doub N N 330 
THR C   OXT  sing N N 331 
THR CB  OG1  sing N N 332 
THR CB  CG2  sing N N 333 
THR CB  HB   sing N N 334 
THR OG1 HG1  sing N N 335 
THR CG2 HG21 sing N N 336 
THR CG2 HG22 sing N N 337 
THR CG2 HG23 sing N N 338 
THR OXT HXT  sing N N 339 
TYR N   CA   sing N N 340 
TYR N   H    sing N N 341 
TYR N   H2   sing N N 342 
TYR CA  C    sing N N 343 
TYR CA  CB   sing N N 344 
TYR CA  HA   sing N N 345 
TYR C   O    doub N N 346 
TYR C   OXT  sing N N 347 
TYR CB  CG   sing N N 348 
TYR CB  HB2  sing N N 349 
TYR CB  HB3  sing N N 350 
TYR CG  CD1  doub Y N 351 
TYR CG  CD2  sing Y N 352 
TYR CD1 CE1  sing Y N 353 
TYR CD1 HD1  sing N N 354 
TYR CD2 CE2  doub Y N 355 
TYR CD2 HD2  sing N N 356 
TYR CE1 CZ   doub Y N 357 
TYR CE1 HE1  sing N N 358 
TYR CE2 CZ   sing Y N 359 
TYR CE2 HE2  sing N N 360 
TYR CZ  OH   sing N N 361 
TYR OH  HH   sing N N 362 
TYR OXT HXT  sing N N 363 
VAL N   CA   sing N N 364 
VAL N   H    sing N N 365 
VAL N   H2   sing N N 366 
VAL CA  C    sing N N 367 
VAL CA  CB   sing N N 368 
VAL CA  HA   sing N N 369 
VAL C   O    doub N N 370 
VAL C   OXT  sing N N 371 
VAL CB  CG1  sing N N 372 
VAL CB  CG2  sing N N 373 
VAL CB  HB   sing N N 374 
VAL CG1 HG11 sing N N 375 
VAL CG1 HG12 sing N N 376 
VAL CG1 HG13 sing N N 377 
VAL CG2 HG21 sing N N 378 
VAL CG2 HG22 sing N N 379 
VAL CG2 HG23 sing N N 380 
VAL OXT HXT  sing N N 381 
# 
_atom_sites.entry_id                    1NE8 
_atom_sites.fract_transf_matrix[1][1]   -0.01097645 
_atom_sites.fract_transf_matrix[1][2]   0.00757400 
_atom_sites.fract_transf_matrix[1][3]   0.01542385 
_atom_sites.fract_transf_matrix[2][1]   -0.00244769 
_atom_sites.fract_transf_matrix[2][2]   -0.01087262 
_atom_sites.fract_transf_matrix[2][3]   0.01707475 
_atom_sites.fract_transf_matrix[3][1]   0.00596689 
_atom_sites.fract_transf_matrix[3][2]   0.00300668 
_atom_sites.fract_transf_matrix[3][3]   0.00276991 
_atom_sites.fract_transf_vector[1]      0.559755 
_atom_sites.fract_transf_vector[2]      0.676996 
_atom_sites.fract_transf_vector[3]      0.137448 
# 
loop_
_atom_type.symbol 
C 
N 
O 
S 
# 
loop_
_atom_site.group_PDB 
_atom_site.id 
_atom_site.type_symbol 
_atom_site.label_atom_id 
_atom_site.label_alt_id 
_atom_site.label_comp_id 
_atom_site.label_asym_id 
_atom_site.label_entity_id 
_atom_site.label_seq_id 
_atom_site.pdbx_PDB_ins_code 
_atom_site.Cartn_x 
_atom_site.Cartn_y 
_atom_site.Cartn_z 
_atom_site.occupancy 
_atom_site.B_iso_or_equiv 
_atom_site.pdbx_formal_charge 
_atom_site.auth_seq_id 
_atom_site.auth_comp_id 
_atom_site.auth_asym_id 
_atom_site.auth_atom_id 
_atom_site.pdbx_PDB_model_num 
ATOM   1    N N   . LEU A 1 2   ? -12.306 -11.575 6.330   1.00 26.52 ? 1   LEU A N   1 
ATOM   2    C CA  . LEU A 1 2   ? -11.568 -10.515 7.095   1.00 26.42 ? 1   LEU A CA  1 
ATOM   3    C C   . LEU A 1 2   ? -11.970 -9.158  6.556   1.00 25.22 ? 1   LEU A C   1 
ATOM   4    O O   . LEU A 1 2   ? -11.840 -8.897  5.366   1.00 25.14 ? 1   LEU A O   1 
ATOM   5    C CB  . LEU A 1 2   ? -10.037 -10.677 7.002   1.00 26.77 ? 1   LEU A CB  1 
ATOM   6    C CG  . LEU A 1 2   ? -9.258  -9.518  7.689   1.00 28.42 ? 1   LEU A CG  1 
ATOM   7    C CD1 . LEU A 1 2   ? -9.490  -9.450  9.216   1.00 31.51 ? 1   LEU A CD1 1 
ATOM   8    C CD2 . LEU A 1 2   ? -7.783  -9.559  7.390   1.00 28.89 ? 1   LEU A CD2 1 
ATOM   9    N N   . ILE A 1 3   ? -12.483 -8.305  7.426   1.00 24.79 ? 2   ILE A N   1 
ATOM   10   C CA  . ILE A 1 3   ? -12.858 -6.945  7.036   1.00 24.14 ? 2   ILE A CA  1 
ATOM   11   C C   . ILE A 1 3   ? -11.671 -6.026  7.242   1.00 22.79 ? 2   ILE A C   1 
ATOM   12   O O   . ILE A 1 3   ? -11.130 -5.925  8.340   1.00 24.12 ? 2   ILE A O   1 
ATOM   13   C CB  . ILE A 1 3   ? -14.085 -6.438  7.849   1.00 24.58 ? 2   ILE A CB  1 
ATOM   14   C CG1 . ILE A 1 3   ? -15.331 -7.277  7.503   1.00 26.23 ? 2   ILE A CG1 1 
ATOM   15   C CG2 . ILE A 1 3   ? -14.378 -4.950  7.534   1.00 25.25 ? 2   ILE A CG2 1 
ATOM   16   C CD1 . ILE A 1 3   ? -16.443 -7.211  8.599   1.00 31.02 ? 2   ILE A CD1 1 
ATOM   17   N N   . VAL A 1 4   ? -11.260 -5.374  6.165   1.00 20.66 ? 3   VAL A N   1 
ATOM   18   C CA  . VAL A 1 4   ? -10.201 -4.397  6.237   1.00 17.73 ? 3   VAL A CA  1 
ATOM   19   C C   . VAL A 1 4   ? -10.777 -3.066  5.782   1.00 17.26 ? 3   VAL A C   1 
ATOM   20   O O   . VAL A 1 4   ? -11.928 -3.014  5.311   1.00 17.44 ? 3   VAL A O   1 
ATOM   21   C CB  . VAL A 1 4   ? -8.987  -4.821  5.384   1.00 18.09 ? 3   VAL A CB  1 
ATOM   22   C CG1 . VAL A 1 4   ? -8.451  -6.183  5.868   1.00 16.95 ? 3   VAL A CG1 1 
ATOM   23   C CG2 . VAL A 1 4   ? -9.311  -4.818  3.903   1.00 16.22 ? 3   VAL A CG2 1 
ATOM   24   N N   . LYS A 1 5   ? -9.995  -2.005  5.938   1.00 16.06 ? 4   LYS A N   1 
ATOM   25   C CA  . LYS A 1 5   ? -10.437 -0.659  5.616   1.00 15.89 ? 4   LYS A CA  1 
ATOM   26   C C   . LYS A 1 5   ? -9.376  -0.007  4.766   1.00 15.00 ? 4   LYS A C   1 
ATOM   27   O O   . LYS A 1 5   ? -8.184  -0.238  4.990   1.00 13.38 ? 4   LYS A O   1 
ATOM   28   C CB  . LYS A 1 5   ? -10.666 0.168   6.910   1.00 16.23 ? 4   LYS A CB  1 
ATOM   29   C CG  . LYS A 1 5   ? -11.876 -0.305  7.792   1.00 19.19 ? 4   LYS A CG  1 
ATOM   30   C CD  . LYS A 1 5   ? -13.239 -0.141  7.085   1.00 25.81 ? 4   LYS A CD  1 
ATOM   31   C CE  . LYS A 1 5   ? -14.474 -0.686  7.900   1.00 30.92 ? 4   LYS A CE  1 
ATOM   32   N NZ  . LYS A 1 5   ? -15.767 -0.840  7.025   1.00 29.43 ? 4   LYS A NZ  1 
ATOM   33   N N   . ARG A 1 6   ? -9.805  0.795   3.776   1.00 13.48 ? 5   ARG A N   1 
ATOM   34   C CA  . ARG A 1 6   ? -8.854  1.593   2.988   1.00 12.19 ? 5   ARG A CA  1 
ATOM   35   C C   . ARG A 1 6   ? -8.022  2.467   3.939   1.00 11.71 ? 5   ARG A C   1 
ATOM   36   O O   . ARG A 1 6   ? -8.573  3.089   4.834   1.00 12.05 ? 5   ARG A O   1 
ATOM   37   C CB  . ARG A 1 6   ? -9.626  2.475   2.007   1.00 12.47 ? 5   ARG A CB  1 
ATOM   38   C CG  . ARG A 1 6   ? -8.754  2.976   0.816   1.00 10.03 ? 5   ARG A CG  1 
ATOM   39   C CD  . ARG A 1 6   ? -9.512  3.858   -0.177  1.00 9.30  ? 5   ARG A CD  1 
ATOM   40   N NE  . ARG A 1 6   ? -8.725  4.057   -1.410  1.00 9.07  ? 5   ARG A NE  1 
ATOM   41   C CZ  . ARG A 1 6   ? -8.038  5.147   -1.641  1.00 10.83 ? 5   ARG A CZ  1 
ATOM   42   N NH1 . ARG A 1 6   ? -8.028  6.122   -0.705  1.00 11.97 ? 5   ARG A NH1 1 
ATOM   43   N NH2 . ARG A 1 6   ? -7.368  5.287   -2.792  1.00 13.48 ? 5   ARG A NH2 1 
ATOM   44   N N   . GLY A 1 7   ? -6.711  2.560   3.713   1.00 11.43 ? 6   GLY A N   1 
ATOM   45   C CA  . GLY A 1 7   ? -5.843  3.287   4.613   1.00 10.97 ? 6   GLY A CA  1 
ATOM   46   C C   . GLY A 1 7   ? -5.154  2.366   5.616   1.00 11.38 ? 6   GLY A C   1 
ATOM   47   O O   . GLY A 1 7   ? -4.140  2.743   6.177   1.00 11.45 ? 6   GLY A O   1 
ATOM   48   N N   . ASP A 1 8   ? -5.654  1.151   5.789   1.00 10.72 ? 7   ASP A N   1 
ATOM   49   C CA  . ASP A 1 8   ? -5.021  0.181   6.685   1.00 12.13 ? 7   ASP A CA  1 
ATOM   50   C C   . ASP A 1 8   ? -3.698  -0.304  6.093   1.00 12.34 ? 7   ASP A C   1 
ATOM   51   O O   . ASP A 1 8   ? -3.579  -0.479  4.877   1.00 12.18 ? 7   ASP A O   1 
ATOM   52   C CB  . ASP A 1 8   ? -5.890  -1.082  6.778   1.00 12.24 ? 7   ASP A CB  1 
ATOM   53   C CG  . ASP A 1 8   ? -7.043  -0.959  7.764   1.00 13.13 ? 7   ASP A CG  1 
ATOM   54   O OD1 . ASP A 1 8   ? -7.139  0.042   8.494   1.00 12.05 ? 7   ASP A OD1 1 
ATOM   55   O OD2 . ASP A 1 8   ? -7.909  -1.857  7.813   1.00 12.96 ? 7   ASP A OD2 1 
ATOM   56   N N   . VAL A 1 9   ? -2.720  -0.569  6.954   1.00 12.37 ? 8   VAL A N   1 
ATOM   57   C CA  . VAL A 1 9   ? -1.449  -1.161  6.508   1.00 10.93 ? 8   VAL A CA  1 
ATOM   58   C C   . VAL A 1 9   ? -1.351  -2.524  7.165   1.00 11.92 ? 8   VAL A C   1 
ATOM   59   O O   . VAL A 1 9   ? -1.524  -2.631  8.400   1.00 12.70 ? 8   VAL A O   1 
ATOM   60   C CB  . VAL A 1 9   ? -0.238  -0.313  6.923   1.00 11.41 ? 8   VAL A CB  1 
ATOM   61   C CG1 . VAL A 1 9   ? 1.088   -1.022  6.625   1.00 7.74  ? 8   VAL A CG1 1 
ATOM   62   C CG2 . VAL A 1 9   ? -0.274  1.113   6.210   1.00 11.93 ? 8   VAL A CG2 1 
ATOM   63   N N   . TYR A 1 10  ? -1.115  -3.550  6.350   1.00 11.87 ? 9   TYR A N   1 
ATOM   64   C CA  . TYR A 1 10  ? -1.015  -4.932  6.815   1.00 12.26 ? 9   TYR A CA  1 
ATOM   65   C C   . TYR A 1 10  ? 0.262   -5.563  6.298   1.00 12.13 ? 9   TYR A C   1 
ATOM   66   O O   . TYR A 1 10  ? 0.782   -5.144  5.269   1.00 12.02 ? 9   TYR A O   1 
ATOM   67   C CB  . TYR A 1 10  ? -2.180  -5.796  6.224   1.00 13.10 ? 9   TYR A CB  1 
ATOM   68   C CG  . TYR A 1 10  ? -3.481  -5.799  7.049   1.00 14.74 ? 9   TYR A CG  1 
ATOM   69   C CD1 . TYR A 1 10  ? -4.428  -4.753  6.934   1.00 16.64 ? 9   TYR A CD1 1 
ATOM   70   C CD2 . TYR A 1 10  ? -3.754  -6.826  7.920   1.00 18.91 ? 9   TYR A CD2 1 
ATOM   71   C CE1 . TYR A 1 10  ? -5.629  -4.768  7.682   1.00 16.12 ? 9   TYR A CE1 1 
ATOM   72   C CE2 . TYR A 1 10  ? -4.965  -6.870  8.666   1.00 19.77 ? 9   TYR A CE2 1 
ATOM   73   C CZ  . TYR A 1 10  ? -5.882  -5.823  8.540   1.00 20.68 ? 9   TYR A CZ  1 
ATOM   74   O OH  . TYR A 1 10  ? -7.034  -5.847  9.270   1.00 24.05 ? 9   TYR A OH  1 
ATOM   75   N N   . PHE A 1 11  ? 0.711   -6.633  6.968   1.00 11.86 ? 10  PHE A N   1 
ATOM   76   C CA  . PHE A 1 11  ? 1.652   -7.526  6.347   1.00 11.53 ? 10  PHE A CA  1 
ATOM   77   C C   . PHE A 1 11  ? 0.883   -8.431  5.373   1.00 11.87 ? 10  PHE A C   1 
ATOM   78   O O   . PHE A 1 11  ? -0.219  -8.913  5.679   1.00 11.23 ? 10  PHE A O   1 
ATOM   79   C CB  . PHE A 1 11  ? 2.424   -8.348  7.389   1.00 12.44 ? 10  PHE A CB  1 
ATOM   80   C CG  . PHE A 1 11  ? 3.563   -7.599  8.046   1.00 12.88 ? 10  PHE A CG  1 
ATOM   81   C CD1 . PHE A 1 11  ? 3.393   -7.018  9.286   1.00 14.12 ? 10  PHE A CD1 1 
ATOM   82   C CD2 . PHE A 1 11  ? 4.804   -7.479  7.405   1.00 13.83 ? 10  PHE A CD2 1 
ATOM   83   C CE1 . PHE A 1 11  ? 4.496   -6.315  9.920   1.00 15.73 ? 10  PHE A CE1 1 
ATOM   84   C CE2 . PHE A 1 11  ? 5.877   -6.789  8.018   1.00 14.05 ? 10  PHE A CE2 1 
ATOM   85   C CZ  . PHE A 1 11  ? 5.719   -6.213  9.269   1.00 13.31 ? 10  PHE A CZ  1 
ATOM   86   N N   . ALA A 1 12  ? 1.450   -8.617  4.184   1.00 10.69 ? 11  ALA A N   1 
ATOM   87   C CA  . ALA A 1 12  ? 0.902   -9.578  3.220   1.00 10.81 ? 11  ALA A CA  1 
ATOM   88   C C   . ALA A 1 12  ? 2.024   -10.361 2.594   1.00 10.75 ? 11  ALA A C   1 
ATOM   89   O O   . ALA A 1 12  ? 3.068   -9.794  2.273   1.00 10.12 ? 11  ALA A O   1 
ATOM   90   C CB  . ALA A 1 12  ? 0.123   -8.857  2.107   1.00 9.48  ? 11  ALA A CB  1 
ATOM   91   N N   . ASP A 1 13  ? 1.752   -11.631 2.303   1.00 11.64 ? 12  ASP A N   1 
ATOM   92   C CA  . ASP A 1 13  ? 2.712   -12.448 1.583   1.00 11.63 ? 12  ASP A CA  1 
ATOM   93   C C   . ASP A 1 13  ? 2.426   -12.278 0.095   1.00 12.72 ? 12  ASP A C   1 
ATOM   94   O O   . ASP A 1 13  ? 1.447   -12.840 -0.417  1.00 12.10 ? 12  ASP A O   1 
ATOM   95   C CB  . ASP A 1 13  ? 2.550   -13.913 1.992   1.00 11.66 ? 12  ASP A CB  1 
ATOM   96   C CG  . ASP A 1 13  ? 3.638   -14.799 1.403   1.00 16.59 ? 12  ASP A CG  1 
ATOM   97   O OD1 . ASP A 1 13  ? 4.459   -14.343 0.548   1.00 19.93 ? 12  ASP A OD1 1 
ATOM   98   O OD2 . ASP A 1 13  ? 3.768   -15.967 1.775   1.00 19.12 ? 12  ASP A OD2 1 
ATOM   99   N N   . LEU A 1 14  ? 3.310   -11.528 -0.583  1.00 12.90 ? 13  LEU A N   1 
ATOM   100  C CA  . LEU A 1 14  ? 3.198   -11.272 -2.020  1.00 14.26 ? 13  LEU A CA  1 
ATOM   101  C C   . LEU A 1 14  ? 3.884   -12.297 -2.931  1.00 14.79 ? 13  LEU A C   1 
ATOM   102  O O   . LEU A 1 14  ? 3.795   -12.186 -4.153  1.00 15.26 ? 13  LEU A O   1 
ATOM   103  C CB  . LEU A 1 14  ? 3.719   -9.848  -2.344  1.00 13.17 ? 13  LEU A CB  1 
ATOM   104  C CG  . LEU A 1 14  ? 2.949   -8.748  -1.602  1.00 13.25 ? 13  LEU A CG  1 
ATOM   105  C CD1 . LEU A 1 14  ? 3.398   -7.303  -2.064  1.00 14.54 ? 13  LEU A CD1 1 
ATOM   106  C CD2 . LEU A 1 14  ? 1.429   -8.965  -1.766  1.00 9.43  ? 13  LEU A CD2 1 
ATOM   107  N N   . SER A 1 15  ? 4.582   -13.262 -2.349  1.00 14.75 ? 14  SER A N   1 
ATOM   108  C CA  . SER A 1 15  ? 5.342   -14.264 -3.126  1.00 16.68 ? 14  SER A CA  1 
ATOM   109  C C   . SER A 1 15  ? 4.408   -15.335 -3.710  1.00 16.32 ? 14  SER A C   1 
ATOM   110  O O   . SER A 1 15  ? 3.335   -15.522 -3.188  1.00 17.06 ? 14  SER A O   1 
ATOM   111  C CB  . SER A 1 15  ? 6.361   -14.968 -2.207  1.00 17.41 ? 14  SER A CB  1 
ATOM   112  O OG  . SER A 1 15  ? 7.494   -14.098 -2.034  1.00 22.67 ? 14  SER A OG  1 
ATOM   113  N N   . PRO A 1 16  ? 4.812   -16.064 -4.747  1.00 15.55 ? 15  PRO A N   1 
ATOM   114  C CA  . PRO A 1 16  ? 6.042   -15.819 -5.507  1.00 15.54 ? 15  PRO A CA  1 
ATOM   115  C C   . PRO A 1 16  ? 5.875   -14.688 -6.529  1.00 14.79 ? 15  PRO A C   1 
ATOM   116  O O   . PRO A 1 16  ? 4.741   -14.316 -6.851  1.00 14.55 ? 15  PRO A O   1 
ATOM   117  C CB  . PRO A 1 16  ? 6.265   -17.163 -6.214  1.00 15.60 ? 15  PRO A CB  1 
ATOM   118  C CG  . PRO A 1 16  ? 4.910   -17.629 -6.482  1.00 16.39 ? 15  PRO A CG  1 
ATOM   119  C CD  . PRO A 1 16  ? 4.078   -17.234 -5.260  1.00 16.95 ? 15  PRO A CD  1 
ATOM   120  N N   . VAL A 1 17  ? 6.999   -14.145 -7.002  1.00 13.95 ? 16  VAL A N   1 
ATOM   121  C CA  . VAL A 1 17  ? 7.018   -13.095 -8.011  1.00 13.76 ? 16  VAL A CA  1 
ATOM   122  C C   . VAL A 1 17  ? 8.013   -13.363 -9.095  1.00 14.75 ? 16  VAL A C   1 
ATOM   123  O O   . VAL A 1 17  ? 8.883   -14.248 -8.987  1.00 15.17 ? 16  VAL A O   1 
ATOM   124  C CB  . VAL A 1 17  ? 7.359   -11.682 -7.427  1.00 12.18 ? 16  VAL A CB  1 
ATOM   125  C CG1 . VAL A 1 17  ? 6.183   -11.213 -6.600  1.00 12.39 ? 16  VAL A CG1 1 
ATOM   126  C CG2 . VAL A 1 17  ? 8.695   -11.719 -6.627  1.00 13.09 ? 16  VAL A CG2 1 
ATOM   127  N N   . VAL A 1 18  ? 7.880   -12.554 -10.142 1.00 14.22 ? 17  VAL A N   1 
ATOM   128  C CA  . VAL A 1 18  ? 8.750   -12.616 -11.303 1.00 15.17 ? 17  VAL A CA  1 
ATOM   129  C C   . VAL A 1 18  ? 9.470   -11.283 -11.520 1.00 15.60 ? 17  VAL A C   1 
ATOM   130  O O   . VAL A 1 18  ? 8.848   -10.222 -11.454 1.00 14.03 ? 17  VAL A O   1 
ATOM   131  C CB  . VAL A 1 18  ? 7.877   -12.951 -12.529 1.00 16.23 ? 17  VAL A CB  1 
ATOM   132  C CG1 . VAL A 1 18  ? 8.614   -12.735 -13.824 1.00 16.06 ? 17  VAL A CG1 1 
ATOM   133  C CG2 . VAL A 1 18  ? 7.370   -14.432 -12.413 1.00 15.79 ? 17  VAL A CG2 1 
ATOM   134  N N   . GLY A 1 19  ? 10.778  -11.325 -11.776 1.00 16.29 ? 18  GLY A N   1 
ATOM   135  C CA  . GLY A 1 19  ? 11.445  -10.154 -12.345 1.00 15.62 ? 18  GLY A CA  1 
ATOM   136  C C   . GLY A 1 19  ? 11.373  -8.960  -11.398 1.00 16.05 ? 18  GLY A C   1 
ATOM   137  O O   . GLY A 1 19  ? 11.764  -9.076  -10.265 1.00 15.63 ? 18  GLY A O   1 
ATOM   138  N N   . SER A 1 20  ? 10.877  -7.818  -11.862 1.00 15.87 ? 19  SER A N   1 
ATOM   139  C CA  . SER A 1 20  ? 10.846  -6.610  -11.027 1.00 16.55 ? 19  SER A CA  1 
ATOM   140  C C   . SER A 1 20  ? 9.574   -6.412  -10.201 1.00 16.07 ? 19  SER A C   1 
ATOM   141  O O   . SER A 1 20  ? 9.352   -5.306  -9.661  1.00 14.36 ? 19  SER A O   1 
ATOM   142  C CB  . SER A 1 20  ? 11.049  -5.360  -11.886 1.00 16.93 ? 19  SER A CB  1 
ATOM   143  O OG  . SER A 1 20  ? 12.342  -5.373  -12.400 1.00 17.30 ? 19  SER A OG  1 
ATOM   144  N N   . GLU A 1 21  ? 8.752   -7.465  -10.089 1.00 14.08 ? 20  GLU A N   1 
ATOM   145  C CA  . GLU A 1 21  ? 7.594   -7.404  -9.177  1.00 14.18 ? 20  GLU A CA  1 
ATOM   146  C C   . GLU A 1 21  ? 8.052   -7.421  -7.720  1.00 14.51 ? 20  GLU A C   1 
ATOM   147  O O   . GLU A 1 21  ? 8.993   -8.186  -7.366  1.00 14.92 ? 20  GLU A O   1 
ATOM   148  C CB  . GLU A 1 21  ? 6.648   -8.574  -9.413  1.00 12.64 ? 20  GLU A CB  1 
ATOM   149  C CG  . GLU A 1 21  ? 5.943   -8.503  -10.750 1.00 12.48 ? 20  GLU A CG  1 
ATOM   150  C CD  . GLU A 1 21  ? 5.552   -9.878  -11.299 1.00 13.04 ? 20  GLU A CD  1 
ATOM   151  O OE1 . GLU A 1 21  ? 5.471   -10.828 -10.484 1.00 12.19 ? 20  GLU A OE1 1 
ATOM   152  O OE2 . GLU A 1 21  ? 5.347   -9.991  -12.545 1.00 8.52  ? 20  GLU A OE2 1 
ATOM   153  N N   . GLN A 1 22  ? 7.440   -6.597  -6.869  1.00 12.92 ? 21  GLN A N   1 
ATOM   154  C CA  . GLN A 1 22  ? 7.863   -6.576  -5.457  1.00 13.89 ? 21  GLN A CA  1 
ATOM   155  C C   . GLN A 1 22  ? 7.281   -7.776  -4.722  1.00 14.81 ? 21  GLN A C   1 
ATOM   156  O O   . GLN A 1 22  ? 6.083   -7.967  -4.773  1.00 15.65 ? 21  GLN A O   1 
ATOM   157  C CB  . GLN A 1 22  ? 7.454   -5.273  -4.761  1.00 14.08 ? 21  GLN A CB  1 
ATOM   158  C CG  . GLN A 1 22  ? 8.276   -4.060  -5.181  1.00 18.60 ? 21  GLN A CG  1 
ATOM   159  C CD  . GLN A 1 22  ? 9.669   -4.008  -4.518  1.00 24.12 ? 21  GLN A CD  1 
ATOM   160  O OE1 . GLN A 1 22  ? 10.010  -4.844  -3.686  1.00 27.38 ? 21  GLN A OE1 1 
ATOM   161  N NE2 . GLN A 1 22  ? 10.479  -3.048  -4.930  1.00 27.54 ? 21  GLN A NE2 1 
ATOM   162  N N   . GLY A 1 23  ? 8.108   -8.616  -4.068  1.00 13.80 ? 22  GLY A N   1 
ATOM   163  C CA  . GLY A 1 23  ? 7.600   -9.861  -3.515  1.00 13.56 ? 22  GLY A CA  1 
ATOM   164  C C   . GLY A 1 23  ? 7.810   -9.935  -2.020  1.00 14.25 ? 22  GLY A C   1 
ATOM   165  O O   . GLY A 1 23  ? 7.959   -8.892  -1.357  1.00 13.46 ? 22  GLY A O   1 
ATOM   166  N N   . GLY A 1 24  ? 7.832   -11.163 -1.490  1.00 13.45 ? 23  GLY A N   1 
ATOM   167  C CA  . GLY A 1 24  ? 8.013   -11.378 -0.075  1.00 13.62 ? 23  GLY A CA  1 
ATOM   168  C C   . GLY A 1 24  ? 6.843   -11.065 0.836   1.00 13.06 ? 23  GLY A C   1 
ATOM   169  O O   . GLY A 1 24  ? 5.788   -10.592 0.441   1.00 12.71 ? 23  GLY A O   1 
ATOM   170  N N   . VAL A 1 25  ? 7.026   -11.384 2.108   1.00 13.47 ? 24  VAL A N   1 
ATOM   171  C CA  . VAL A 1 25  ? 6.107   -10.952 3.128   1.00 12.04 ? 24  VAL A CA  1 
ATOM   172  C C   . VAL A 1 25  ? 6.495   -9.492  3.522   1.00 13.40 ? 24  VAL A C   1 
ATOM   173  O O   . VAL A 1 25  ? 7.632   -9.252  3.953   1.00 12.16 ? 24  VAL A O   1 
ATOM   174  C CB  . VAL A 1 25  ? 6.232   -11.896 4.361   1.00 12.65 ? 24  VAL A CB  1 
ATOM   175  C CG1 . VAL A 1 25  ? 5.469   -11.358 5.551   1.00 11.76 ? 24  VAL A CG1 1 
ATOM   176  C CG2 . VAL A 1 25  ? 5.761   -13.321 4.000   1.00 12.51 ? 24  VAL A CG2 1 
ATOM   177  N N   . ARG A 1 26  ? 5.556   -8.536  3.361   1.00 12.24 ? 25  ARG A N   1 
ATOM   178  C CA  . ARG A 1 26  ? 5.875   -7.120  3.549   1.00 12.62 ? 25  ARG A CA  1 
ATOM   179  C C   . ARG A 1 26  ? 4.665   -6.284  3.943   1.00 12.13 ? 25  ARG A C   1 
ATOM   180  O O   . ARG A 1 26  ? 3.526   -6.727  3.778   1.00 11.60 ? 25  ARG A O   1 
ATOM   181  C CB  . ARG A 1 26  ? 6.513   -6.517  2.264   1.00 12.32 ? 25  ARG A CB  1 
ATOM   182  C CG  . ARG A 1 26  ? 5.511   -6.406  1.052   1.00 9.42  ? 25  ARG A CG  1 
ATOM   183  C CD  . ARG A 1 26  ? 6.078   -5.587  -0.093  1.00 10.67 ? 25  ARG A CD  1 
ATOM   184  N NE  . ARG A 1 26  ? 7.260   -6.224  -0.658  1.00 12.39 ? 25  ARG A NE  1 
ATOM   185  C CZ  . ARG A 1 26  ? 8.459   -5.675  -0.674  1.00 14.83 ? 25  ARG A CZ  1 
ATOM   186  N NH1 . ARG A 1 26  ? 8.650   -4.467  -0.135  1.00 13.86 ? 25  ARG A NH1 1 
ATOM   187  N NH2 . ARG A 1 26  ? 9.493   -6.356  -1.187  1.00 13.06 ? 25  ARG A NH2 1 
ATOM   188  N N   . PRO A 1 27  ? 4.915   -5.083  4.476   1.00 12.39 ? 26  PRO A N   1 
ATOM   189  C CA  . PRO A 1 27  ? 3.834   -4.110  4.658   1.00 12.36 ? 26  PRO A CA  1 
ATOM   190  C C   . PRO A 1 27  ? 3.253   -3.727  3.285   1.00 11.60 ? 26  PRO A C   1 
ATOM   191  O O   . PRO A 1 27  ? 3.982   -3.552  2.283   1.00 10.29 ? 26  PRO A O   1 
ATOM   192  C CB  . PRO A 1 27  ? 4.515   -2.895  5.327   1.00 13.80 ? 26  PRO A CB  1 
ATOM   193  C CG  . PRO A 1 27  ? 5.959   -3.230  5.481   1.00 14.44 ? 26  PRO A CG  1 
ATOM   194  C CD  . PRO A 1 27  ? 6.226   -4.559  4.897   1.00 12.80 ? 26  PRO A CD  1 
ATOM   195  N N   . VAL A 1 28  ? 1.929   -3.686  3.248   1.00 11.04 ? 27  VAL A N   1 
ATOM   196  C CA  . VAL A 1 28  ? 1.164   -3.239  2.081   1.00 10.02 ? 27  VAL A CA  1 
ATOM   197  C C   . VAL A 1 28  ? 0.038   -2.317  2.562   1.00 10.37 ? 27  VAL A C   1 
ATOM   198  O O   . VAL A 1 28  ? -0.500  -2.487  3.659   1.00 11.55 ? 27  VAL A O   1 
ATOM   199  C CB  . VAL A 1 28  ? 0.532   -4.439  1.277   1.00 9.88  ? 27  VAL A CB  1 
ATOM   200  C CG1 . VAL A 1 28  ? 1.650   -5.410  0.796   1.00 8.67  ? 27  VAL A CG1 1 
ATOM   201  C CG2 . VAL A 1 28  ? -0.517  -5.204  2.115   1.00 9.75  ? 27  VAL A CG2 1 
ATOM   202  N N   . LEU A 1 29  ? -0.320  -1.368  1.712   1.00 9.54  ? 28  LEU A N   1 
ATOM   203  C CA  . LEU A 1 29  ? -1.395  -0.435  1.964   1.00 9.20  ? 28  LEU A CA  1 
ATOM   204  C C   . LEU A 1 29  ? -2.676  -0.834  1.229   1.00 9.42  ? 28  LEU A C   1 
ATOM   205  O O   . LEU A 1 29  ? -2.663  -0.985  -0.008  1.00 9.44  ? 28  LEU A O   1 
ATOM   206  C CB  . LEU A 1 29  ? -0.938  0.965   1.512   1.00 6.44  ? 28  LEU A CB  1 
ATOM   207  C CG  . LEU A 1 29  ? -1.961  2.075   1.759   1.00 10.22 ? 28  LEU A CG  1 
ATOM   208  C CD1 . LEU A 1 29  ? -2.277  2.279   3.328   1.00 6.99  ? 28  LEU A CD1 1 
ATOM   209  C CD2 . LEU A 1 29  ? -1.551  3.358   0.979   1.00 6.86  ? 28  LEU A CD2 1 
ATOM   210  N N   . VAL A 1 30  ? -3.779  -0.932  1.969   1.00 8.67  ? 29  VAL A N   1 
ATOM   211  C CA  . VAL A 1 30  ? -5.080  -1.225  1.364   1.00 8.79  ? 29  VAL A CA  1 
ATOM   212  C C   . VAL A 1 30  ? -5.593  0.012   0.638   1.00 8.69  ? 29  VAL A C   1 
ATOM   213  O O   . VAL A 1 30  ? -5.805  1.089   1.268   1.00 9.38  ? 29  VAL A O   1 
ATOM   214  C CB  . VAL A 1 30  ? -6.086  -1.713  2.431   1.00 10.25 ? 29  VAL A CB  1 
ATOM   215  C CG1 . VAL A 1 30  ? -7.476  -1.974  1.788   1.00 10.37 ? 29  VAL A CG1 1 
ATOM   216  C CG2 . VAL A 1 30  ? -5.527  -2.959  3.152   1.00 7.32  ? 29  VAL A CG2 1 
ATOM   217  N N   . ILE A 1 31  ? -5.740  -0.119  -0.689  1.00 7.42  ? 30  ILE A N   1 
ATOM   218  C CA  . ILE A 1 31  ? -6.258  0.975   -1.512  1.00 7.98  ? 30  ILE A CA  1 
ATOM   219  C C   . ILE A 1 31  ? -7.617  0.712   -2.173  1.00 9.43  ? 30  ILE A C   1 
ATOM   220  O O   . ILE A 1 31  ? -8.189  1.620   -2.822  1.00 9.66  ? 30  ILE A O   1 
ATOM   221  C CB  . ILE A 1 31  ? -5.231  1.377   -2.584  1.00 7.44  ? 30  ILE A CB  1 
ATOM   222  C CG1 . ILE A 1 31  ? -4.875  0.160   -3.497  1.00 7.91  ? 30  ILE A CG1 1 
ATOM   223  C CG2 . ILE A 1 31  ? -3.947  2.019   -1.889  1.00 5.29  ? 30  ILE A CG2 1 
ATOM   224  C CD1 . ILE A 1 31  ? -3.935  0.569   -4.707  1.00 11.57 ? 30  ILE A CD1 1 
ATOM   225  N N   . GLN A 1 32  ? -8.144  -0.498  -2.027  1.00 10.08 ? 31  GLN A N   1 
ATOM   226  C CA  . GLN A 1 32  ? -9.478  -0.750  -2.549  1.00 10.96 ? 31  GLN A CA  1 
ATOM   227  C C   . GLN A 1 32  ? -10.519 0.030   -1.695  1.00 11.78 ? 31  GLN A C   1 
ATOM   228  O O   . GLN A 1 32  ? -10.319 0.256   -0.492  1.00 11.02 ? 31  GLN A O   1 
ATOM   229  C CB  . GLN A 1 32  ? -9.779  -2.251  -2.475  1.00 10.63 ? 31  GLN A CB  1 
ATOM   230  C CG  . GLN A 1 32  ? -11.206 -2.684  -2.904  1.00 10.00 ? 31  GLN A CG  1 
ATOM   231  C CD  . GLN A 1 32  ? -11.368 -4.226  -2.974  1.00 13.09 ? 31  GLN A CD  1 
ATOM   232  O OE1 . GLN A 1 32  ? -11.495 -4.757  -4.042  1.00 14.22 ? 31  GLN A OE1 1 
ATOM   233  N NE2 . GLN A 1 32  ? -11.402 -4.931  -1.817  1.00 9.95  ? 31  GLN A NE2 1 
ATOM   234  N N   . ASN A 1 33  ? -11.641 0.342   -2.324  1.00 12.32 ? 32  ASN A N   1 
ATOM   235  C CA  . ASN A 1 33  ? -12.857 0.876   -1.681  1.00 11.95 ? 32  ASN A CA  1 
ATOM   236  C C   . ASN A 1 33  ? -13.373 -0.045  -0.582  1.00 12.10 ? 32  ASN A C   1 
ATOM   237  O O   . ASN A 1 33  ? -13.052 -1.249  -0.553  1.00 11.94 ? 32  ASN A O   1 
ATOM   238  C CB  . ASN A 1 33  ? -13.956 1.087   -2.748  1.00 11.46 ? 32  ASN A CB  1 
ATOM   239  C CG  . ASN A 1 33  ? -14.644 -0.208  -3.161  1.00 11.99 ? 32  ASN A CG  1 
ATOM   240  O OD1 . ASN A 1 33  ? -15.598 -0.634  -2.508  1.00 15.06 ? 32  ASN A OD1 1 
ATOM   241  N ND2 . ASN A 1 33  ? -14.180 -0.838  -4.246  1.00 11.30 ? 32  ASN A ND2 1 
ATOM   242  N N   . ASP A 1 34  ? -14.159 0.517   0.334   1.00 11.71 ? 33  ASP A N   1 
ATOM   243  C CA  . ASP A 1 34  ? -14.493 -0.148  1.596   1.00 13.54 ? 33  ASP A CA  1 
ATOM   244  C C   . ASP A 1 34  ? -15.671 -1.124  1.450   1.00 14.19 ? 33  ASP A C   1 
ATOM   245  O O   . ASP A 1 34  ? -15.823 -2.057  2.242   1.00 15.55 ? 33  ASP A O   1 
ATOM   246  C CB  . ASP A 1 34  ? -14.754 0.894   2.687   1.00 12.86 ? 33  ASP A CB  1 
ATOM   247  C CG  . ASP A 1 34  ? -13.464 1.285   3.413   1.00 15.42 ? 33  ASP A CG  1 
ATOM   248  O OD1 . ASP A 1 34  ? -12.449 0.549   3.307   1.00 13.24 ? 33  ASP A OD1 1 
ATOM   249  O OD2 . ASP A 1 34  ? -13.360 2.301   4.104   1.00 17.85 ? 33  ASP A OD2 1 
ATOM   250  N N   . ILE A 1 35  ? -16.477 -0.933  0.413   1.00 14.54 ? 34  ILE A N   1 
ATOM   251  C CA  . ILE A 1 35  ? -17.472 -1.961  0.066   1.00 15.49 ? 34  ILE A CA  1 
ATOM   252  C C   . ILE A 1 35  ? -16.763 -3.252  -0.345  1.00 15.18 ? 34  ILE A C   1 
ATOM   253  O O   . ILE A 1 35  ? -17.016 -4.307  0.242   1.00 16.01 ? 34  ILE A O   1 
ATOM   254  C CB  . ILE A 1 35  ? -18.399 -1.472  -1.063  1.00 14.99 ? 34  ILE A CB  1 
ATOM   255  C CG1 . ILE A 1 35  ? -19.074 -0.131  -0.676  1.00 18.03 ? 34  ILE A CG1 1 
ATOM   256  C CG2 . ILE A 1 35  ? -19.349 -2.595  -1.451  1.00 16.98 ? 34  ILE A CG2 1 
ATOM   257  C CD1 . ILE A 1 35  ? -20.057 -0.262  0.534   1.00 21.69 ? 34  ILE A CD1 1 
ATOM   258  N N   . GLY A 1 36  ? -15.883 -3.172  -1.351  1.00 13.99 ? 35  GLY A N   1 
ATOM   259  C CA  . GLY A 1 36  ? -15.060 -4.314  -1.703  1.00 14.31 ? 35  GLY A CA  1 
ATOM   260  C C   . GLY A 1 36  ? -14.343 -4.857  -0.466  1.00 15.57 ? 35  GLY A C   1 
ATOM   261  O O   . GLY A 1 36  ? -14.316 -6.077  -0.222  1.00 15.76 ? 35  GLY A O   1 
ATOM   262  N N   . ASN A 1 37  ? -13.743 -3.969  0.325   1.00 15.11 ? 36  ASN A N   1 
ATOM   263  C CA  . ASN A 1 37  ? -12.947 -4.434  1.470   1.00 15.79 ? 36  ASN A CA  1 
ATOM   264  C C   . ASN A 1 37  ? -13.804 -5.217  2.487   1.00 17.72 ? 36  ASN A C   1 
ATOM   265  O O   . ASN A 1 37  ? -13.307 -6.069  3.222   1.00 16.72 ? 36  ASN A O   1 
ATOM   266  C CB  . ASN A 1 37  ? -12.305 -3.255  2.166   1.00 16.11 ? 36  ASN A CB  1 
ATOM   267  C CG  . ASN A 1 37  ? -11.191 -2.662  1.368   1.00 14.73 ? 36  ASN A CG  1 
ATOM   268  O OD1 . ASN A 1 37  ? -10.551 -3.357  0.548   1.00 11.94 ? 36  ASN A OD1 1 
ATOM   269  N ND2 . ASN A 1 37  ? -10.926 -1.389  1.601   1.00 12.25 ? 36  ASN A ND2 1 
ATOM   270  N N   . ARG A 1 38  ? -15.090 -4.904  2.513   1.00 18.81 ? 37  ARG A N   1 
ATOM   271  C CA  . ARG A 1 38  ? -16.001 -5.525  3.442   1.00 20.65 ? 37  ARG A CA  1 
ATOM   272  C C   . ARG A 1 38  ? -16.581 -6.842  2.923   1.00 20.21 ? 37  ARG A C   1 
ATOM   273  O O   . ARG A 1 38  ? -16.596 -7.790  3.664   1.00 19.88 ? 37  ARG A O   1 
ATOM   274  C CB  . ARG A 1 38  ? -17.129 -4.578  3.854   1.00 20.86 ? 37  ARG A CB  1 
ATOM   275  C CG  . ARG A 1 38  ? -18.128 -5.270  4.819   1.00 26.68 ? 37  ARG A CG  1 
ATOM   276  C CD  . ARG A 1 38  ? -19.254 -4.365  5.330   1.00 34.08 ? 37  ARG A CD  1 
ATOM   277  N NE  . ARG A 1 38  ? -18.741 -3.503  6.380   1.00 41.70 ? 37  ARG A NE  1 
ATOM   278  C CZ  . ARG A 1 38  ? -18.732 -3.843  7.669   1.00 43.87 ? 37  ARG A CZ  1 
ATOM   279  N NH1 . ARG A 1 38  ? -19.247 -5.009  8.043   1.00 43.87 ? 37  ARG A NH1 1 
ATOM   280  N NH2 . ARG A 1 38  ? -18.218 -3.016  8.572   1.00 44.90 ? 37  ARG A NH2 1 
ATOM   281  N N   . PHE A 1 39  ? -17.025 -6.894  1.667   1.00 19.65 ? 38  PHE A N   1 
ATOM   282  C CA  . PHE A 1 39  ? -17.752 -8.048  1.173   1.00 20.66 ? 38  PHE A CA  1 
ATOM   283  C C   . PHE A 1 39  ? -16.945 -8.955  0.246   1.00 20.80 ? 38  PHE A C   1 
ATOM   284  O O   . PHE A 1 39  ? -17.349 -10.059 0.001   1.00 21.13 ? 38  PHE A O   1 
ATOM   285  C CB  . PHE A 1 39  ? -19.074 -7.629  0.508   1.00 20.94 ? 38  PHE A CB  1 
ATOM   286  C CG  . PHE A 1 39  ? -19.992 -6.874  1.444   1.00 24.87 ? 38  PHE A CG  1 
ATOM   287  C CD1 . PHE A 1 39  ? -20.796 -7.568  2.375   1.00 25.95 ? 38  PHE A CD1 1 
ATOM   288  C CD2 . PHE A 1 39  ? -20.024 -5.475  1.437   1.00 24.71 ? 38  PHE A CD2 1 
ATOM   289  C CE1 . PHE A 1 39  ? -21.639 -6.867  3.257   1.00 27.57 ? 38  PHE A CE1 1 
ATOM   290  C CE2 . PHE A 1 39  ? -20.872 -4.772  2.320   1.00 26.77 ? 38  PHE A CE2 1 
ATOM   291  C CZ  . PHE A 1 39  ? -21.676 -5.462  3.232   1.00 25.98 ? 38  PHE A CZ  1 
ATOM   292  N N   . SER A 1 40  ? -15.814 -8.497  -0.260  1.00 18.95 ? 39  SER A N   1 
ATOM   293  C CA  . SER A 1 40  ? -15.082 -9.286  -1.234  1.00 18.94 ? 39  SER A CA  1 
ATOM   294  C C   . SER A 1 40  ? -14.053 -10.175 -0.538  1.00 17.44 ? 39  SER A C   1 
ATOM   295  O O   . SER A 1 40  ? -13.588 -9.840  0.547   1.00 15.59 ? 39  SER A O   1 
ATOM   296  C CB  . SER A 1 40  ? -14.405 -8.347  -2.242  1.00 19.62 ? 39  SER A CB  1 
ATOM   297  O OG  . SER A 1 40  ? -13.427 -9.059  -2.954  1.00 24.22 ? 39  SER A OG  1 
ATOM   298  N N   . PRO A 1 41  ? -13.723 -11.324 -1.123  1.00 16.87 ? 40  PRO A N   1 
ATOM   299  C CA  . PRO A 1 41  ? -12.641 -12.142 -0.581  1.00 16.92 ? 40  PRO A CA  1 
ATOM   300  C C   . PRO A 1 41  ? -11.282 -11.578 -0.943  1.00 15.05 ? 40  PRO A C   1 
ATOM   301  O O   . PRO A 1 41  ? -10.295 -12.139 -0.470  1.00 14.97 ? 40  PRO A O   1 
ATOM   302  C CB  . PRO A 1 41  ? -12.847 -13.498 -1.296  1.00 16.30 ? 40  PRO A CB  1 
ATOM   303  C CG  . PRO A 1 41  ? -13.404 -13.090 -2.604  1.00 18.63 ? 40  PRO A CG  1 
ATOM   304  C CD  . PRO A 1 41  ? -14.351 -11.986 -2.284  1.00 17.44 ? 40  PRO A CD  1 
ATOM   305  N N   . THR A 1 42  ? -11.217 -10.542 -1.772  1.00 13.83 ? 41  THR A N   1 
ATOM   306  C CA  . THR A 1 42  ? -9.920  -9.982  -2.135  1.00 14.06 ? 41  THR A CA  1 
ATOM   307  C C   . THR A 1 42  ? -9.848  -8.521  -1.721  1.00 14.21 ? 41  THR A C   1 
ATOM   308  O O   . THR A 1 42  ? -10.887 -7.854  -1.621  1.00 13.91 ? 41  THR A O   1 
ATOM   309  C CB  . THR A 1 42  ? -9.666  -10.055 -3.662  1.00 15.13 ? 41  THR A CB  1 
ATOM   310  O OG1 . THR A 1 42  ? -10.778 -9.484  -4.359  1.00 12.10 ? 41  THR A OG1 1 
ATOM   311  C CG2 . THR A 1 42  ? -9.584  -11.507 -4.190  1.00 10.53 ? 41  THR A CG2 1 
ATOM   312  N N   . ALA A 1 43  ? -8.620  -8.028  -1.533  1.00 13.30 ? 42  ALA A N   1 
ATOM   313  C CA  . ALA A 1 43  ? -8.332  -6.629  -1.284  1.00 12.79 ? 42  ALA A CA  1 
ATOM   314  C C   . ALA A 1 43  ? -7.378  -6.145  -2.399  1.00 13.05 ? 42  ALA A C   1 
ATOM   315  O O   . ALA A 1 43  ? -6.728  -6.968  -3.060  1.00 15.16 ? 42  ALA A O   1 
ATOM   316  C CB  . ALA A 1 43  ? -7.667  -6.461  0.123   1.00 12.78 ? 42  ALA A CB  1 
ATOM   317  N N   . ILE A 1 44  ? -7.291  -4.832  -2.621  1.00 11.58 ? 43  ILE A N   1 
ATOM   318  C CA  . ILE A 1 44  ? -6.272  -4.311  -3.543  1.00 10.50 ? 43  ILE A CA  1 
ATOM   319  C C   . ILE A 1 44  ? -5.344  -3.515  -2.681  1.00 10.66 ? 43  ILE A C   1 
ATOM   320  O O   . ILE A 1 44  ? -5.810  -2.753  -1.797  1.00 9.27  ? 43  ILE A O   1 
ATOM   321  C CB  . ILE A 1 44  ? -6.865  -3.438  -4.670  1.00 10.78 ? 43  ILE A CB  1 
ATOM   322  C CG1 . ILE A 1 44  ? -8.000  -4.224  -5.368  1.00 8.98  ? 43  ILE A CG1 1 
ATOM   323  C CG2 . ILE A 1 44  ? -5.698  -3.038  -5.651  1.00 9.10  ? 43  ILE A CG2 1 
ATOM   324  C CD1 . ILE A 1 44  ? -8.822  -3.339  -6.421  1.00 11.18 ? 43  ILE A CD1 1 
ATOM   325  N N   . VAL A 1 45  ? -4.043  -3.748  -2.879  1.00 9.20  ? 44  VAL A N   1 
ATOM   326  C CA  . VAL A 1 45  ? -3.024  -3.185  -1.977  1.00 8.44  ? 44  VAL A CA  1 
ATOM   327  C C   . VAL A 1 45  ? -1.870  -2.620  -2.817  1.00 9.56  ? 44  VAL A C   1 
ATOM   328  O O   . VAL A 1 45  ? -1.680  -3.018  -3.978  1.00 10.29 ? 44  VAL A O   1 
ATOM   329  C CB  . VAL A 1 45  ? -2.483  -4.248  -0.944  1.00 8.46  ? 44  VAL A CB  1 
ATOM   330  C CG1 . VAL A 1 45  ? -3.655  -4.890  -0.052  1.00 6.18  ? 44  VAL A CG1 1 
ATOM   331  C CG2 . VAL A 1 45  ? -1.649  -5.391  -1.644  1.00 8.21  ? 44  VAL A CG2 1 
ATOM   332  N N   . ALA A 1 46  ? -1.110  -1.717  -2.218  1.00 8.72  ? 45  ALA A N   1 
ATOM   333  C CA  . ALA A 1 46  ? 0.160   -1.223  -2.776  1.00 9.60  ? 45  ALA A CA  1 
ATOM   334  C C   . ALA A 1 46  ? 1.332   -1.671  -1.890  1.00 9.49  ? 45  ALA A C   1 
ATOM   335  O O   . ALA A 1 46  ? 1.234   -1.594  -0.688  1.00 9.37  ? 45  ALA A O   1 
ATOM   336  C CB  . ALA A 1 46  ? 0.112   0.283   -2.873  1.00 8.86  ? 45  ALA A CB  1 
ATOM   337  N N   . ALA A 1 47  ? 2.413   -2.157  -2.498  1.00 9.48  ? 46  ALA A N   1 
ATOM   338  C CA  . ALA A 1 47  ? 3.581   -2.607  -1.783  1.00 9.72  ? 46  ALA A CA  1 
ATOM   339  C C   . ALA A 1 47  ? 4.262   -1.395  -1.104  1.00 10.38 ? 46  ALA A C   1 
ATOM   340  O O   . ALA A 1 47  ? 4.266   -0.288  -1.644  1.00 11.16 ? 46  ALA A O   1 
ATOM   341  C CB  . ALA A 1 47  ? 4.570   -3.261  -2.751  1.00 8.42  ? 46  ALA A CB  1 
ATOM   342  N N   . ILE A 1 48  ? 4.806   -1.632  0.086   1.00 10.06 ? 47  ILE A N   1 
ATOM   343  C CA  . ILE A 1 48  ? 5.632   -0.655  0.780   1.00 11.71 ? 47  ILE A CA  1 
ATOM   344  C C   . ILE A 1 48  ? 7.050   -1.232  0.919   1.00 11.46 ? 47  ILE A C   1 
ATOM   345  O O   . ILE A 1 48  ? 7.218   -2.419  1.217   1.00 11.46 ? 47  ILE A O   1 
ATOM   346  C CB  . ILE A 1 48  ? 5.031   -0.302  2.186   1.00 11.58 ? 47  ILE A CB  1 
ATOM   347  C CG1 . ILE A 1 48  ? 3.668   0.423   2.037   1.00 12.86 ? 47  ILE A CG1 1 
ATOM   348  C CG2 . ILE A 1 48  ? 5.983   0.570   2.975   1.00 12.69 ? 47  ILE A CG2 1 
ATOM   349  C CD1 . ILE A 1 48  ? 2.770   0.330   3.324   1.00 11.65 ? 47  ILE A CD1 1 
ATOM   350  N N   . THR A 1 49  ? 8.057   -0.393  0.698   1.00 10.56 ? 48  THR A N   1 
ATOM   351  C CA  . THR A 1 49  ? 9.453   -0.830  0.795   1.00 11.19 ? 48  THR A CA  1 
ATOM   352  C C   . THR A 1 49  ? 10.233  0.041   1.792   1.00 12.67 ? 48  THR A C   1 
ATOM   353  O O   . THR A 1 49  ? 9.969   1.240   1.896   1.00 12.20 ? 48  THR A O   1 
ATOM   354  C CB  . THR A 1 49  ? 10.137  -0.751  -0.608  1.00 12.94 ? 48  THR A CB  1 
ATOM   355  O OG1 . THR A 1 49  ? 11.519  -1.170  -0.507  1.00 12.12 ? 48  THR A OG1 1 
ATOM   356  C CG2 . THR A 1 49  ? 10.194  0.713   -1.105  1.00 9.83  ? 48  THR A CG2 1 
ATOM   357  N N   . ALA A 1 50  ? 11.165  -0.575  2.516   1.00 14.03 ? 49  ALA A N   1 
ATOM   358  C CA  . ALA A 1 50  ? 12.146  0.138   3.338   1.00 16.55 ? 49  ALA A CA  1 
ATOM   359  C C   . ALA A 1 50  ? 13.506  0.213   2.653   1.00 18.10 ? 49  ALA A C   1 
ATOM   360  O O   . ALA A 1 50  ? 14.471  0.764   3.223   1.00 17.95 ? 49  ALA A O   1 
ATOM   361  C CB  . ALA A 1 50  ? 12.289  -0.515  4.732   1.00 16.45 ? 49  ALA A CB  1 
ATOM   362  N N   . GLN A 1 51  ? 13.601  -0.320  1.438   1.00 18.94 ? 50  GLN A N   1 
ATOM   363  C CA  . GLN A 1 51  ? 14.870  -0.241  0.713   1.00 20.85 ? 50  GLN A CA  1 
ATOM   364  C C   . GLN A 1 51  ? 15.293  1.196   0.369   1.00 21.96 ? 50  GLN A C   1 
ATOM   365  O O   . GLN A 1 51  ? 16.493  1.506   0.247   1.00 21.46 ? 50  GLN A O   1 
ATOM   366  C CB  . GLN A 1 51  ? 14.834  -1.085  -0.557  1.00 20.38 ? 50  GLN A CB  1 
ATOM   367  C CG  . GLN A 1 51  ? 16.243  -1.426  -1.065  1.00 25.94 ? 50  GLN A CG  1 
ATOM   368  C CD  . GLN A 1 51  ? 16.241  -2.195  -2.386  1.00 31.04 ? 50  GLN A CD  1 
ATOM   369  O OE1 . GLN A 1 51  ? 17.310  -2.365  -3.011  1.00 34.19 ? 50  GLN A OE1 1 
ATOM   370  N NE2 . GLN A 1 51  ? 15.067  -2.667  -2.809  1.00 26.60 ? 50  GLN A NE2 1 
ATOM   371  N N   . ILE A 1 52  ? 14.301  2.062   0.184   1.00 21.55 ? 51  ILE A N   1 
ATOM   372  C CA  . ILE A 1 52  ? 14.566  3.464   -0.005  1.00 22.49 ? 51  ILE A CA  1 
ATOM   373  C C   . ILE A 1 52  ? 13.809  4.253   1.052   1.00 21.72 ? 51  ILE A C   1 
ATOM   374  O O   . ILE A 1 52  ? 12.867  3.751   1.661   1.00 21.63 ? 51  ILE A O   1 
ATOM   375  C CB  . ILE A 1 52  ? 14.163  3.928   -1.433  1.00 22.38 ? 51  ILE A CB  1 
ATOM   376  C CG1 . ILE A 1 52  ? 12.743  3.439   -1.779  1.00 21.91 ? 51  ILE A CG1 1 
ATOM   377  C CG2 . ILE A 1 52  ? 15.214  3.435   -2.448  1.00 23.83 ? 51  ILE A CG2 1 
ATOM   378  C CD1 . ILE A 1 52  ? 12.212  3.987   -3.101  1.00 23.03 ? 51  ILE A CD1 1 
ATOM   379  N N   . GLN A 1 53  ? 14.219  5.495   1.257   1.00 21.89 ? 52  GLN A N   1 
ATOM   380  C CA  . GLN A 1 53  ? 13.493  6.402   2.151   1.00 22.29 ? 52  GLN A CA  1 
ATOM   381  C C   . GLN A 1 53  ? 12.965  7.616   1.396   1.00 21.20 ? 52  GLN A C   1 
ATOM   382  O O   . GLN A 1 53  ? 12.102  8.293   1.882   1.00 21.76 ? 52  GLN A O   1 
ATOM   383  C CB  . GLN A 1 53  ? 14.383  6.882   3.309   1.00 23.45 ? 52  GLN A CB  1 
ATOM   384  C CG  . GLN A 1 53  ? 14.976  5.788   4.153   1.00 26.65 ? 52  GLN A CG  1 
ATOM   385  C CD  . GLN A 1 53  ? 16.142  5.131   3.449   1.00 34.10 ? 52  GLN A CD  1 
ATOM   386  O OE1 . GLN A 1 53  ? 17.041  5.826   2.928   1.00 35.14 ? 52  GLN A OE1 1 
ATOM   387  N NE2 . GLN A 1 53  ? 16.129  3.795   3.402   1.00 31.70 ? 52  GLN A NE2 1 
ATOM   388  N N   . LYS A 1 54  ? 13.486  7.906   0.216   1.00 21.28 ? 53  LYS A N   1 
ATOM   389  C CA  . LYS A 1 54  ? 13.025  9.084   -0.514  1.00 21.35 ? 53  LYS A CA  1 
ATOM   390  C C   . LYS A 1 54  ? 12.364  8.642   -1.815  1.00 21.27 ? 53  LYS A C   1 
ATOM   391  O O   . LYS A 1 54  ? 12.818  7.675   -2.452  1.00 20.49 ? 53  LYS A O   1 
ATOM   392  C CB  . LYS A 1 54  ? 14.216  9.995   -0.863  1.00 21.52 ? 53  LYS A CB  1 
ATOM   393  C CG  . LYS A 1 54  ? 14.912  10.643  0.353   1.00 24.54 ? 53  LYS A CG  1 
ATOM   394  N N   . ALA A 1 55  ? 11.378  9.424   -2.271  1.00 21.88 ? 54  ALA A N   1 
ATOM   395  C CA  . ALA A 1 55  ? 10.674  9.117   -3.526  1.00 21.50 ? 54  ALA A CA  1 
ATOM   396  C C   . ALA A 1 55  ? 11.654  9.239   -4.684  1.00 21.53 ? 54  ALA A C   1 
ATOM   397  O O   . ALA A 1 55  ? 12.437  10.186  -4.746  1.00 21.24 ? 54  ALA A O   1 
ATOM   398  C CB  . ALA A 1 55  ? 9.474   10.055  -3.723  1.00 21.61 ? 54  ALA A CB  1 
ATOM   399  N N   . LYS A 1 56  ? 11.649  8.244   -5.570  1.00 20.59 ? 55  LYS A N   1 
ATOM   400  C CA  . LYS A 1 56  ? 12.390  8.294   -6.818  1.00 19.81 ? 55  LYS A CA  1 
ATOM   401  C C   . LYS A 1 56  ? 11.426  8.572   -7.978  1.00 19.40 ? 55  LYS A C   1 
ATOM   402  O O   . LYS A 1 56  ? 11.833  9.056   -9.032  1.00 19.96 ? 55  LYS A O   1 
ATOM   403  C CB  . LYS A 1 56  ? 13.037  6.922   -7.095  1.00 20.66 ? 55  LYS A CB  1 
ATOM   404  C CG  . LYS A 1 56  ? 14.123  6.463   -6.127  1.00 22.63 ? 55  LYS A CG  1 
ATOM   405  C CD  . LYS A 1 56  ? 14.271  4.890   -6.118  1.00 28.34 ? 55  LYS A CD  1 
ATOM   406  C CE  . LYS A 1 56  ? 14.964  4.305   -7.377  1.00 32.26 ? 55  LYS A CE  1 
ATOM   407  N NZ  . LYS A 1 56  ? 14.917  2.768   -7.425  1.00 31.61 ? 55  LYS A NZ  1 
ATOM   408  N N   . LEU A 1 57  ? 10.157  8.182   -7.821  1.00 17.36 ? 56  LEU A N   1 
ATOM   409  C CA  . LEU A 1 57  ? 9.173   8.369   -8.887  1.00 16.20 ? 56  LEU A CA  1 
ATOM   410  C C   . LEU A 1 57  ? 8.023   9.198   -8.345  1.00 14.55 ? 56  LEU A C   1 
ATOM   411  O O   . LEU A 1 57  ? 7.854   9.256   -7.129  1.00 14.39 ? 56  LEU A O   1 
ATOM   412  C CB  . LEU A 1 57  ? 8.639   6.986   -9.371  1.00 15.41 ? 56  LEU A CB  1 
ATOM   413  C CG  . LEU A 1 57  ? 9.680   6.023   -9.967  1.00 16.61 ? 56  LEU A CG  1 
ATOM   414  C CD1 . LEU A 1 57  ? 9.075   4.633   -10.090 1.00 17.63 ? 56  LEU A CD1 1 
ATOM   415  C CD2 . LEU A 1 57  ? 10.253  6.514   -11.353 1.00 15.81 ? 56  LEU A CD2 1 
ATOM   416  N N   . PRO A 1 58  ? 7.192   9.779   -9.231  1.00 13.52 ? 57  PRO A N   1 
ATOM   417  C CA  . PRO A 1 58  ? 6.017   10.537  -8.786  1.00 12.47 ? 57  PRO A CA  1 
ATOM   418  C C   . PRO A 1 58  ? 4.903   9.584   -8.283  1.00 12.47 ? 57  PRO A C   1 
ATOM   419  O O   . PRO A 1 58  ? 3.875   10.019  -7.744  1.00 11.57 ? 57  PRO A O   1 
ATOM   420  C CB  . PRO A 1 58  ? 5.589   11.308  -10.065 1.00 12.44 ? 57  PRO A CB  1 
ATOM   421  C CG  . PRO A 1 58  ? 6.069   10.376  -11.239 1.00 12.58 ? 57  PRO A CG  1 
ATOM   422  C CD  . PRO A 1 58  ? 7.317   9.759   -10.712 1.00 13.25 ? 57  PRO A CD  1 
ATOM   423  N N   . THR A 1 59  ? 5.131   8.275   -8.401  1.00 12.74 ? 58  THR A N   1 
ATOM   424  C CA  . THR A 1 59  ? 4.174   7.300   -7.834  1.00 12.47 ? 58  THR A CA  1 
ATOM   425  C C   . THR A 1 59  ? 4.580   6.857   -6.433  1.00 13.20 ? 58  THR A C   1 
ATOM   426  O O   . THR A 1 59  ? 3.988   5.909   -5.889  1.00 12.65 ? 58  THR A O   1 
ATOM   427  C CB  . THR A 1 59  ? 4.057   6.038   -8.729  1.00 12.63 ? 58  THR A CB  1 
ATOM   428  O OG1 . THR A 1 59  ? 5.374   5.484   -8.943  1.00 10.40 ? 58  THR A OG1 1 
ATOM   429  C CG2 . THR A 1 59  ? 3.495   6.425   -10.124 1.00 13.68 ? 58  THR A CG2 1 
ATOM   430  N N   . HIS A 1 60  ? 5.618   7.490   -5.883  1.00 12.68 ? 59  HIS A N   1 
ATOM   431  C CA  . HIS A 1 60  ? 6.130   7.135   -4.546  1.00 13.18 ? 59  HIS A CA  1 
ATOM   432  C C   . HIS A 1 60  ? 5.636   8.116   -3.505  1.00 14.35 ? 59  HIS A C   1 
ATOM   433  O O   . HIS A 1 60  ? 5.615   9.352   -3.748  1.00 13.96 ? 59  HIS A O   1 
ATOM   434  C CB  . HIS A 1 60  ? 7.673   7.131   -4.531  1.00 12.10 ? 59  HIS A CB  1 
ATOM   435  C CG  . HIS A 1 60  ? 8.272   6.027   -5.334  1.00 12.67 ? 59  HIS A CG  1 
ATOM   436  N ND1 . HIS A 1 60  ? 9.624   5.906   -5.531  1.00 11.48 ? 59  HIS A ND1 1 
ATOM   437  C CD2 . HIS A 1 60  ? 7.703   4.968   -5.969  1.00 12.82 ? 59  HIS A CD2 1 
ATOM   438  C CE1 . HIS A 1 60  ? 9.877   4.826   -6.247  1.00 12.20 ? 59  HIS A CE1 1 
ATOM   439  N NE2 . HIS A 1 60  ? 8.728   4.248   -6.545  1.00 12.99 ? 59  HIS A NE2 1 
ATOM   440  N N   . VAL A 1 61  ? 5.270   7.592   -2.333  1.00 13.93 ? 60  VAL A N   1 
ATOM   441  C CA  . VAL A 1 61  ? 4.893   8.444   -1.206  1.00 13.48 ? 60  VAL A CA  1 
ATOM   442  C C   . VAL A 1 61  ? 5.727   8.021   0.033   1.00 15.20 ? 60  VAL A C   1 
ATOM   443  O O   . VAL A 1 61  ? 5.673   6.883   0.481   1.00 12.61 ? 60  VAL A O   1 
ATOM   444  C CB  . VAL A 1 61  ? 3.370   8.347   -0.837  1.00 13.22 ? 60  VAL A CB  1 
ATOM   445  C CG1 . VAL A 1 61  ? 3.047   9.227   0.441   1.00 13.02 ? 60  VAL A CG1 1 
ATOM   446  C CG2 . VAL A 1 61  ? 2.487   8.810   -2.047  1.00 11.89 ? 60  VAL A CG2 1 
ATOM   447  N N   . GLU A 1 62  ? 6.480   8.977   0.576   1.00 16.34 ? 61  GLU A N   1 
ATOM   448  C CA  . GLU A 1 62  ? 7.333   8.755   1.741   1.00 17.75 ? 61  GLU A CA  1 
ATOM   449  C C   . GLU A 1 62  ? 6.522   8.558   3.030   1.00 18.17 ? 61  GLU A C   1 
ATOM   450  O O   . GLU A 1 62  ? 5.515   9.252   3.285   1.00 18.48 ? 61  GLU A O   1 
ATOM   451  C CB  . GLU A 1 62  ? 8.315   9.940   1.891   1.00 17.41 ? 61  GLU A CB  1 
ATOM   452  C CG  . GLU A 1 62  ? 9.250   10.047  0.682   1.00 22.60 ? 61  GLU A CG  1 
ATOM   453  C CD  . GLU A 1 62  ? 9.993   11.385  0.534   1.00 27.25 ? 61  GLU A CD  1 
ATOM   454  O OE1 . GLU A 1 62  ? 9.937   12.243  1.448   1.00 28.76 ? 61  GLU A OE1 1 
ATOM   455  O OE2 . GLU A 1 62  ? 10.652  11.559  -0.515  1.00 26.60 ? 61  GLU A OE2 1 
ATOM   456  N N   . ILE A 1 63  ? 6.944   7.597   3.833   1.00 17.34 ? 62  ILE A N   1 
ATOM   457  C CA  . ILE A 1 63  ? 6.356   7.417   5.153   1.00 18.78 ? 62  ILE A CA  1 
ATOM   458  C C   . ILE A 1 63  ? 7.409   7.692   6.233   1.00 20.54 ? 62  ILE A C   1 
ATOM   459  O O   . ILE A 1 63  ? 8.395   6.957   6.379   1.00 20.87 ? 62  ILE A O   1 
ATOM   460  C CB  . ILE A 1 63  ? 5.883   6.011   5.388   1.00 18.80 ? 62  ILE A CB  1 
ATOM   461  C CG1 . ILE A 1 63  ? 4.779   5.596   4.406   1.00 20.14 ? 62  ILE A CG1 1 
ATOM   462  C CG2 . ILE A 1 63  ? 5.408   5.858   6.866   1.00 17.00 ? 62  ILE A CG2 1 
ATOM   463  C CD1 . ILE A 1 63  ? 4.469   4.077   4.558   1.00 18.97 ? 62  ILE A CD1 1 
ATOM   464  N N   . ASP A 1 64  ? 7.198   8.759   6.965   1.00 21.37 ? 63  ASP A N   1 
ATOM   465  C CA  . ASP A 1 64  ? 8.081   9.080   8.054   1.00 23.15 ? 63  ASP A CA  1 
ATOM   466  C C   . ASP A 1 64  ? 7.808   8.075   9.187   1.00 22.49 ? 63  ASP A C   1 
ATOM   467  O O   . ASP A 1 64  ? 6.692   8.015   9.699   1.00 21.98 ? 63  ASP A O   1 
ATOM   468  C CB  . ASP A 1 64  ? 7.848   10.507  8.531   1.00 24.29 ? 63  ASP A CB  1 
ATOM   469  C CG  . ASP A 1 64  ? 8.693   10.815  9.754   1.00 29.37 ? 63  ASP A CG  1 
ATOM   470  O OD1 . ASP A 1 64  ? 8.167   10.712  10.884  1.00 32.10 ? 63  ASP A OD1 1 
ATOM   471  O OD2 . ASP A 1 64  ? 9.914   11.052  9.652   1.00 36.34 ? 63  ASP A OD2 1 
ATOM   472  N N   . ALA A 1 65  ? 8.806   7.285   9.560   1.00 22.23 ? 64  ALA A N   1 
ATOM   473  C CA  . ALA A 1 65  ? 8.546   6.157   10.484  1.00 25.12 ? 64  ALA A CA  1 
ATOM   474  C C   . ALA A 1 65  ? 7.914   6.607   11.808  1.00 25.90 ? 64  ALA A C   1 
ATOM   475  O O   . ALA A 1 65  ? 6.893   6.047   12.262  1.00 26.36 ? 64  ALA A O   1 
ATOM   476  C CB  . ALA A 1 65  ? 9.794   5.345   10.734  1.00 24.41 ? 64  ALA A CB  1 
ATOM   477  N N   . LYS A 1 66  ? 8.495   7.650   12.383  1.00 27.31 ? 65  LYS A N   1 
ATOM   478  C CA  . LYS A 1 66  ? 8.060   8.144   13.674  1.00 28.44 ? 65  LYS A CA  1 
ATOM   479  C C   . LYS A 1 66  ? 6.634   8.643   13.598  1.00 29.54 ? 65  LYS A C   1 
ATOM   480  O O   . LYS A 1 66  ? 5.833   8.337   14.477  1.00 29.80 ? 65  LYS A O   1 
ATOM   481  C CB  . LYS A 1 66  ? 8.989   9.274   14.169  1.00 28.89 ? 65  LYS A CB  1 
ATOM   482  N N   . ARG A 1 67  ? 6.313   9.420   12.562  1.00 30.46 ? 66  ARG A N   1 
ATOM   483  C CA  . ARG A 1 67  ? 4.963   9.982   12.457  1.00 31.60 ? 66  ARG A CA  1 
ATOM   484  C C   . ARG A 1 67  ? 3.887   8.900   12.316  1.00 31.26 ? 66  ARG A C   1 
ATOM   485  O O   . ARG A 1 67  ? 2.807   9.017   12.901  1.00 31.04 ? 66  ARG A O   1 
ATOM   486  C CB  . ARG A 1 67  ? 4.869   10.971  11.280  1.00 31.87 ? 66  ARG A CB  1 
ATOM   487  C CG  . ARG A 1 67  ? 4.138   12.257  11.601  1.00 34.14 ? 66  ARG A CG  1 
ATOM   488  C CD  . ARG A 1 67  ? 3.120   12.708  10.559  1.00 40.94 ? 66  ARG A CD  1 
ATOM   489  N NE  . ARG A 1 67  ? 3.708   13.560  9.519   1.00 44.12 ? 66  ARG A NE  1 
ATOM   490  N N   . TYR A 1 68  ? 4.190   7.851   11.552  1.00 30.68 ? 67  TYR A N   1 
ATOM   491  C CA  . TYR A 1 68  ? 3.144   6.930   11.081  1.00 30.66 ? 67  TYR A CA  1 
ATOM   492  C C   . TYR A 1 68  ? 3.186   5.501   11.647  1.00 30.91 ? 67  TYR A C   1 
ATOM   493  O O   . TYR A 1 68  ? 2.399   4.648   11.222  1.00 31.66 ? 67  TYR A O   1 
ATOM   494  C CB  . TYR A 1 68  ? 3.089   6.915   9.541   1.00 29.95 ? 67  TYR A CB  1 
ATOM   495  C CG  . TYR A 1 68  ? 2.692   8.246   8.972   1.00 29.55 ? 67  TYR A CG  1 
ATOM   496  C CD1 . TYR A 1 68  ? 3.650   9.110   8.445   1.00 30.69 ? 67  TYR A CD1 1 
ATOM   497  C CD2 . TYR A 1 68  ? 1.354   8.648   8.967   1.00 29.40 ? 67  TYR A CD2 1 
ATOM   498  C CE1 . TYR A 1 68  ? 3.294   10.345  7.925   1.00 33.60 ? 67  TYR A CE1 1 
ATOM   499  C CE2 . TYR A 1 68  ? 0.979   9.893   8.460   1.00 31.10 ? 67  TYR A CE2 1 
ATOM   500  C CZ  . TYR A 1 68  ? 1.947   10.738  7.947   1.00 34.30 ? 67  TYR A CZ  1 
ATOM   501  O OH  . TYR A 1 68  ? 1.588   11.980  7.444   1.00 37.14 ? 67  TYR A OH  1 
ATOM   502  N N   . GLY A 1 69  ? 4.073   5.234   12.598  1.00 30.95 ? 68  GLY A N   1 
ATOM   503  C CA  . GLY A 1 69  ? 4.052   3.941   13.276  1.00 30.44 ? 68  GLY A CA  1 
ATOM   504  C C   . GLY A 1 69  ? 4.774   2.799   12.571  1.00 30.44 ? 68  GLY A C   1 
ATOM   505  O O   . GLY A 1 69  ? 4.422   1.625   12.780  1.00 30.71 ? 68  GLY A O   1 
ATOM   506  N N   . PHE A 1 70  ? 5.764   3.143   11.735  1.00 29.68 ? 69  PHE A N   1 
ATOM   507  C CA  . PHE A 1 70  ? 6.710   2.184   11.135  1.00 29.48 ? 69  PHE A CA  1 
ATOM   508  C C   . PHE A 1 70  ? 8.021   2.106   11.928  1.00 30.31 ? 69  PHE A C   1 
ATOM   509  O O   . PHE A 1 70  ? 8.402   3.052   12.654  1.00 29.96 ? 69  PHE A O   1 
ATOM   510  C CB  . PHE A 1 70  ? 7.019   2.583   9.680   1.00 29.40 ? 69  PHE A CB  1 
ATOM   511  C CG  . PHE A 1 70  ? 5.967   2.138   8.719   1.00 28.17 ? 69  PHE A CG  1 
ATOM   512  C CD1 . PHE A 1 70  ? 4.679   2.695   8.766   1.00 30.40 ? 69  PHE A CD1 1 
ATOM   513  C CD2 . PHE A 1 70  ? 6.236   1.133   7.812   1.00 27.15 ? 69  PHE A CD2 1 
ATOM   514  C CE1 . PHE A 1 70  ? 3.669   2.242   7.893   1.00 31.77 ? 69  PHE A CE1 1 
ATOM   515  C CE2 . PHE A 1 70  ? 5.250   0.685   6.940   1.00 29.66 ? 69  PHE A CE2 1 
ATOM   516  C CZ  . PHE A 1 70  ? 3.968   1.243   6.975   1.00 29.15 ? 69  PHE A CZ  1 
ATOM   517  N N   . GLU A 1 71  ? 8.745   1.002   11.761  1.00 31.01 ? 70  GLU A N   1 
ATOM   518  C CA  . GLU A 1 71  ? 10.034  0.864   12.429  1.00 31.00 ? 70  GLU A CA  1 
ATOM   519  C C   . GLU A 1 71  ? 11.076  1.769   11.730  1.00 30.83 ? 70  GLU A C   1 
ATOM   520  O O   . GLU A 1 71  ? 11.972  2.332   12.382  1.00 30.20 ? 70  GLU A O   1 
ATOM   521  C CB  . GLU A 1 71  ? 10.473  -0.611  12.481  1.00 31.77 ? 70  GLU A CB  1 
ATOM   522  C CG  . GLU A 1 71  ? 9.391   -1.624  12.933  1.00 34.21 ? 70  GLU A CG  1 
ATOM   523  C CD  . GLU A 1 71  ? 9.093   -1.615  14.456  1.00 35.35 ? 70  GLU A CD  1 
ATOM   524  O OE1 . GLU A 1 71  ? 7.914   -1.539  14.827  1.00 41.86 ? 70  GLU A OE1 1 
ATOM   525  O OE2 . GLU A 1 71  ? 9.997   -1.659  15.292  1.00 33.28 ? 70  GLU A OE2 1 
ATOM   526  N N   . ARG A 1 72  ? 10.922  1.947   10.414  1.00 29.51 ? 71  ARG A N   1 
ATOM   527  C CA  . ARG A 1 72  ? 11.935  2.610   9.577   1.00 28.58 ? 71  ARG A CA  1 
ATOM   528  C C   . ARG A 1 72  ? 11.285  3.452   8.486   1.00 26.74 ? 71  ARG A C   1 
ATOM   529  O O   . ARG A 1 72  ? 10.233  3.064   7.978   1.00 25.71 ? 71  ARG A O   1 
ATOM   530  C CB  . ARG A 1 72  ? 12.762  1.540   8.875   1.00 30.23 ? 71  ARG A CB  1 
ATOM   531  C CG  . ARG A 1 72  ? 13.905  1.029   9.704   1.00 32.23 ? 71  ARG A CG  1 
ATOM   532  C CD  . ARG A 1 72  ? 14.266  -0.407  9.409   1.00 35.73 ? 71  ARG A CD  1 
ATOM   533  N NE  . ARG A 1 72  ? 14.900  -1.014  10.581  1.00 32.37 ? 71  ARG A NE  1 
ATOM   534  C CZ  . ARG A 1 72  ? 15.968  -0.528  11.197  1.00 34.17 ? 71  ARG A CZ  1 
ATOM   535  N NH1 . ARG A 1 72  ? 16.554  0.591   10.756  1.00 35.89 ? 71  ARG A NH1 1 
ATOM   536  N NH2 . ARG A 1 72  ? 16.454  -1.156  12.262  1.00 30.99 ? 71  ARG A NH2 1 
ATOM   537  N N   . ASP A 1 73  ? 11.912  4.572   8.118   1.00 24.29 ? 72  ASP A N   1 
ATOM   538  C CA  . ASP A 1 73  ? 11.406  5.406   7.022   1.00 23.04 ? 72  ASP A CA  1 
ATOM   539  C C   . ASP A 1 73  ? 11.244  4.569   5.755   1.00 20.98 ? 72  ASP A C   1 
ATOM   540  O O   . ASP A 1 73  ? 12.142  3.835   5.356   1.00 19.91 ? 72  ASP A O   1 
ATOM   541  C CB  . ASP A 1 73  ? 12.332  6.560   6.723   1.00 23.98 ? 72  ASP A CB  1 
ATOM   542  C CG  . ASP A 1 73  ? 12.344  7.600   7.817   1.00 27.45 ? 72  ASP A CG  1 
ATOM   543  O OD1 . ASP A 1 73  ? 11.422  7.640   8.668   1.00 27.18 ? 72  ASP A OD1 1 
ATOM   544  O OD2 . ASP A 1 73  ? 13.263  8.440   7.874   1.00 33.99 ? 72  ASP A OD2 1 
ATOM   545  N N   . SER A 1 74  ? 10.057  4.645   5.185   1.00 18.72 ? 73  SER A N   1 
ATOM   546  C CA  . SER A 1 74  ? 9.696   3.770   4.079   1.00 17.31 ? 73  SER A CA  1 
ATOM   547  C C   . SER A 1 74  ? 9.093   4.554   2.953   1.00 16.09 ? 73  SER A C   1 
ATOM   548  O O   . SER A 1 74  ? 8.901   5.776   3.062   1.00 16.25 ? 73  SER A O   1 
ATOM   549  C CB  . SER A 1 74  ? 8.705   2.710   4.574   1.00 16.52 ? 73  SER A CB  1 
ATOM   550  O OG  . SER A 1 74  ? 9.373   1.835   5.433   1.00 17.77 ? 73  SER A OG  1 
ATOM   551  N N   . VAL A 1 75  ? 8.765   3.838   1.879   1.00 13.91 ? 74  VAL A N   1 
ATOM   552  C CA  . VAL A 1 75  ? 8.137   4.429   0.700   1.00 12.21 ? 74  VAL A CA  1 
ATOM   553  C C   . VAL A 1 75  ? 7.017   3.506   0.199   1.00 10.97 ? 74  VAL A C   1 
ATOM   554  O O   . VAL A 1 75  ? 7.240   2.309   -0.023  1.00 9.91  ? 74  VAL A O   1 
ATOM   555  C CB  . VAL A 1 75  ? 9.202   4.655   -0.439  1.00 12.52 ? 74  VAL A CB  1 
ATOM   556  C CG1 . VAL A 1 75  ? 8.521   5.191   -1.720  1.00 13.29 ? 74  VAL A CG1 1 
ATOM   557  C CG2 . VAL A 1 75  ? 10.335  5.639   0.052   1.00 13.09 ? 74  VAL A CG2 1 
ATOM   558  N N   . ILE A 1 76  ? 5.829   4.073   0.034   1.00 10.82 ? 75  ILE A N   1 
ATOM   559  C CA  . ILE A 1 76  ? 4.717   3.412   -0.636  1.00 10.64 ? 75  ILE A CA  1 
ATOM   560  C C   . ILE A 1 76  ? 4.872   3.482   -2.151  1.00 11.28 ? 75  ILE A C   1 
ATOM   561  O O   . ILE A 1 76  ? 5.035   4.590   -2.724  1.00 10.77 ? 75  ILE A O   1 
ATOM   562  C CB  . ILE A 1 76  ? 3.356   4.031   -0.201  1.00 11.66 ? 75  ILE A CB  1 
ATOM   563  C CG1 . ILE A 1 76  ? 3.329   4.256   1.344   1.00 11.16 ? 75  ILE A CG1 1 
ATOM   564  C CG2 . ILE A 1 76  ? 2.183   3.141   -0.662  1.00 8.35  ? 75  ILE A CG2 1 
ATOM   565  C CD1 . ILE A 1 76  ? 2.186   5.207   1.856   1.00 10.33 ? 75  ILE A CD1 1 
ATOM   566  N N   . LEU A 1 77  ? 4.825   2.307   -2.790  1.00 9.50  ? 76  LEU A N   1 
ATOM   567  C CA  . LEU A 1 77  ? 5.027   2.191   -4.243  1.00 9.72  ? 76  LEU A CA  1 
ATOM   568  C C   . LEU A 1 77  ? 3.690   2.056   -4.951  1.00 9.57  ? 76  LEU A C   1 
ATOM   569  O O   . LEU A 1 77  ? 3.139   0.948   -5.042  1.00 9.01  ? 76  LEU A O   1 
ATOM   570  C CB  . LEU A 1 77  ? 5.935   0.982   -4.582  1.00 8.50  ? 76  LEU A CB  1 
ATOM   571  C CG  . LEU A 1 77  ? 7.205   0.889   -3.736  1.00 12.85 ? 76  LEU A CG  1 
ATOM   572  C CD1 . LEU A 1 77  ? 7.889   -0.482  -3.934  1.00 11.55 ? 76  LEU A CD1 1 
ATOM   573  C CD2 . LEU A 1 77  ? 8.156   2.095   -4.003  1.00 10.56 ? 76  LEU A CD2 1 
ATOM   574  N N   . LEU A 1 78  ? 3.124   3.176   -5.400  1.00 9.55  ? 77  LEU A N   1 
ATOM   575  C CA  . LEU A 1 78  ? 1.823   3.119   -6.030  1.00 10.84 ? 77  LEU A CA  1 
ATOM   576  C C   . LEU A 1 78  ? 1.918   2.601   -7.473  1.00 11.17 ? 77  LEU A C   1 
ATOM   577  O O   . LEU A 1 78  ? 0.892   2.464   -8.171  1.00 11.07 ? 77  LEU A O   1 
ATOM   578  C CB  . LEU A 1 78  ? 1.090   4.488   -5.939  1.00 11.12 ? 77  LEU A CB  1 
ATOM   579  C CG  . LEU A 1 78  ? 0.418   4.862   -4.616  1.00 11.27 ? 77  LEU A CG  1 
ATOM   580  C CD1 . LEU A 1 78  ? -0.335  3.683   -4.044  1.00 8.01  ? 77  LEU A CD1 1 
ATOM   581  C CD2 . LEU A 1 78  ? 1.434   5.403   -3.553  1.00 5.34  ? 77  LEU A CD2 1 
ATOM   582  N N   . GLU A 1 79  ? 3.146   2.310   -7.926  1.00 11.60 ? 78  GLU A N   1 
ATOM   583  C CA  . GLU A 1 79  ? 3.360   1.624   -9.192  1.00 11.89 ? 78  GLU A CA  1 
ATOM   584  C C   . GLU A 1 79  ? 3.440   0.103   -8.958  1.00 12.55 ? 78  GLU A C   1 
ATOM   585  O O   . GLU A 1 79  ? 3.537   -0.671  -9.928  1.00 12.43 ? 78  GLU A O   1 
ATOM   586  C CB  . GLU A 1 79  ? 4.635   2.143   -9.937  1.00 12.23 ? 78  GLU A CB  1 
ATOM   587  C CG  . GLU A 1 79  ? 5.980   1.582   -9.454  1.00 12.07 ? 78  GLU A CG  1 
ATOM   588  C CD  . GLU A 1 79  ? 6.483   2.271   -8.199  1.00 14.53 ? 78  GLU A CD  1 
ATOM   589  O OE1 . GLU A 1 79  ? 5.747   3.145   -7.673  1.00 10.38 ? 78  GLU A OE1 1 
ATOM   590  O OE2 . GLU A 1 79  ? 7.608   1.941   -7.743  1.00 13.93 ? 78  GLU A OE2 1 
ATOM   591  N N   . GLN A 1 80  ? 3.387   -0.326  -7.698  1.00 11.60 ? 79  GLN A N   1 
ATOM   592  C CA  . GLN A 1 80  ? 3.446   -1.766  -7.399  1.00 11.97 ? 79  GLN A CA  1 
ATOM   593  C C   . GLN A 1 80  ? 2.157   -2.173  -6.716  1.00 13.03 ? 79  GLN A C   1 
ATOM   594  O O   . GLN A 1 80  ? 2.075   -2.206  -5.475  1.00 12.17 ? 79  GLN A O   1 
ATOM   595  C CB  . GLN A 1 80  ? 4.663   -2.079  -6.506  1.00 11.87 ? 79  GLN A CB  1 
ATOM   596  C CG  . GLN A 1 80  ? 5.955   -1.924  -7.306  1.00 12.22 ? 79  GLN A CG  1 
ATOM   597  C CD  . GLN A 1 80  ? 6.359   -3.218  -8.041  1.00 13.65 ? 79  GLN A CD  1 
ATOM   598  O OE1 . GLN A 1 80  ? 5.762   -4.290  -7.820  1.00 11.62 ? 79  GLN A OE1 1 
ATOM   599  N NE2 . GLN A 1 80  ? 7.415   -3.126  -8.872  1.00 16.21 ? 79  GLN A NE2 1 
ATOM   600  N N   . ILE A 1 81  ? 1.112   -2.384  -7.504  1.00 12.63 ? 80  ILE A N   1 
ATOM   601  C CA  . ILE A 1 81  ? -0.161  -2.643  -6.851  1.00 15.13 ? 80  ILE A CA  1 
ATOM   602  C C   . ILE A 1 81  ? -0.685  -4.016  -7.168  1.00 16.70 ? 80  ILE A C   1 
ATOM   603  O O   . ILE A 1 81  ? -0.326  -4.613  -8.206  1.00 17.77 ? 80  ILE A O   1 
ATOM   604  C CB  . ILE A 1 81  ? -1.229  -1.523  -7.077  1.00 17.01 ? 80  ILE A CB  1 
ATOM   605  C CG1 . ILE A 1 81  ? -1.492  -1.218  -8.530  1.00 18.48 ? 80  ILE A CG1 1 
ATOM   606  C CG2 . ILE A 1 81  ? -0.843  -0.211  -6.387  1.00 16.68 ? 80  ILE A CG2 1 
ATOM   607  C CD1 . ILE A 1 81  ? -2.108  0.191   -8.737  1.00 20.73 ? 80  ILE A CD1 1 
ATOM   608  N N   . ARG A 1 82  ? -1.500  -4.550  -6.265  1.00 16.51 ? 81  ARG A N   1 
ATOM   609  C CA  . ARG A 1 82  ? -2.218  -5.739  -6.638  1.00 17.34 ? 81  ARG A CA  1 
ATOM   610  C C   . ARG A 1 82  ? -3.404  -6.185  -5.825  1.00 15.31 ? 81  ARG A C   1 
ATOM   611  O O   . ARG A 1 82  ? -3.588  -5.842  -4.668  1.00 14.71 ? 81  ARG A O   1 
ATOM   612  C CB  . ARG A 1 82  ? -1.268  -6.894  -6.808  1.00 18.45 ? 81  ARG A CB  1 
ATOM   613  C CG  . ARG A 1 82  ? -0.411  -7.232  -5.647  1.00 19.21 ? 81  ARG A CG  1 
ATOM   614  C CD  . ARG A 1 82  ? 0.777   -8.057  -6.166  1.00 25.35 ? 81  ARG A CD  1 
ATOM   615  N NE  . ARG A 1 82  ? 0.319   -9.459  -6.283  1.00 24.99 ? 81  ARG A NE  1 
ATOM   616  C CZ  . ARG A 1 82  ? 1.085   -10.524 -6.035  1.00 22.51 ? 81  ARG A CZ  1 
ATOM   617  N NH1 . ARG A 1 82  ? 2.393   -10.373 -5.713  1.00 14.37 ? 81  ARG A NH1 1 
ATOM   618  N NH2 . ARG A 1 82  ? 0.541   -11.731 -6.136  1.00 14.97 ? 81  ARG A NH2 1 
ATOM   619  N N   . THR A 1 83  ? -4.175  -7.014  -6.500  1.00 13.83 ? 82  THR A N   1 
ATOM   620  C CA  . THR A 1 83  ? -5.331  -7.638  -5.907  1.00 12.47 ? 82  THR A CA  1 
ATOM   621  C C   . THR A 1 83  ? -4.887  -8.942  -5.252  1.00 11.98 ? 82  THR A C   1 
ATOM   622  O O   . THR A 1 83  ? -4.369  -9.821  -5.913  1.00 12.67 ? 82  THR A O   1 
ATOM   623  C CB  . THR A 1 83  ? -6.367  -7.911  -6.995  1.00 12.67 ? 82  THR A CB  1 
ATOM   624  O OG1 . THR A 1 83  ? -6.827  -6.647  -7.524  1.00 12.91 ? 82  THR A OG1 1 
ATOM   625  C CG2 . THR A 1 83  ? -7.618  -8.606  -6.354  1.00 9.89  ? 82  THR A CG2 1 
ATOM   626  N N   . ILE A 1 84  ? -5.155  -9.096  -3.964  1.00 11.07 ? 83  ILE A N   1 
ATOM   627  C CA  . ILE A 1 84  ? -4.749  -10.309 -3.276  1.00 11.24 ? 83  ILE A CA  1 
ATOM   628  C C   . ILE A 1 84  ? -5.928  -10.899 -2.551  1.00 12.18 ? 83  ILE A C   1 
ATOM   629  O O   . ILE A 1 84  ? -6.761  -10.178 -1.993  1.00 12.12 ? 83  ILE A O   1 
ATOM   630  C CB  . ILE A 1 84  ? -3.621  -10.012 -2.252  1.00 11.01 ? 83  ILE A CB  1 
ATOM   631  C CG1 . ILE A 1 84  ? -3.994  -8.836  -1.356  1.00 12.06 ? 83  ILE A CG1 1 
ATOM   632  C CG2 . ILE A 1 84  ? -2.278  -9.720  -2.969  1.00 10.36 ? 83  ILE A CG2 1 
ATOM   633  C CD1 . ILE A 1 84  ? -3.135  -8.738  -0.047  1.00 16.65 ? 83  ILE A CD1 1 
ATOM   634  N N   . ASP A 1 85  ? -5.942  -12.219 -2.497  1.00 12.09 ? 84  ASP A N   1 
ATOM   635  C CA  . ASP A 1 85  ? -6.856  -12.886 -1.629  1.00 13.07 ? 84  ASP A CA  1 
ATOM   636  C C   . ASP A 1 85  ? -6.482  -12.437 -0.197  1.00 13.81 ? 84  ASP A C   1 
ATOM   637  O O   . ASP A 1 85  ? -5.284  -12.349 0.131   1.00 12.55 ? 84  ASP A O   1 
ATOM   638  C CB  . ASP A 1 85  ? -6.682  -14.388 -1.779  1.00 13.55 ? 84  ASP A CB  1 
ATOM   639  C CG  . ASP A 1 85  ? -7.851  -15.128 -1.210  1.00 14.73 ? 84  ASP A CG  1 
ATOM   640  O OD1 . ASP A 1 85  ? -7.826  -15.363 0.019   1.00 14.14 ? 84  ASP A OD1 1 
ATOM   641  O OD2 . ASP A 1 85  ? -8.859  -15.388 -1.906  1.00 12.45 ? 84  ASP A OD2 1 
ATOM   642  N N   . LYS A 1 86  ? -7.493  -12.186 0.644   1.00 13.42 ? 85  LYS A N   1 
ATOM   643  C CA  . LYS A 1 86  ? -7.256  -11.816 2.043   1.00 14.44 ? 85  LYS A CA  1 
ATOM   644  C C   . LYS A 1 86  ? -6.507  -12.846 2.897   1.00 14.24 ? 85  LYS A C   1 
ATOM   645  O O   . LYS A 1 86  ? -5.954  -12.501 3.929   1.00 11.87 ? 85  LYS A O   1 
ATOM   646  C CB  . LYS A 1 86  ? -8.553  -11.428 2.749   1.00 14.24 ? 85  LYS A CB  1 
ATOM   647  C CG  . LYS A 1 86  ? -9.203  -10.201 2.114   1.00 18.58 ? 85  LYS A CG  1 
ATOM   648  C CD  . LYS A 1 86  ? -10.726 -10.151 2.431   1.00 20.39 ? 85  LYS A CD  1 
ATOM   649  C CE  . LYS A 1 86  ? -11.220 -8.708  2.375   1.00 20.61 ? 85  LYS A CE  1 
ATOM   650  N NZ  . LYS A 1 86  ? -12.649 -8.565  2.917   1.00 15.87 ? 85  LYS A NZ  1 
ATOM   651  N N   . GLN A 1 87  ? -6.484  -14.096 2.456   1.00 14.24 ? 86  GLN A N   1 
ATOM   652  C CA  . GLN A 1 87  ? -5.709  -15.121 3.152   1.00 15.63 ? 86  GLN A CA  1 
ATOM   653  C C   . GLN A 1 87  ? -4.195  -14.852 3.163   1.00 14.94 ? 86  GLN A C   1 
ATOM   654  O O   . GLN A 1 87  ? -3.471  -15.458 3.977   1.00 14.24 ? 86  GLN A O   1 
ATOM   655  C CB  . GLN A 1 87  ? -5.954  -16.479 2.512   1.00 17.03 ? 86  GLN A CB  1 
ATOM   656  C CG  . GLN A 1 87  ? -7.355  -17.026 2.708   1.00 24.44 ? 86  GLN A CG  1 
ATOM   657  C CD  . GLN A 1 87  ? -7.552  -18.288 1.881   1.00 34.03 ? 86  GLN A CD  1 
ATOM   658  O OE1 . GLN A 1 87  ? -7.620  -18.222 0.639   1.00 36.24 ? 86  GLN A OE1 1 
ATOM   659  N NE2 . GLN A 1 87  ? -7.587  -19.448 2.555   1.00 36.25 ? 86  GLN A NE2 1 
ATOM   660  N N   . ARG A 1 88  ? -3.727  -13.986 2.257   1.00 13.51 ? 87  ARG A N   1 
ATOM   661  C CA  . ARG A 1 88  ? -2.325  -13.493 2.286   1.00 13.61 ? 87  ARG A CA  1 
ATOM   662  C C   . ARG A 1 88  ? -2.033  -12.520 3.436   1.00 13.22 ? 87  ARG A C   1 
ATOM   663  O O   . ARG A 1 88  ? -0.870  -12.291 3.776   1.00 13.43 ? 87  ARG A O   1 
ATOM   664  C CB  . ARG A 1 88  ? -1.987  -12.797 0.977   1.00 11.87 ? 87  ARG A CB  1 
ATOM   665  C CG  . ARG A 1 88  ? -1.970  -13.713 -0.240  1.00 12.56 ? 87  ARG A CG  1 
ATOM   666  C CD  . ARG A 1 88  ? -1.455  -12.942 -1.459  1.00 15.34 ? 87  ARG A CD  1 
ATOM   667  N NE  . ARG A 1 88  ? -1.590  -13.642 -2.736  1.00 11.23 ? 87  ARG A NE  1 
ATOM   668  C CZ  . ARG A 1 88  ? -0.572  -14.240 -3.384  1.00 14.33 ? 87  ARG A CZ  1 
ATOM   669  N NH1 . ARG A 1 88  ? 0.672   -14.266 -2.864  1.00 12.43 ? 87  ARG A NH1 1 
ATOM   670  N NH2 . ARG A 1 88  ? -0.798  -14.804 -4.555  1.00 8.30  ? 87  ARG A NH2 1 
ATOM   671  N N   . LEU A 1 89  ? -3.080  -11.956 4.024   1.00 12.59 ? 88  LEU A N   1 
ATOM   672  C CA  . LEU A 1 89  ? -2.928  -10.931 5.066   1.00 13.59 ? 88  LEU A CA  1 
ATOM   673  C C   . LEU A 1 89  ? -2.601  -11.544 6.425   1.00 14.28 ? 88  LEU A C   1 
ATOM   674  O O   . LEU A 1 89  ? -3.142  -12.568 6.774   1.00 14.24 ? 88  LEU A O   1 
ATOM   675  C CB  . LEU A 1 89  ? -4.215  -10.109 5.192   1.00 13.73 ? 88  LEU A CB  1 
ATOM   676  C CG  . LEU A 1 89  ? -4.615  -9.292  3.945   1.00 16.28 ? 88  LEU A CG  1 
ATOM   677  C CD1 . LEU A 1 89  ? -5.930  -8.601  4.137   1.00 14.28 ? 88  LEU A CD1 1 
ATOM   678  C CD2 . LEU A 1 89  ? -3.481  -8.220  3.618   1.00 16.98 ? 88  LEU A CD2 1 
ATOM   679  N N   . THR A 1 90  ? -1.714  -10.900 7.199   1.00 14.11 ? 89  THR A N   1 
ATOM   680  C CA  . THR A 1 90  ? -1.644  -11.284 8.606   1.00 15.26 ? 89  THR A CA  1 
ATOM   681  C C   . THR A 1 90  ? -1.914  -10.115 9.553   1.00 15.79 ? 89  THR A C   1 
ATOM   682  O O   . THR A 1 90  ? -3.053  -9.759  9.804   1.00 16.84 ? 89  THR A O   1 
ATOM   683  C CB  . THR A 1 90  ? -0.298  -11.947 8.967   1.00 15.14 ? 89  THR A CB  1 
ATOM   684  O OG1 . THR A 1 90  ? 0.789   -11.185 8.402   1.00 17.22 ? 89  THR A OG1 1 
ATOM   685  C CG2 . THR A 1 90  ? -0.186  -13.365 8.280   1.00 14.86 ? 89  THR A CG2 1 
ATOM   686  N N   . ASP A 1 91  ? -0.848  -9.515  10.052  1.00 16.78 ? 90  ASP A N   1 
ATOM   687  C CA  . ASP A 1 91  ? -0.929  -8.468  11.106  1.00 17.10 ? 90  ASP A CA  1 
ATOM   688  C C   . ASP A 1 91  ? -1.303  -7.117  10.523  1.00 15.16 ? 90  ASP A C   1 
ATOM   689  O O   . ASP A 1 91  ? -0.756  -6.704  9.500   1.00 16.74 ? 90  ASP A O   1 
ATOM   690  C CB  . ASP A 1 91  ? 0.451   -8.231  11.725  1.00 16.80 ? 90  ASP A CB  1 
ATOM   691  C CG  . ASP A 1 91  ? 0.839   -9.245  12.800  1.00 23.38 ? 90  ASP A CG  1 
ATOM   692  O OD1 . ASP A 1 91  ? 0.033   -10.133 13.169  1.00 24.24 ? 90  ASP A OD1 1 
ATOM   693  O OD2 . ASP A 1 91  ? 1.991   -9.163  13.324  1.00 28.81 ? 90  ASP A OD2 1 
ATOM   694  N N   . LYS A 1 92  ? -2.167  -6.408  11.221  1.00 14.01 ? 91  LYS A N   1 
ATOM   695  C CA  . LYS A 1 92  ? -2.386  -4.988  10.939  1.00 14.79 ? 91  LYS A CA  1 
ATOM   696  C C   . LYS A 1 92  ? -1.322  -4.198  11.657  1.00 14.53 ? 91  LYS A C   1 
ATOM   697  O O   . LYS A 1 92  ? -1.023  -4.481  12.812  1.00 15.27 ? 91  LYS A O   1 
ATOM   698  C CB  . LYS A 1 92  ? -3.785  -4.553  11.386  1.00 15.84 ? 91  LYS A CB  1 
ATOM   699  C CG  . LYS A 1 92  ? -4.073  -3.023  11.147  1.00 16.36 ? 91  LYS A CG  1 
ATOM   700  C CD  . LYS A 1 92  ? -5.589  -2.794  11.257  1.00 21.31 ? 91  LYS A CD  1 
ATOM   701  C CE  . LYS A 1 92  ? -5.933  -1.341  11.452  1.00 20.99 ? 91  LYS A CE  1 
ATOM   702  N NZ  . LYS A 1 92  ? -7.257  -1.188  12.108  1.00 22.16 ? 91  LYS A NZ  1 
ATOM   703  N N   . ILE A 1 93  ? -0.723  -3.248  10.948  1.00 14.66 ? 92  ILE A N   1 
ATOM   704  C CA  . ILE A 1 93  ? 0.450   -2.526  11.397  1.00 14.95 ? 92  ILE A CA  1 
ATOM   705  C C   . ILE A 1 93  ? -0.040  -1.177  11.869  1.00 15.72 ? 92  ILE A C   1 
ATOM   706  O O   . ILE A 1 93  ? 0.346   -0.688  12.930  1.00 15.65 ? 92  ILE A O   1 
ATOM   707  C CB  . ILE A 1 93  ? 1.451   -2.340  10.236  1.00 13.63 ? 92  ILE A CB  1 
ATOM   708  C CG1 . ILE A 1 93  ? 2.123   -3.667  9.891   1.00 16.95 ? 92  ILE A CG1 1 
ATOM   709  C CG2 . ILE A 1 93  ? 2.510   -1.280  10.582  1.00 17.14 ? 92  ILE A CG2 1 
ATOM   710  C CD1 . ILE A 1 93  ? 3.002   -3.609  8.654   1.00 13.08 ? 92  ILE A CD1 1 
ATOM   711  N N   . THR A 1 94  ? -0.889  -0.558  11.044  1.00 16.06 ? 93  THR A N   1 
ATOM   712  C CA  . THR A 1 94  ? -1.414  0.752   11.353  1.00 15.30 ? 93  THR A CA  1 
ATOM   713  C C   . THR A 1 94  ? -2.539  1.131   10.392  1.00 16.08 ? 93  THR A C   1 
ATOM   714  O O   . THR A 1 94  ? -2.947  0.336   9.512   1.00 13.94 ? 93  THR A O   1 
ATOM   715  C CB  . THR A 1 94  ? -0.263  1.827   11.317  1.00 15.64 ? 93  THR A CB  1 
ATOM   716  O OG1 . THR A 1 94  ? -0.772  3.081   11.842  1.00 17.42 ? 93  THR A OG1 1 
ATOM   717  C CG2 . THR A 1 94  ? 0.148   2.153   9.892   1.00 13.18 ? 93  THR A CG2 1 
ATOM   718  N N   . HIS A 1 95  ? -2.983  2.374   10.542  1.00 15.84 ? 94  HIS A N   1 
ATOM   719  C CA  . HIS A 1 95  ? -3.969  2.999   9.640   1.00 16.38 ? 94  HIS A CA  1 
ATOM   720  C C   . HIS A 1 95  ? -3.510  4.411   9.321   1.00 15.30 ? 94  HIS A C   1 
ATOM   721  O O   . HIS A 1 95  ? -3.305  5.183   10.233  1.00 14.65 ? 94  HIS A O   1 
ATOM   722  C CB  . HIS A 1 95  ? -5.338  3.057   10.321  1.00 15.52 ? 94  HIS A CB  1 
ATOM   723  C CG  . HIS A 1 95  ? -6.418  3.535   9.403   1.00 17.45 ? 94  HIS A CG  1 
ATOM   724  N ND1 . HIS A 1 95  ? -7.053  2.699   8.504   1.00 14.60 ? 94  HIS A ND1 1 
ATOM   725  C CD2 . HIS A 1 95  ? -6.940  4.774   9.212   1.00 17.39 ? 94  HIS A CD2 1 
ATOM   726  C CE1 . HIS A 1 95  ? -7.909  3.410   7.788   1.00 20.70 ? 94  HIS A CE1 1 
ATOM   727  N NE2 . HIS A 1 95  ? -7.864  4.668   8.203   1.00 18.36 ? 94  HIS A NE2 1 
ATOM   728  N N   . LEU A 1 96  ? -3.325  4.753   8.052   1.00 14.84 ? 95  LEU A N   1 
ATOM   729  C CA  . LEU A 1 96  ? -2.766  6.074   7.709   1.00 15.71 ? 95  LEU A CA  1 
ATOM   730  C C   . LEU A 1 96  ? -3.896  7.092   7.736   1.00 16.26 ? 95  LEU A C   1 
ATOM   731  O O   . LEU A 1 96  ? -5.019  6.801   7.290   1.00 14.63 ? 95  LEU A O   1 
ATOM   732  C CB  . LEU A 1 96  ? -2.119  6.055   6.314   1.00 14.34 ? 95  LEU A CB  1 
ATOM   733  C CG  . LEU A 1 96  ? -1.013  5.006   6.101   1.00 15.64 ? 95  LEU A CG  1 
ATOM   734  C CD1 . LEU A 1 96  ? -0.413  5.061   4.697   1.00 14.23 ? 95  LEU A CD1 1 
ATOM   735  C CD2 . LEU A 1 96  ? 0.111   5.138   7.183   1.00 12.05 ? 95  LEU A CD2 1 
ATOM   736  N N   . ASP A 1 97  ? -3.588  8.289   8.216   1.00 17.12 ? 96  ASP A N   1 
ATOM   737  C CA  . ASP A 1 97  ? -4.608  9.340   8.292   1.00 18.83 ? 96  ASP A CA  1 
ATOM   738  C C   . ASP A 1 97  ? -4.972  9.932   6.931   1.00 18.70 ? 96  ASP A C   1 
ATOM   739  O O   . ASP A 1 97  ? -4.334  9.617   5.916   1.00 17.78 ? 96  ASP A O   1 
ATOM   740  C CB  . ASP A 1 97  ? -4.275  10.404  9.336   1.00 19.22 ? 96  ASP A CB  1 
ATOM   741  C CG  . ASP A 1 97  ? -3.057  11.224  9.010   1.00 21.64 ? 96  ASP A CG  1 
ATOM   742  O OD1 . ASP A 1 97  ? -2.622  11.338  7.852   1.00 22.29 ? 96  ASP A OD1 1 
ATOM   743  O OD2 . ASP A 1 97  ? -2.480  11.871  9.906   1.00 28.86 ? 96  ASP A OD2 1 
ATOM   744  N N   . ASP A 1 98  ? -5.994  10.778  6.911   1.00 19.24 ? 97  ASP A N   1 
ATOM   745  C CA  . ASP A 1 98  ? -6.533  11.304  5.653   1.00 20.20 ? 97  ASP A CA  1 
ATOM   746  C C   . ASP A 1 98  ? -5.597  12.213  4.900   1.00 19.84 ? 97  ASP A C   1 
ATOM   747  O O   . ASP A 1 98  ? -5.642  12.270  3.655   1.00 17.82 ? 97  ASP A O   1 
ATOM   748  C CB  . ASP A 1 98  ? -7.850  12.024  5.879   1.00 21.57 ? 97  ASP A CB  1 
ATOM   749  C CG  . ASP A 1 98  ? -8.944  11.118  6.387   1.00 25.82 ? 97  ASP A CG  1 
ATOM   750  O OD1 . ASP A 1 98  ? -8.857  9.853   6.256   1.00 27.82 ? 97  ASP A OD1 1 
ATOM   751  O OD2 . ASP A 1 98  ? -9.964  11.602  6.923   1.00 28.39 ? 97  ASP A OD2 1 
ATOM   752  N N   . GLU A 1 99  ? -4.737  12.921  5.632   1.00 19.60 ? 98  GLU A N   1 
ATOM   753  C CA  . GLU A 1 99  ? -3.764  13.791  4.994   1.00 20.18 ? 98  GLU A CA  1 
ATOM   754  C C   . GLU A 1 99  ? -2.778  12.970  4.217   1.00 18.28 ? 98  GLU A C   1 
ATOM   755  O O   . GLU A 1 99  ? -2.455  13.319  3.087   1.00 18.61 ? 98  GLU A O   1 
ATOM   756  C CB  . GLU A 1 99  ? -2.992  14.640  6.022   1.00 21.84 ? 98  GLU A CB  1 
ATOM   757  C CG  . GLU A 1 99  ? -3.231  16.137  5.877   1.00 29.81 ? 98  GLU A CG  1 
ATOM   758  C CD  . GLU A 1 99  ? -2.747  16.924  7.088   1.00 39.11 ? 98  GLU A CD  1 
ATOM   759  O OE1 . GLU A 1 99  ? -1.622  16.611  7.612   1.00 40.45 ? 98  GLU A OE1 1 
ATOM   760  O OE2 . GLU A 1 99  ? -3.508  17.822  7.530   1.00 41.77 ? 98  GLU A OE2 1 
ATOM   761  N N   . MET A 1 100 ? -2.271  11.896  4.824   1.00 16.63 ? 99  MET A N   1 
ATOM   762  C CA  . MET A 1 100 ? -1.388  10.951  4.118   1.00 15.29 ? 99  MET A CA  1 
ATOM   763  C C   . MET A 1 100 ? -2.105  10.258  2.940   1.00 14.07 ? 99  MET A C   1 
ATOM   764  O O   . MET A 1 100 ? -1.542  10.102  1.867   1.00 13.34 ? 99  MET A O   1 
ATOM   765  C CB  . MET A 1 100 ? -0.916  9.867   5.103   1.00 16.90 ? 99  MET A CB  1 
ATOM   766  C CG  . MET A 1 100 ? -0.190  8.701   4.407   1.00 17.30 ? 99  MET A CG  1 
ATOM   767  S SD  . MET A 1 100 ? 1.317   9.288   3.462   1.00 15.99 ? 99  MET A SD  1 
ATOM   768  C CE  . MET A 1 100 ? 2.176   10.176  4.618   1.00 10.31 ? 99  MET A CE  1 
ATOM   769  N N   . MET A 1 101 ? -3.352  9.836   3.141   1.00 12.33 ? 100 MET A N   1 
ATOM   770  C CA  . MET A 1 101 ? -4.105  9.166   2.059   1.00 11.76 ? 100 MET A CA  1 
ATOM   771  C C   . MET A 1 101 ? -4.394  10.073  0.872   1.00 12.44 ? 100 MET A C   1 
ATOM   772  O O   . MET A 1 101 ? -4.465  9.621   -0.293  1.00 12.05 ? 100 MET A O   1 
ATOM   773  C CB  . MET A 1 101 ? -5.381  8.476   2.593   1.00 11.37 ? 100 MET A CB  1 
ATOM   774  C CG  . MET A 1 101 ? -5.053  7.212   3.482   1.00 10.30 ? 100 MET A CG  1 
ATOM   775  S SD  . MET A 1 101 ? -3.975  5.965   2.727   1.00 4.38  ? 100 MET A SD  1 
ATOM   776  C CE  . MET A 1 101 ? -5.158  5.343   1.432   1.00 6.99  ? 100 MET A CE  1 
ATOM   777  N N   . ASP A 1 102 ? -4.540  11.375  1.127   1.00 12.41 ? 101 ASP A N   1 
ATOM   778  C CA  . ASP A 1 102 ? -4.661  12.310  0.011   1.00 12.97 ? 101 ASP A CA  1 
ATOM   779  C C   . ASP A 1 102 ? -3.415  12.244  -0.891  1.00 12.28 ? 101 ASP A C   1 
ATOM   780  O O   . ASP A 1 102 ? -3.510  12.377  -2.110  1.00 11.55 ? 101 ASP A O   1 
ATOM   781  C CB  . ASP A 1 102 ? -4.766  13.773  0.520   1.00 14.27 ? 101 ASP A CB  1 
ATOM   782  C CG  . ASP A 1 102 ? -6.142  14.131  1.006   1.00 15.82 ? 101 ASP A CG  1 
ATOM   783  O OD1 . ASP A 1 102 ? -7.129  13.419  0.720   1.00 18.76 ? 101 ASP A OD1 1 
ATOM   784  O OD2 . ASP A 1 102 ? -6.303  15.131  1.717   1.00 20.97 ? 101 ASP A OD2 1 
ATOM   785  N N   . LYS A 1 103 ? -2.236  12.104  -0.292  1.00 12.14 ? 102 LYS A N   1 
ATOM   786  C CA  . LYS A 1 103 ? -1.015  11.950  -1.087  1.00 12.26 ? 102 LYS A CA  1 
ATOM   787  C C   . LYS A 1 103 ? -0.946  10.623  -1.858  1.00 12.17 ? 102 LYS A C   1 
ATOM   788  O O   . LYS A 1 103 ? -0.462  10.555  -3.001  1.00 11.33 ? 102 LYS A O   1 
ATOM   789  C CB  . LYS A 1 103 ? 0.223   12.113  -0.181  1.00 14.15 ? 102 LYS A CB  1 
ATOM   790  C CG  . LYS A 1 103 ? 0.458   13.594  0.244   1.00 17.00 ? 102 LYS A CG  1 
ATOM   791  C CD  . LYS A 1 103 ? 1.747   13.686  1.084   1.00 26.68 ? 102 LYS A CD  1 
ATOM   792  C CE  . LYS A 1 103 ? 2.171   15.153  1.364   1.00 29.61 ? 102 LYS A CE  1 
ATOM   793  N NZ  . LYS A 1 103 ? 1.442   16.112  0.508   1.00 36.18 ? 102 LYS A NZ  1 
ATOM   794  N N   . VAL A 1 104 ? -1.395  9.567   -1.201  1.00 10.98 ? 103 VAL A N   1 
ATOM   795  C CA  . VAL A 1 104 ? -1.466  8.263   -1.822  1.00 11.41 ? 103 VAL A CA  1 
ATOM   796  C C   . VAL A 1 104 ? -2.461  8.371   -2.982  1.00 10.58 ? 103 VAL A C   1 
ATOM   797  O O   . VAL A 1 104 ? -2.171  7.904   -4.067  1.00 10.64 ? 103 VAL A O   1 
ATOM   798  C CB  . VAL A 1 104 ? -1.891  7.172   -0.784  1.00 10.86 ? 103 VAL A CB  1 
ATOM   799  C CG1 . VAL A 1 104 ? -2.349  5.896   -1.493  1.00 12.96 ? 103 VAL A CG1 1 
ATOM   800  C CG2 . VAL A 1 104 ? -0.734  6.881   0.242   1.00 11.33 ? 103 VAL A CG2 1 
ATOM   801  N N   . ASP A 1 105 ? -3.605  9.038   -2.776  1.00 10.95 ? 104 ASP A N   1 
ATOM   802  C CA  . ASP A 1 105 ? -4.573  9.138   -3.879  1.00 12.10 ? 104 ASP A CA  1 
ATOM   803  C C   . ASP A 1 105 ? -3.945  9.805   -5.094  1.00 12.07 ? 104 ASP A C   1 
ATOM   804  O O   . ASP A 1 105 ? -4.099  9.342   -6.213  1.00 12.66 ? 104 ASP A O   1 
ATOM   805  C CB  . ASP A 1 105 ? -5.886  9.835   -3.483  1.00 12.63 ? 104 ASP A CB  1 
ATOM   806  C CG  . ASP A 1 105 ? -6.655  9.100   -2.412  1.00 13.16 ? 104 ASP A CG  1 
ATOM   807  O OD1 . ASP A 1 105 ? -6.501  7.867   -2.223  1.00 15.30 ? 104 ASP A OD1 1 
ATOM   808  O OD2 . ASP A 1 105 ? -7.444  9.724   -1.666  1.00 20.49 ? 104 ASP A OD2 1 
ATOM   809  N N   . GLU A 1 106 ? -3.212  10.891  -4.872  1.00 12.69 ? 105 GLU A N   1 
ATOM   810  C CA  . GLU A 1 106 ? -2.530  11.581  -5.963  1.00 13.81 ? 105 GLU A CA  1 
ATOM   811  C C   . GLU A 1 106 ? -1.546  10.701  -6.695  1.00 11.89 ? 105 GLU A C   1 
ATOM   812  O O   . GLU A 1 106 ? -1.484  10.738  -7.915  1.00 10.26 ? 105 GLU A O   1 
ATOM   813  C CB  . GLU A 1 106 ? -1.825  12.862  -5.442  1.00 13.73 ? 105 GLU A CB  1 
ATOM   814  C CG  . GLU A 1 106 ? -2.898  13.794  -4.928  1.00 21.83 ? 105 GLU A CG  1 
ATOM   815  C CD  . GLU A 1 106 ? -2.446  15.249  -4.821  1.00 32.10 ? 105 GLU A CD  1 
ATOM   816  O OE1 . GLU A 1 106 ? -1.392  15.484  -4.188  1.00 36.28 ? 105 GLU A OE1 1 
ATOM   817  O OE2 . GLU A 1 106 ? -3.168  16.143  -5.331  1.00 35.81 ? 105 GLU A OE2 1 
ATOM   818  N N   . ALA A 1 107 ? -0.747  9.954   -5.940  1.00 11.22 ? 106 ALA A N   1 
ATOM   819  C CA  . ALA A 1 107 ? 0.251   9.079   -6.526  1.00 11.65 ? 106 ALA A CA  1 
ATOM   820  C C   . ALA A 1 107 ? -0.421  7.949   -7.334  1.00 12.37 ? 106 ALA A C   1 
ATOM   821  O O   . ALA A 1 107 ? 0.063   7.543   -8.391  1.00 12.30 ? 106 ALA A O   1 
ATOM   822  C CB  . ALA A 1 107 ? 1.146   8.523   -5.451  1.00 10.99 ? 106 ALA A CB  1 
ATOM   823  N N   . LEU A 1 108 ? -1.524  7.432   -6.804  1.00 12.79 ? 107 LEU A N   1 
ATOM   824  C CA  . LEU A 1 108 ? -2.306  6.388   -7.489  1.00 12.99 ? 107 LEU A CA  1 
ATOM   825  C C   . LEU A 1 108 ? -2.884  6.929   -8.795  1.00 11.86 ? 107 LEU A C   1 
ATOM   826  O O   . LEU A 1 108 ? -2.891  6.240   -9.819  1.00 8.95  ? 107 LEU A O   1 
ATOM   827  C CB  . LEU A 1 108 ? -3.459  5.951   -6.595  1.00 12.80 ? 107 LEU A CB  1 
ATOM   828  C CG  . LEU A 1 108 ? -4.120  4.572   -6.612  1.00 15.18 ? 107 LEU A CG  1 
ATOM   829  C CD1 . LEU A 1 108 ? -3.209  3.346   -6.969  1.00 12.27 ? 107 LEU A CD1 1 
ATOM   830  C CD2 . LEU A 1 108 ? -4.884  4.399   -5.254  1.00 10.73 ? 107 LEU A CD2 1 
ATOM   831  N N   . GLN A 1 109 ? -3.369  8.172   -8.764  1.00 11.51 ? 108 GLN A N   1 
ATOM   832  C CA  . GLN A 1 109 ? -3.831  8.798   -10.011 1.00 11.57 ? 108 GLN A CA  1 
ATOM   833  C C   . GLN A 1 109 ? -2.714  8.951   -11.045 1.00 10.76 ? 108 GLN A C   1 
ATOM   834  O O   . GLN A 1 109 ? -2.920  8.764   -12.249 1.00 10.84 ? 108 GLN A O   1 
ATOM   835  C CB  . GLN A 1 109 ? -4.493  10.144  -9.733  1.00 11.91 ? 108 GLN A CB  1 
ATOM   836  C CG  . GLN A 1 109 ? -5.879  10.038  -9.055  1.00 15.65 ? 108 GLN A CG  1 
ATOM   837  C CD  . GLN A 1 109 ? -6.363  11.422  -8.538  1.00 23.44 ? 108 GLN A CD  1 
ATOM   838  O OE1 . GLN A 1 109 ? -5.601  12.161  -7.934  1.00 26.01 ? 108 GLN A OE1 1 
ATOM   839  N NE2 . GLN A 1 109 ? -7.600  11.752  -8.795  1.00 24.00 ? 108 GLN A NE2 1 
ATOM   840  N N   . ILE A 1 110 ? -1.542  9.347   -10.584 1.00 9.51  ? 109 ILE A N   1 
ATOM   841  C CA  . ILE A 1 110 ? -0.407  9.462   -11.471 1.00 9.79  ? 109 ILE A CA  1 
ATOM   842  C C   . ILE A 1 110 ? -0.104  8.046   -12.043 1.00 10.04 ? 109 ILE A C   1 
ATOM   843  O O   . ILE A 1 110 ? 0.036   7.868   -13.266 1.00 8.97  ? 109 ILE A O   1 
ATOM   844  C CB  . ILE A 1 110 ? 0.788   10.041  -10.722 1.00 9.27  ? 109 ILE A CB  1 
ATOM   845  C CG1 . ILE A 1 110 ? 0.479   11.494  -10.360 1.00 8.51  ? 109 ILE A CG1 1 
ATOM   846  C CG2 . ILE A 1 110 ? 2.133   9.824   -11.559 1.00 10.57 ? 109 ILE A CG2 1 
ATOM   847  C CD1 . ILE A 1 110 ? 1.581   12.175  -9.412  1.00 6.48  ? 109 ILE A CD1 1 
ATOM   848  N N   . SER A 1 111 ? -0.058  7.044   -11.162 1.00 8.82  ? 110 SER A N   1 
ATOM   849  C CA  . SER A 1 111 ? 0.351   5.700   -11.582 1.00 10.22 ? 110 SER A CA  1 
ATOM   850  C C   . SER A 1 111 ? -0.624  5.161   -12.645 1.00 10.78 ? 110 SER A C   1 
ATOM   851  O O   . SER A 1 111 ? -0.211  4.580   -13.602 1.00 11.46 ? 110 SER A O   1 
ATOM   852  C CB  . SER A 1 111 ? 0.420   4.760   -10.348 1.00 10.82 ? 110 SER A CB  1 
ATOM   853  O OG  . SER A 1 111 ? 0.477   3.406   -10.733 1.00 10.72 ? 110 SER A OG  1 
ATOM   854  N N   . LEU A 1 112 ? -1.912  5.447   -12.506 1.00 11.29 ? 111 LEU A N   1 
ATOM   855  C CA  . LEU A 1 112 ? -2.908  4.869   -13.414 1.00 12.08 ? 111 LEU A CA  1 
ATOM   856  C C   . LEU A 1 112 ? -3.481  5.846   -14.444 1.00 11.86 ? 111 LEU A C   1 
ATOM   857  O O   . LEU A 1 112 ? -4.544  5.564   -15.031 1.00 11.75 ? 111 LEU A O   1 
ATOM   858  C CB  . LEU A 1 112 ? -4.051  4.236   -12.607 1.00 11.86 ? 111 LEU A CB  1 
ATOM   859  C CG  . LEU A 1 112 ? -3.632  3.180   -11.575 1.00 12.34 ? 111 LEU A CG  1 
ATOM   860  C CD1 . LEU A 1 112 ? -4.756  2.843   -10.636 1.00 11.08 ? 111 LEU A CD1 1 
ATOM   861  C CD2 . LEU A 1 112 ? -3.245  1.949   -12.359 1.00 10.54 ? 111 LEU A CD2 1 
ATOM   862  N N   . ALA A 1 113 ? -2.790  6.973   -14.625 1.00 10.52 ? 112 ALA A N   1 
ATOM   863  C CA  . ALA A 1 113 ? -3.218  8.031   -15.554 1.00 9.87  ? 112 ALA A CA  1 
ATOM   864  C C   . ALA A 1 113 ? -4.653  8.482   -15.296 1.00 10.17 ? 112 ALA A C   1 
ATOM   865  O O   . ALA A 1 113 ? -5.464  8.547   -16.220 1.00 10.43 ? 112 ALA A O   1 
ATOM   866  C CB  . ALA A 1 113 ? -3.045  7.562   -16.988 1.00 9.69  ? 112 ALA A CB  1 
ATOM   867  N N   . LEU A 1 114 ? -4.983  8.805   -14.046 1.00 8.78  ? 113 LEU A N   1 
ATOM   868  C CA  . LEU A 1 114 ? -6.322  9.305   -13.729 1.00 9.52  ? 113 LEU A CA  1 
ATOM   869  C C   . LEU A 1 114 ? -6.180  10.690  -13.087 1.00 10.72 ? 113 LEU A C   1 
ATOM   870  O O   . LEU A 1 114 ? -6.958  11.023  -12.186 1.00 10.61 ? 113 LEU A O   1 
ATOM   871  C CB  . LEU A 1 114 ? -7.036  8.393   -12.697 1.00 8.51  ? 113 LEU A CB  1 
ATOM   872  C CG  . LEU A 1 114 ? -7.250  6.905   -13.121 1.00 11.21 ? 113 LEU A CG  1 
ATOM   873  C CD1 . LEU A 1 114 ? -7.623  6.029   -11.888 1.00 8.45  ? 113 LEU A CD1 1 
ATOM   874  C CD2 . LEU A 1 114 ? -8.372  6.883   -14.200 1.00 11.54 ? 113 LEU A CD2 1 
ATOM   875  N N   . ILE A 1 115 ? -5.158  11.453  -13.471 1.00 10.98 ? 114 ILE A N   1 
ATOM   876  C CA  . ILE A 1 115 ? -4.898  12.739  -12.804 1.00 12.03 ? 114 ILE A CA  1 
ATOM   877  C C   . ILE A 1 115 ? -6.082  13.625  -13.067 1.00 12.89 ? 114 ILE A C   1 
ATOM   878  O O   . ILE A 1 115 ? -6.466  13.860  -14.212 1.00 13.41 ? 114 ILE A O   1 
ATOM   879  C CB  . ILE A 1 115 ? -3.555  13.416  -13.314 1.00 11.40 ? 114 ILE A CB  1 
ATOM   880  C CG1 . ILE A 1 115 ? -2.315  12.516  -12.970 1.00 11.86 ? 114 ILE A CG1 1 
ATOM   881  C CG2 . ILE A 1 115 ? -3.476  14.944  -12.887 1.00 8.74  ? 114 ILE A CG2 1 
ATOM   882  C CD1 . ILE A 1 115 ? -0.973  12.985  -13.677 1.00 11.48 ? 114 ILE A CD1 1 
ATOM   883  N N   . ASP A 1 116 ? -6.661  14.172  -12.015 1.00 14.13 ? 115 ASP A N   1 
ATOM   884  C CA  . ASP A 1 116 ? -7.804  15.077  -12.228 1.00 15.98 ? 115 ASP A CA  1 
ATOM   885  C C   . ASP A 1 116 ? -7.561  16.438  -11.566 1.00 16.16 ? 115 ASP A C   1 
ATOM   886  O O   . ASP A 1 116 ? -8.486  17.226  -11.359 1.00 16.72 ? 115 ASP A O   1 
ATOM   887  C CB  . ASP A 1 116 ? -9.076  14.407  -11.718 1.00 15.06 ? 115 ASP A CB  1 
ATOM   888  C CG  . ASP A 1 116 ? -9.069  14.203  -10.227 1.00 18.30 ? 115 ASP A CG  1 
ATOM   889  O OD1 . ASP A 1 116 ? -8.148  14.657  -9.509  1.00 15.21 ? 115 ASP A OD1 1 
ATOM   890  O OD2 . ASP A 1 116 ? -9.993  13.616  -9.648  1.00 20.66 ? 115 ASP A OD2 1 
ATOM   891  N N   . PHE A 1 117 ? -6.308  16.672  -11.201 1.00 15.69 ? 116 PHE A N   1 
ATOM   892  C CA  . PHE A 1 117 ? -5.922  17.895  -10.493 1.00 15.77 ? 116 PHE A CA  1 
ATOM   893  C C   . PHE A 1 117 ? -4.891  18.714  -11.287 1.00 15.64 ? 116 PHE A C   1 
ATOM   894  O O   . PHE A 1 117 ? -4.654  19.884  -10.835 1.00 16.52 ? 116 PHE A O   1 
ATOM   895  C CB  . PHE A 1 117 ? -5.350  17.569  -9.095  1.00 15.72 ? 116 PHE A CB  1 
ATOM   896  C CG  . PHE A 1 117 ? -4.243  16.513  -9.112  1.00 17.03 ? 116 PHE A CG  1 
ATOM   897  C CD1 . PHE A 1 117 ? -2.929  16.876  -9.358  1.00 17.59 ? 116 PHE A CD1 1 
ATOM   898  C CD2 . PHE A 1 117 ? -4.540  15.138  -8.927  1.00 14.73 ? 116 PHE A CD2 1 
ATOM   899  C CE1 . PHE A 1 117 ? -1.918  15.897  -9.402  1.00 21.24 ? 116 PHE A CE1 1 
ATOM   900  C CE2 . PHE A 1 117 ? -3.526  14.177  -8.957  1.00 16.41 ? 116 PHE A CE2 1 
ATOM   901  C CZ  . PHE A 1 117 ? -2.221  14.550  -9.188  1.00 18.03 ? 116 PHE A CZ  1 
HETATM 902  C C2  . 1PG B 2 .   ? -9.442  18.515  -7.120  1.00 50.62 ? 501 1PG A C2  1 
HETATM 903  C C1  . 1PG B 2 .   ? -7.676  17.756  -5.704  1.00 51.63 ? 501 1PG A C1  1 
HETATM 904  O O1  . 1PG B 2 .   ? -8.198  17.809  -7.035  1.00 51.57 ? 501 1PG A O1  1 
HETATM 905  O O2  . 1PG B 2 .   ? -10.836 17.329  -8.795  1.00 47.64 ? 501 1PG A O2  1 
HETATM 906  C C3  . 1PG B 2 .   ? -10.005 18.475  -8.545  1.00 48.69 ? 501 1PG A C3  1 
HETATM 907  C C4  . 1PG B 2 .   ? -12.250 17.597  -8.847  1.00 47.53 ? 501 1PG A C4  1 
HETATM 908  C C5  . 1PG B 2 .   ? -12.952 17.300  -7.509  1.00 45.51 ? 501 1PG A C5  1 
HETATM 909  O O3  . 1PG B 2 .   ? -12.899 15.910  -7.175  1.00 43.03 ? 501 1PG A O3  1 
HETATM 910  C C6  . 1PG B 2 .   ? -12.902 15.674  -5.768  1.00 39.16 ? 501 1PG A C6  1 
HETATM 911  C C7  . 1PG B 2 .   ? -13.019 14.188  -5.447  1.00 36.62 ? 501 1PG A C7  1 
HETATM 912  O O4  . 1PG B 2 .   ? -12.042 13.389  -6.113  1.00 35.37 ? 501 1PG A O4  1 
HETATM 913  C C8  . 1PG B 2 .   ? -11.339 12.489  -5.234  1.00 32.64 ? 501 1PG A C8  1 
HETATM 914  C C9  . 1PG B 2 .   ? -10.072 11.990  -5.915  1.00 34.13 ? 501 1PG A C9  1 
HETATM 915  O O5  . 1PG B 2 .   ? -8.915  12.337  -5.145  1.00 38.99 ? 501 1PG A O5  1 
HETATM 916  C C10 . 1PG B 2 .   ? -7.912  13.043  -5.867  1.00 36.93 ? 501 1PG A C10 1 
HETATM 917  C C11 . 1PG B 2 .   ? -6.982  13.814  -4.947  1.00 40.86 ? 501 1PG A C11 1 
HETATM 918  O O6  . 1PG B 2 .   ? -6.433  14.898  -5.694  1.00 44.02 ? 501 1PG A O6  1 
HETATM 919  C C2  . 1PG C 2 .   ? 1.498   -17.414 -0.969  1.00 43.34 ? 503 1PG A C2  1 
HETATM 920  O O1  . 1PG C 2 .   ? 1.514   -18.273 -2.116  1.00 44.47 ? 503 1PG A O1  1 
HETATM 921  O O2  . 1PG C 2 .   ? -0.024  -17.170 0.971   1.00 45.87 ? 503 1PG A O2  1 
HETATM 922  C C3  . 1PG C 2 .   ? 0.688   -18.084 0.122   1.00 43.11 ? 503 1PG A C3  1 
HETATM 923  C C4  . 1PG C 2 .   ? -1.452  -17.323 1.123   1.00 44.70 ? 503 1PG A C4  1 
HETATM 924  C C5  . 1PG C 2 .   ? -1.957  -18.591 1.818   1.00 47.54 ? 503 1PG A C5  1 
HETATM 925  O O3  . 1PG C 2 .   ? -3.174  -19.020 1.160   1.00 49.38 ? 503 1PG A O3  1 
HETATM 926  C C6  . 1PG C 2 .   ? -3.590  -20.328 1.550   1.00 50.95 ? 503 1PG A C6  1 
HETATM 927  C C7  . 1PG C 2 .   ? -3.739  -21.219 0.324   1.00 53.53 ? 503 1PG A C7  1 
HETATM 928  O O4  . 1PG C 2 .   ? -2.767  -22.265 0.418   1.00 56.53 ? 503 1PG A O4  1 
HETATM 929  C C   . ACY D 3 .   ? 6.922   -1.834  9.872   1.00 35.84 ? 502 ACY A C   1 
HETATM 930  O O   . ACY D 3 .   ? 7.808   -0.948  9.922   1.00 35.53 ? 502 ACY A O   1 
HETATM 931  O OXT . ACY D 3 .   ? 6.172   -2.159  10.823  1.00 35.95 ? 502 ACY A OXT 1 
HETATM 932  C CH3 . ACY D 3 .   ? 6.770   -2.588  8.592   1.00 35.45 ? 502 ACY A CH3 1 
HETATM 933  C C   . ACY E 3 .   ? -3.193  -1.795  14.992  1.00 52.22 ? 504 ACY A C   1 
HETATM 934  O O   . ACY E 3 .   ? -3.745  -2.888  15.304  1.00 51.94 ? 504 ACY A O   1 
HETATM 935  O OXT . ACY E 3 .   ? -3.738  -0.893  14.300  1.00 52.68 ? 504 ACY A OXT 1 
HETATM 936  C CH3 . ACY E 3 .   ? -1.799  -1.525  15.484  1.00 51.74 ? 504 ACY A CH3 1 
HETATM 937  O O   . HOH F 4 .   ? -12.439 -3.071  -6.146  1.00 11.26 ? 505 HOH A O   1 
HETATM 938  O O   . HOH F 4 .   ? 1.583   12.178  -3.705  1.00 12.99 ? 506 HOH A O   1 
HETATM 939  O O   . HOH F 4 .   ? 8.608   -0.376  -8.730  1.00 20.07 ? 507 HOH A O   1 
HETATM 940  O O   . HOH F 4 .   ? 8.859   -1.106  5.776   1.00 18.73 ? 508 HOH A O   1 
HETATM 941  O O   . HOH F 4 .   ? 8.986   -3.030  3.547   1.00 11.99 ? 509 HOH A O   1 
HETATM 942  O O   . HOH F 4 .   ? 3.561   11.003  -5.159  1.00 18.65 ? 510 HOH A O   1 
HETATM 943  O O   . HOH F 4 .   ? -14.739 -2.313  4.860   1.00 18.63 ? 511 HOH A O   1 
HETATM 944  O O   . HOH F 4 .   ? 1.352   -11.810 5.892   1.00 13.05 ? 512 HOH A O   1 
HETATM 945  O O   . HOH F 4 .   ? -10.495 -6.976  -5.264  1.00 8.81  ? 513 HOH A O   1 
HETATM 946  O O   . HOH F 4 .   ? -10.167 -14.459 1.241   1.00 17.55 ? 514 HOH A O   1 
HETATM 947  O O   . HOH F 4 .   ? -11.393 3.531   5.198   1.00 14.44 ? 515 HOH A O   1 
HETATM 948  O O   . HOH F 4 .   ? 7.533   -14.988 0.829   1.00 25.86 ? 516 HOH A O   1 
HETATM 949  O O   . HOH F 4 .   ? -10.980 -16.920 -1.679  1.00 15.00 ? 517 HOH A O   1 
HETATM 950  O O   . HOH F 4 .   ? -1.795  -11.780 12.308  1.00 32.83 ? 518 HOH A O   1 
HETATM 951  O O   . HOH F 4 .   ? 6.440   -4.813  12.430  1.00 26.02 ? 519 HOH A O   1 
HETATM 952  O O   . HOH F 4 .   ? 10.371  8.004   3.962   1.00 22.17 ? 520 HOH A O   1 
HETATM 953  O O   . HOH F 4 .   ? -7.921  12.405  -1.610  1.00 32.21 ? 521 HOH A O   1 
HETATM 954  O O   . HOH F 4 .   ? 7.150   -16.747 4.090   1.00 16.75 ? 522 HOH A O   1 
HETATM 955  O O   . HOH F 4 .   ? 3.950   -8.086  -6.276  1.00 23.97 ? 523 HOH A O   1 
HETATM 956  O O   . HOH F 4 .   ? 5.631   10.864  5.975   1.00 32.45 ? 524 HOH A O   1 
HETATM 957  O O   . HOH F 4 .   ? 14.362  2.474   5.339   1.00 21.81 ? 525 HOH A O   1 
HETATM 958  O O   . HOH F 4 .   ? -4.808  7.725   11.620  1.00 36.97 ? 526 HOH A O   1 
HETATM 959  O O   . HOH F 4 .   ? 12.097  -13.697 -12.306 1.00 29.33 ? 527 HOH A O   1 
HETATM 960  O O   . HOH F 4 .   ? -7.520  7.722   6.372   1.00 30.97 ? 528 HOH A O   1 
HETATM 961  O O   . HOH F 4 .   ? -3.581  -7.726  13.387  1.00 22.24 ? 529 HOH A O   1 
HETATM 962  O O   . HOH F 4 .   ? 11.696  1.917   -7.791  1.00 36.05 ? 530 HOH A O   1 
HETATM 963  O O   . HOH F 4 .   ? 6.049   11.719  -0.485  1.00 26.35 ? 531 HOH A O   1 
HETATM 964  O O   . HOH F 4 .   ? 6.036   -17.537 1.117   1.00 29.35 ? 532 HOH A O   1 
HETATM 965  O O   . HOH F 4 .   ? 2.032   1.034   14.166  1.00 26.75 ? 533 HOH A O   1 
HETATM 966  O O   . HOH F 4 .   ? -1.869  -6.900  15.744  1.00 38.96 ? 534 HOH A O   1 
HETATM 967  O O   . HOH F 4 .   ? -0.319  -8.908  16.397  1.00 37.43 ? 535 HOH A O   1 
HETATM 968  O O   . HOH F 4 .   ? 1.669   -9.859  17.264  1.00 37.87 ? 536 HOH A O   1 
HETATM 969  O O   . HOH F 4 .   ? -18.294 -0.912  3.969   1.00 31.84 ? 537 HOH A O   1 
HETATM 970  O O   . HOH F 4 .   ? 1.891   -14.623 5.394   1.00 30.03 ? 538 HOH A O   1 
HETATM 971  O O   . HOH F 4 .   ? 16.239  6.585   -0.439  1.00 27.64 ? 539 HOH A O   1 
HETATM 972  O O   . HOH F 4 .   ? 4.180   -6.455  -8.471  1.00 28.35 ? 540 HOH A O   1 
HETATM 973  O O   . HOH F 4 .   ? -13.032 -10.991 -5.740  1.00 28.10 ? 541 HOH A O   1 
HETATM 974  O O   . HOH F 4 .   ? 9.382   -15.018 -5.674  1.00 22.11 ? 542 HOH A O   1 
HETATM 975  O O   . HOH F 4 .   ? -8.320  9.242   0.751   1.00 26.39 ? 543 HOH A O   1 
HETATM 976  O O   . HOH F 4 .   ? -7.341  11.411  9.543   1.00 34.71 ? 544 HOH A O   1 
HETATM 977  O O   . HOH F 4 .   ? 15.540  7.195   -2.940  1.00 28.36 ? 545 HOH A O   1 
HETATM 978  O O   . HOH F 4 .   ? -0.046  5.956   10.518  1.00 25.11 ? 546 HOH A O   1 
HETATM 979  O O   . HOH F 4 .   ? -5.470  13.815  8.416   1.00 34.85 ? 547 HOH A O   1 
HETATM 980  O O   . HOH F 4 .   ? -8.455  5.866   4.427   1.00 30.97 ? 548 HOH A O   1 
HETATM 981  O O   . HOH F 4 .   ? 4.915   12.323  2.493   1.00 37.12 ? 549 HOH A O   1 
HETATM 982  O O   . HOH F 4 .   ? -6.326  -13.282 6.629   1.00 34.26 ? 550 HOH A O   1 
HETATM 983  O O   . HOH F 4 .   ? -1.686  7.964   10.377  1.00 27.54 ? 551 HOH A O   1 
HETATM 984  O O   . HOH F 4 .   ? 2.185   -14.235 -5.877  1.00 29.69 ? 552 HOH A O   1 
HETATM 985  O O   . HOH F 4 .   ? -8.886  6.547   2.018   1.00 28.71 ? 553 HOH A O   1 
HETATM 986  O O   . HOH F 4 .   ? -15.195 -13.235 -5.697  1.00 40.77 ? 554 HOH A O   1 
HETATM 987  O O   . HOH F 4 .   ? 3.076   13.291  4.089   1.00 38.28 ? 555 HOH A O   1 
HETATM 988  O O   . HOH F 4 .   ? 6.282   14.128  1.191   1.00 53.16 ? 556 HOH A O   1 
HETATM 989  O O   . HOH F 4 .   ? 1.118   -19.247 -5.065  1.00 24.73 ? 557 HOH A O   1 
HETATM 990  O O   . HOH F 4 .   ? 10.670  -8.509  -3.587  1.00 28.87 ? 558 HOH A O   1 
HETATM 991  O O   . HOH F 4 .   ? -9.832  15.277  -6.921  1.00 29.50 ? 559 HOH A O   1 
HETATM 992  O O   . HOH F 4 .   ? 14.589  10.724  -9.441  1.00 40.52 ? 560 HOH A O   1 
HETATM 993  O O   . HOH F 4 .   ? -14.092 -6.739  -5.072  1.00 41.90 ? 561 HOH A O   1 
HETATM 994  O O   . HOH F 4 .   ? 4.883   -7.656  13.029  1.00 34.61 ? 562 HOH A O   1 
HETATM 995  O O   . HOH F 4 .   ? 10.215  -1.567  -7.184  1.00 28.65 ? 563 HOH A O   1 
HETATM 996  O O   . HOH F 4 .   ? 5.835   -0.931  13.091  1.00 40.74 ? 564 HOH A O   1 
HETATM 997  O O   . HOH F 4 .   ? 8.678   -16.976 -9.312  1.00 23.93 ? 565 HOH A O   1 
HETATM 998  O O   . HOH F 4 .   ? -16.120 -9.724  -5.159  1.00 41.44 ? 566 HOH A O   1 
HETATM 999  O O   . HOH F 4 .   ? 11.031  8.980   11.072  1.00 39.15 ? 567 HOH A O   1 
HETATM 1000 O O   . HOH F 4 .   ? 9.396   -18.679 -7.749  1.00 31.51 ? 568 HOH A O   1 
HETATM 1001 O O   . HOH F 4 .   ? -10.522 -19.795 -1.617  1.00 40.03 ? 569 HOH A O   1 
HETATM 1002 O O   . HOH F 4 .   ? -0.787  17.107  -0.287  1.00 39.36 ? 570 HOH A O   1 
HETATM 1003 O O   . HOH F 4 .   ? -0.996  -15.534 5.432   1.00 34.14 ? 571 HOH A O   1 
HETATM 1004 O O   . HOH F 4 .   ? 12.290  -5.446  -2.317  1.00 35.16 ? 572 HOH A O   1 
HETATM 1005 O O   . HOH F 4 .   ? -8.838  -3.222  9.958   1.00 35.17 ? 573 HOH A O   1 
HETATM 1006 O O   . HOH F 4 .   ? 4.117   -9.943  14.427  1.00 32.59 ? 574 HOH A O   1 
HETATM 1007 O O   . HOH F 4 .   ? 2.981   18.239  2.444   1.00 31.81 ? 575 HOH A O   1 
HETATM 1008 O O   . HOH F 4 .   ? 0.242   9.990   -14.987 1.00 28.34 ? 576 HOH A O   1 
HETATM 1009 O O   . HOH F 4 .   ? 4.275   -15.269 -9.453  1.00 27.72 ? 577 HOH A O   1 
HETATM 1010 O O   . HOH F 4 .   ? -6.932  -7.621  11.677  1.00 33.15 ? 578 HOH A O   1 
HETATM 1011 O O   . HOH F 4 .   ? -3.464  11.288  -15.942 1.00 19.84 ? 579 HOH A O   1 
HETATM 1012 O O   . HOH F 4 .   ? 9.686   -1.271  8.340   1.00 26.68 ? 580 HOH A O   1 
HETATM 1013 O O   . HOH F 4 .   ? 12.543  0.637   15.007  1.00 36.46 ? 581 HOH A O   1 
HETATM 1014 O O   . HOH F 4 .   ? -9.362  9.927   -10.130 0.50 25.92 ? 582 HOH A O   1 
HETATM 1015 O O   . HOH F 4 .   ? 3.328   -10.414 -8.769  1.00 23.48 ? 583 HOH A O   1 
HETATM 1016 O O   . HOH F 4 .   ? 10.329  10.352  5.381   1.00 31.41 ? 584 HOH A O   1 
HETATM 1017 O O   . HOH F 4 .   ? 11.527  13.890  -1.416  1.00 49.68 ? 585 HOH A O   1 
HETATM 1018 O O   . HOH F 4 .   ? -1.999  15.695  2.223   1.00 27.55 ? 586 HOH A O   1 
HETATM 1019 O O   . HOH F 4 .   ? -7.986  11.221  2.389   1.00 32.72 ? 587 HOH A O   1 
HETATM 1020 O O   . HOH F 4 .   ? -16.152 1.857   6.195   1.00 47.49 ? 588 HOH A O   1 
HETATM 1021 O O   . HOH F 4 .   ? -8.806  0.501   10.741  1.00 37.25 ? 589 HOH A O   1 
HETATM 1022 O O   . HOH F 4 .   ? 8.471   12.146  4.796   1.00 41.77 ? 590 HOH A O   1 
HETATM 1023 O O   . HOH F 4 .   ? 11.910  -14.189 -8.606  1.00 43.38 ? 591 HOH A O   1 
HETATM 1024 O O   . HOH F 4 .   ? 20.140  -1.118  -1.527  0.50 45.66 ? 592 HOH A O   1 
HETATM 1025 O O   . HOH F 4 .   ? 2.788   -16.786 3.900   1.00 38.58 ? 593 HOH A O   1 
HETATM 1026 O O   . HOH F 4 .   ? -6.502  -6.188  13.945  1.00 44.86 ? 594 HOH A O   1 
HETATM 1027 O O   . HOH F 4 .   ? 12.380  0.777   -5.520  1.00 33.63 ? 595 HOH A O   1 
HETATM 1028 O O   . HOH F 4 .   ? 12.503  3.256   -9.852  1.00 43.06 ? 596 HOH A O   1 
HETATM 1029 O O   . HOH F 4 .   ? -6.976  -1.515  14.771  1.00 48.10 ? 597 HOH A O   1 
HETATM 1030 O O   . HOH F 4 .   ? 1.237   14.992  5.187   1.00 47.74 ? 598 HOH A O   1 
HETATM 1031 O O   . HOH F 4 .   ? 5.171   15.696  4.795   1.00 40.45 ? 599 HOH A O   1 
HETATM 1032 O O   . HOH F 4 .   ? 16.764  1.444   -5.000  1.00 52.24 ? 600 HOH A O   1 
HETATM 1033 O O   . HOH F 4 .   ? -0.761  -20.562 -0.579  1.00 43.24 ? 601 HOH A O   1 
HETATM 1034 O O   . HOH F 4 .   ? -15.479 -3.390  -4.970  1.00 38.72 ? 602 HOH A O   1 
HETATM 1035 O O   . HOH F 4 .   ? -3.224  18.721  -5.150  1.00 47.70 ? 603 HOH A O   1 
HETATM 1036 O O   . HOH F 4 .   ? 0.751   14.646  -3.904  1.00 14.86 ? 604 HOH A O   1 
# 
